data_2SAS
# 
_entry.id   2SAS 
# 
_audit_conform.dict_name       mmcif_pdbx.dic 
_audit_conform.dict_version    5.397 
_audit_conform.dict_location   http://mmcif.pdb.org/dictionaries/ascii/mmcif_pdbx.dic 
# 
loop_
_database_2.database_id 
_database_2.database_code 
_database_2.pdbx_database_accession 
_database_2.pdbx_DOI 
PDB   2SAS         pdb_00002sas 10.2210/pdb2sas/pdb 
WWPDB D_1000178612 ?            ?                   
# 
loop_
_pdbx_audit_revision_history.ordinal 
_pdbx_audit_revision_history.data_content_type 
_pdbx_audit_revision_history.major_revision 
_pdbx_audit_revision_history.minor_revision 
_pdbx_audit_revision_history.revision_date 
1 'Structure model' 1 0 1993-10-31 
2 'Structure model' 1 1 2008-03-03 
3 'Structure model' 1 2 2011-07-13 
4 'Structure model' 1 3 2019-07-17 
5 'Structure model' 1 4 2019-08-14 
6 'Structure model' 1 5 2024-10-23 
# 
_pdbx_audit_revision_details.ordinal             1 
_pdbx_audit_revision_details.revision_ordinal    1 
_pdbx_audit_revision_details.data_content_type   'Structure model' 
_pdbx_audit_revision_details.provider            repository 
_pdbx_audit_revision_details.type                'Initial release' 
_pdbx_audit_revision_details.description         ? 
_pdbx_audit_revision_details.details             ? 
# 
loop_
_pdbx_audit_revision_group.ordinal 
_pdbx_audit_revision_group.revision_ordinal 
_pdbx_audit_revision_group.data_content_type 
_pdbx_audit_revision_group.group 
1  2 'Structure model' 'Version format compliance' 
2  3 'Structure model' 'Version format compliance' 
3  4 'Structure model' 'Data collection'           
4  4 'Structure model' Other                       
5  4 'Structure model' 'Refinement description'    
6  5 'Structure model' 'Data collection'           
7  5 'Structure model' 'Refinement description'    
8  6 'Structure model' 'Data collection'           
9  6 'Structure model' 'Database references'       
10 6 'Structure model' 'Derived calculations'      
11 6 'Structure model' 'Structure summary'         
# 
loop_
_pdbx_audit_revision_category.ordinal 
_pdbx_audit_revision_category.revision_ordinal 
_pdbx_audit_revision_category.data_content_type 
_pdbx_audit_revision_category.category 
1  4 'Structure model' pdbx_database_status      
2  4 'Structure model' software                  
3  5 'Structure model' software                  
4  6 'Structure model' chem_comp_atom            
5  6 'Structure model' chem_comp_bond            
6  6 'Structure model' database_2                
7  6 'Structure model' pdbx_entry_details        
8  6 'Structure model' pdbx_modification_feature 
9  6 'Structure model' pdbx_struct_conn_angle    
10 6 'Structure model' struct_conn               
11 6 'Structure model' struct_site               
# 
loop_
_pdbx_audit_revision_item.ordinal 
_pdbx_audit_revision_item.revision_ordinal 
_pdbx_audit_revision_item.data_content_type 
_pdbx_audit_revision_item.item 
1  4 'Structure model' '_pdbx_database_status.process_site'          
2  4 'Structure model' '_software.classification'                    
3  5 'Structure model' '_software.classification'                    
4  6 'Structure model' '_database_2.pdbx_DOI'                        
5  6 'Structure model' '_database_2.pdbx_database_accession'         
6  6 'Structure model' '_pdbx_struct_conn_angle.ptnr1_auth_comp_id'  
7  6 'Structure model' '_pdbx_struct_conn_angle.ptnr1_auth_seq_id'   
8  6 'Structure model' '_pdbx_struct_conn_angle.ptnr1_label_atom_id' 
9  6 'Structure model' '_pdbx_struct_conn_angle.ptnr1_label_comp_id' 
10 6 'Structure model' '_pdbx_struct_conn_angle.ptnr1_label_seq_id'  
11 6 'Structure model' '_pdbx_struct_conn_angle.ptnr3_auth_comp_id'  
12 6 'Structure model' '_pdbx_struct_conn_angle.ptnr3_auth_seq_id'   
13 6 'Structure model' '_pdbx_struct_conn_angle.ptnr3_label_atom_id' 
14 6 'Structure model' '_pdbx_struct_conn_angle.ptnr3_label_comp_id' 
15 6 'Structure model' '_pdbx_struct_conn_angle.ptnr3_label_seq_id'  
16 6 'Structure model' '_pdbx_struct_conn_angle.value'               
17 6 'Structure model' '_struct_conn.pdbx_dist_value'                
18 6 'Structure model' '_struct_conn.ptnr1_auth_comp_id'             
19 6 'Structure model' '_struct_conn.ptnr1_auth_seq_id'              
20 6 'Structure model' '_struct_conn.ptnr1_label_asym_id'            
21 6 'Structure model' '_struct_conn.ptnr1_label_atom_id'            
22 6 'Structure model' '_struct_conn.ptnr1_label_comp_id'            
23 6 'Structure model' '_struct_conn.ptnr1_label_seq_id'             
24 6 'Structure model' '_struct_conn.ptnr2_auth_comp_id'             
25 6 'Structure model' '_struct_conn.ptnr2_auth_seq_id'              
26 6 'Structure model' '_struct_conn.ptnr2_label_asym_id'            
27 6 'Structure model' '_struct_conn.ptnr2_label_atom_id'            
28 6 'Structure model' '_struct_conn.ptnr2_label_comp_id'            
29 6 'Structure model' '_struct_conn.ptnr2_label_seq_id'             
30 6 'Structure model' '_struct_site.pdbx_auth_asym_id'              
31 6 'Structure model' '_struct_site.pdbx_auth_comp_id'              
32 6 'Structure model' '_struct_site.pdbx_auth_seq_id'               
# 
_pdbx_database_status.status_code                     REL 
_pdbx_database_status.entry_id                        2SAS 
_pdbx_database_status.recvd_initial_deposition_date   1993-07-30 
_pdbx_database_status.deposit_site                    ? 
_pdbx_database_status.process_site                    BNL 
_pdbx_database_status.status_code_sf                  REL 
_pdbx_database_status.status_code_mr                  ? 
_pdbx_database_status.SG_entry                        ? 
_pdbx_database_status.pdb_format_compatible           Y 
_pdbx_database_status.status_code_cs                  ? 
_pdbx_database_status.methods_development_category    ? 
_pdbx_database_status.status_code_nmr_data            ? 
# 
loop_
_audit_author.name 
_audit_author.pdbx_ordinal 
'Cook, W.J.' 1 
'Babu, Y.S.' 2 
'Cox, J.A.'  3 
# 
loop_
_citation.id 
_citation.title 
_citation.journal_abbrev 
_citation.journal_volume 
_citation.page_first 
_citation.page_last 
_citation.year 
_citation.journal_id_ASTM 
_citation.country 
_citation.journal_id_ISSN 
_citation.journal_id_CSD 
_citation.book_publisher 
_citation.pdbx_database_id_PubMed 
_citation.pdbx_database_id_DOI 
primary 'Structure of a sarcoplasmic calcium-binding protein from amphioxus refined at 2.4 A resolution.'              J.Mol.Biol. 
229 461  471 1993 JMOBAK UK 0022-2836 0070 ? 8429557 10.1006/jmbi.1993.1046 
1       'Crystallization and Preliminary X-Ray Investigation of a Sarcoplasmic Calcium-Binding Protein from Amphioxus' J.Mol.Biol. 
221 1071 ?   1991 JMOBAK UK 0022-2836 0070 ? ?       ?                      
# 
loop_
_citation_author.citation_id 
_citation_author.name 
_citation_author.ordinal 
_citation_author.identifier_ORCID 
primary 'Cook, W.J.'      1 ? 
primary 'Jeffrey, L.C.'   2 ? 
primary 'Cox, J.A.'       3 ? 
primary 'Vijay-Kumar, S.' 4 ? 
1       'Cook, W.J.'      5 ? 
1       'Babu, Y.S.'      6 ? 
1       'Cox, J.A.'       7 ? 
# 
loop_
_entity.id 
_entity.type 
_entity.src_method 
_entity.pdbx_description 
_entity.formula_weight 
_entity.pdbx_number_of_molecules 
_entity.pdbx_ec 
_entity.pdbx_mutation 
_entity.pdbx_fragment 
_entity.details 
1 polymer     man 'SARCOPLASMIC CALCIUM-BINDING PROTEIN' 21307.867 1 ? ? ? ? 
2 non-polymer syn 'CALCIUM ION'                          40.078    3 ? ? ? ? 
3 water       nat water                                  18.015    1 ? ? ? ? 
# 
_entity_poly.entity_id                      1 
_entity_poly.type                           'polypeptide(L)' 
_entity_poly.nstd_linkage                   no 
_entity_poly.nstd_monomer                   no 
_entity_poly.pdbx_seq_one_letter_code       
;GLNDFQKQKIKFTFDFFLDMNHDGSIQDNDFEDMMTRYKEVNKGSLSDADYKSMQASLEDEWRDLKGRADINKDDVVSWE
EYLAMWEKTIATCKSVADLPAWCQNRIPFLFKGMDVSGDGIVDLEEFQNYCKNFQLQCADVPAVYNVITDGGKVTFDLNR
YKELYYRLLTSPAADAGNTLMGQKP
;
_entity_poly.pdbx_seq_one_letter_code_can   
;GLNDFQKQKIKFTFDFFLDMNHDGSIQDNDFEDMMTRYKEVNKGSLSDADYKSMQASLEDEWRDLKGRADINKDDVVSWE
EYLAMWEKTIATCKSVADLPAWCQNRIPFLFKGMDVSGDGIVDLEEFQNYCKNFQLQCADVPAVYNVITDGGKVTFDLNR
YKELYYRLLTSPAADAGNTLMGQKP
;
_entity_poly.pdbx_strand_id                 A 
_entity_poly.pdbx_target_identifier         ? 
# 
loop_
_pdbx_entity_nonpoly.entity_id 
_pdbx_entity_nonpoly.name 
_pdbx_entity_nonpoly.comp_id 
2 'CALCIUM ION' CA  
3 water         HOH 
# 
loop_
_entity_poly_seq.entity_id 
_entity_poly_seq.num 
_entity_poly_seq.mon_id 
_entity_poly_seq.hetero 
1 1   GLY n 
1 2   LEU n 
1 3   ASN n 
1 4   ASP n 
1 5   PHE n 
1 6   GLN n 
1 7   LYS n 
1 8   GLN n 
1 9   LYS n 
1 10  ILE n 
1 11  LYS n 
1 12  PHE n 
1 13  THR n 
1 14  PHE n 
1 15  ASP n 
1 16  PHE n 
1 17  PHE n 
1 18  LEU n 
1 19  ASP n 
1 20  MET n 
1 21  ASN n 
1 22  HIS n 
1 23  ASP n 
1 24  GLY n 
1 25  SER n 
1 26  ILE n 
1 27  GLN n 
1 28  ASP n 
1 29  ASN n 
1 30  ASP n 
1 31  PHE n 
1 32  GLU n 
1 33  ASP n 
1 34  MET n 
1 35  MET n 
1 36  THR n 
1 37  ARG n 
1 38  TYR n 
1 39  LYS n 
1 40  GLU n 
1 41  VAL n 
1 42  ASN n 
1 43  LYS n 
1 44  GLY n 
1 45  SER n 
1 46  LEU n 
1 47  SER n 
1 48  ASP n 
1 49  ALA n 
1 50  ASP n 
1 51  TYR n 
1 52  LYS n 
1 53  SER n 
1 54  MET n 
1 55  GLN n 
1 56  ALA n 
1 57  SER n 
1 58  LEU n 
1 59  GLU n 
1 60  ASP n 
1 61  GLU n 
1 62  TRP n 
1 63  ARG n 
1 64  ASP n 
1 65  LEU n 
1 66  LYS n 
1 67  GLY n 
1 68  ARG n 
1 69  ALA n 
1 70  ASP n 
1 71  ILE n 
1 72  ASN n 
1 73  LYS n 
1 74  ASP n 
1 75  ASP n 
1 76  VAL n 
1 77  VAL n 
1 78  SER n 
1 79  TRP n 
1 80  GLU n 
1 81  GLU n 
1 82  TYR n 
1 83  LEU n 
1 84  ALA n 
1 85  MET n 
1 86  TRP n 
1 87  GLU n 
1 88  LYS n 
1 89  THR n 
1 90  ILE n 
1 91  ALA n 
1 92  THR n 
1 93  CYS n 
1 94  LYS n 
1 95  SER n 
1 96  VAL n 
1 97  ALA n 
1 98  ASP n 
1 99  LEU n 
1 100 PRO n 
1 101 ALA n 
1 102 TRP n 
1 103 CYS n 
1 104 GLN n 
1 105 ASN n 
1 106 ARG n 
1 107 ILE n 
1 108 PRO n 
1 109 PHE n 
1 110 LEU n 
1 111 PHE n 
1 112 LYS n 
1 113 GLY n 
1 114 MET n 
1 115 ASP n 
1 116 VAL n 
1 117 SER n 
1 118 GLY n 
1 119 ASP n 
1 120 GLY n 
1 121 ILE n 
1 122 VAL n 
1 123 ASP n 
1 124 LEU n 
1 125 GLU n 
1 126 GLU n 
1 127 PHE n 
1 128 GLN n 
1 129 ASN n 
1 130 TYR n 
1 131 CYS n 
1 132 LYS n 
1 133 ASN n 
1 134 PHE n 
1 135 GLN n 
1 136 LEU n 
1 137 GLN n 
1 138 CYS n 
1 139 ALA n 
1 140 ASP n 
1 141 VAL n 
1 142 PRO n 
1 143 ALA n 
1 144 VAL n 
1 145 TYR n 
1 146 ASN n 
1 147 VAL n 
1 148 ILE n 
1 149 THR n 
1 150 ASP n 
1 151 GLY n 
1 152 GLY n 
1 153 LYS n 
1 154 VAL n 
1 155 THR n 
1 156 PHE n 
1 157 ASP n 
1 158 LEU n 
1 159 ASN n 
1 160 ARG n 
1 161 TYR n 
1 162 LYS n 
1 163 GLU n 
1 164 LEU n 
1 165 TYR n 
1 166 TYR n 
1 167 ARG n 
1 168 LEU n 
1 169 LEU n 
1 170 THR n 
1 171 SER n 
1 172 PRO n 
1 173 ALA n 
1 174 ALA n 
1 175 ASP n 
1 176 ALA n 
1 177 GLY n 
1 178 ASN n 
1 179 THR n 
1 180 LEU n 
1 181 MET n 
1 182 GLY n 
1 183 GLN n 
1 184 LYS n 
1 185 PRO n 
# 
_entity_src_gen.entity_id                          1 
_entity_src_gen.pdbx_src_id                        1 
_entity_src_gen.pdbx_alt_source_flag               sample 
_entity_src_gen.pdbx_seq_type                      ? 
_entity_src_gen.pdbx_beg_seq_num                   ? 
_entity_src_gen.pdbx_end_seq_num                   ? 
_entity_src_gen.gene_src_common_name               amphioxus 
_entity_src_gen.gene_src_genus                     Branchiostoma 
_entity_src_gen.pdbx_gene_src_gene                 ? 
_entity_src_gen.gene_src_species                   ? 
_entity_src_gen.gene_src_strain                    ? 
_entity_src_gen.gene_src_tissue                    ? 
_entity_src_gen.gene_src_tissue_fraction           ? 
_entity_src_gen.gene_src_details                   ? 
_entity_src_gen.pdbx_gene_src_fragment             ? 
_entity_src_gen.pdbx_gene_src_scientific_name      'Branchiostoma lanceolatum' 
_entity_src_gen.pdbx_gene_src_ncbi_taxonomy_id     7740 
_entity_src_gen.pdbx_gene_src_variant              ? 
_entity_src_gen.pdbx_gene_src_cell_line            ? 
_entity_src_gen.pdbx_gene_src_atcc                 ? 
_entity_src_gen.pdbx_gene_src_organ                ? 
_entity_src_gen.pdbx_gene_src_organelle            ? 
_entity_src_gen.pdbx_gene_src_cell                 ? 
_entity_src_gen.pdbx_gene_src_cellular_location    ? 
_entity_src_gen.host_org_common_name               ? 
_entity_src_gen.pdbx_host_org_scientific_name      ? 
_entity_src_gen.pdbx_host_org_ncbi_taxonomy_id     ? 
_entity_src_gen.host_org_genus                     ? 
_entity_src_gen.pdbx_host_org_gene                 ? 
_entity_src_gen.pdbx_host_org_organ                ? 
_entity_src_gen.host_org_species                   ? 
_entity_src_gen.pdbx_host_org_tissue               ? 
_entity_src_gen.pdbx_host_org_tissue_fraction      ? 
_entity_src_gen.pdbx_host_org_strain               ? 
_entity_src_gen.pdbx_host_org_variant              ? 
_entity_src_gen.pdbx_host_org_cell_line            ? 
_entity_src_gen.pdbx_host_org_atcc                 ? 
_entity_src_gen.pdbx_host_org_culture_collection   ? 
_entity_src_gen.pdbx_host_org_cell                 ? 
_entity_src_gen.pdbx_host_org_organelle            ? 
_entity_src_gen.pdbx_host_org_cellular_location    ? 
_entity_src_gen.pdbx_host_org_vector_type          ? 
_entity_src_gen.pdbx_host_org_vector               ? 
_entity_src_gen.host_org_details                   ? 
_entity_src_gen.expression_system_id               ? 
_entity_src_gen.plasmid_name                       ? 
_entity_src_gen.plasmid_details                    ? 
_entity_src_gen.pdbx_description                   ? 
# 
loop_
_chem_comp.id 
_chem_comp.type 
_chem_comp.mon_nstd_flag 
_chem_comp.name 
_chem_comp.pdbx_synonyms 
_chem_comp.formula 
_chem_comp.formula_weight 
ALA 'L-peptide linking' y ALANINE         ? 'C3 H7 N O2'     89.093  
ARG 'L-peptide linking' y ARGININE        ? 'C6 H15 N4 O2 1' 175.209 
ASN 'L-peptide linking' y ASPARAGINE      ? 'C4 H8 N2 O3'    132.118 
ASP 'L-peptide linking' y 'ASPARTIC ACID' ? 'C4 H7 N O4'     133.103 
CA  non-polymer         . 'CALCIUM ION'   ? 'Ca 2'           40.078  
CYS 'L-peptide linking' y CYSTEINE        ? 'C3 H7 N O2 S'   121.158 
GLN 'L-peptide linking' y GLUTAMINE       ? 'C5 H10 N2 O3'   146.144 
GLU 'L-peptide linking' y 'GLUTAMIC ACID' ? 'C5 H9 N O4'     147.129 
GLY 'peptide linking'   y GLYCINE         ? 'C2 H5 N O2'     75.067  
HIS 'L-peptide linking' y HISTIDINE       ? 'C6 H10 N3 O2 1' 156.162 
HOH non-polymer         . WATER           ? 'H2 O'           18.015  
ILE 'L-peptide linking' y ISOLEUCINE      ? 'C6 H13 N O2'    131.173 
LEU 'L-peptide linking' y LEUCINE         ? 'C6 H13 N O2'    131.173 
LYS 'L-peptide linking' y LYSINE          ? 'C6 H15 N2 O2 1' 147.195 
MET 'L-peptide linking' y METHIONINE      ? 'C5 H11 N O2 S'  149.211 
PHE 'L-peptide linking' y PHENYLALANINE   ? 'C9 H11 N O2'    165.189 
PRO 'L-peptide linking' y PROLINE         ? 'C5 H9 N O2'     115.130 
SER 'L-peptide linking' y SERINE          ? 'C3 H7 N O3'     105.093 
THR 'L-peptide linking' y THREONINE       ? 'C4 H9 N O3'     119.119 
TRP 'L-peptide linking' y TRYPTOPHAN      ? 'C11 H12 N2 O2'  204.225 
TYR 'L-peptide linking' y TYROSINE        ? 'C9 H11 N O3'    181.189 
VAL 'L-peptide linking' y VALINE          ? 'C5 H11 N O2'    117.146 
# 
loop_
_pdbx_poly_seq_scheme.asym_id 
_pdbx_poly_seq_scheme.entity_id 
_pdbx_poly_seq_scheme.seq_id 
_pdbx_poly_seq_scheme.mon_id 
_pdbx_poly_seq_scheme.ndb_seq_num 
_pdbx_poly_seq_scheme.pdb_seq_num 
_pdbx_poly_seq_scheme.auth_seq_num 
_pdbx_poly_seq_scheme.pdb_mon_id 
_pdbx_poly_seq_scheme.auth_mon_id 
_pdbx_poly_seq_scheme.pdb_strand_id 
_pdbx_poly_seq_scheme.pdb_ins_code 
_pdbx_poly_seq_scheme.hetero 
A 1 1   GLY 1   1   1   GLY GLY A . n 
A 1 2   LEU 2   2   2   LEU LEU A . n 
A 1 3   ASN 3   3   3   ASN ASN A . n 
A 1 4   ASP 4   4   4   ASP ASP A . n 
A 1 5   PHE 5   5   5   PHE PHE A . n 
A 1 6   GLN 6   6   6   GLN GLN A . n 
A 1 7   LYS 7   7   7   LYS LYS A . n 
A 1 8   GLN 8   8   8   GLN GLN A . n 
A 1 9   LYS 9   9   9   LYS LYS A . n 
A 1 10  ILE 10  10  10  ILE ILE A . n 
A 1 11  LYS 11  11  11  LYS LYS A . n 
A 1 12  PHE 12  12  12  PHE PHE A . n 
A 1 13  THR 13  13  13  THR THR A . n 
A 1 14  PHE 14  14  14  PHE PHE A . n 
A 1 15  ASP 15  15  15  ASP ASP A . n 
A 1 16  PHE 16  16  16  PHE PHE A . n 
A 1 17  PHE 17  17  17  PHE PHE A . n 
A 1 18  LEU 18  18  18  LEU LEU A . n 
A 1 19  ASP 19  19  19  ASP ASP A . n 
A 1 20  MET 20  20  20  MET MET A . n 
A 1 21  ASN 21  21  21  ASN ASN A . n 
A 1 22  HIS 22  22  22  HIS HIS A . n 
A 1 23  ASP 23  23  23  ASP ASP A . n 
A 1 24  GLY 24  24  24  GLY GLY A . n 
A 1 25  SER 25  25  25  SER SER A . n 
A 1 26  ILE 26  26  26  ILE ILE A . n 
A 1 27  GLN 27  27  27  GLN GLN A . n 
A 1 28  ASP 28  28  28  ASP ASP A . n 
A 1 29  ASN 29  29  29  ASN ASN A . n 
A 1 30  ASP 30  30  30  ASP ASP A . n 
A 1 31  PHE 31  31  31  PHE PHE A . n 
A 1 32  GLU 32  32  32  GLU GLU A . n 
A 1 33  ASP 33  33  33  ASP ASP A . n 
A 1 34  MET 34  34  34  MET MET A . n 
A 1 35  MET 35  35  35  MET MET A . n 
A 1 36  THR 36  36  36  THR THR A . n 
A 1 37  ARG 37  37  37  ARG ARG A . n 
A 1 38  TYR 38  38  38  TYR TYR A . n 
A 1 39  LYS 39  39  39  LYS LYS A . n 
A 1 40  GLU 40  40  40  GLU GLU A . n 
A 1 41  VAL 41  41  41  VAL VAL A . n 
A 1 42  ASN 42  42  42  ASN ASN A . n 
A 1 43  LYS 43  43  43  LYS LYS A . n 
A 1 44  GLY 44  44  44  GLY GLY A . n 
A 1 45  SER 45  45  45  SER SER A . n 
A 1 46  LEU 46  46  46  LEU LEU A . n 
A 1 47  SER 47  47  47  SER SER A . n 
A 1 48  ASP 48  48  48  ASP ASP A . n 
A 1 49  ALA 49  49  49  ALA ALA A . n 
A 1 50  ASP 50  50  50  ASP ASP A . n 
A 1 51  TYR 51  51  51  TYR TYR A . n 
A 1 52  LYS 52  52  52  LYS LYS A . n 
A 1 53  SER 53  53  53  SER SER A . n 
A 1 54  MET 54  54  54  MET MET A . n 
A 1 55  GLN 55  55  55  GLN GLN A . n 
A 1 56  ALA 56  56  56  ALA ALA A . n 
A 1 57  SER 57  57  57  SER SER A . n 
A 1 58  LEU 58  58  58  LEU LEU A . n 
A 1 59  GLU 59  59  59  GLU GLU A . n 
A 1 60  ASP 60  60  60  ASP ASP A . n 
A 1 61  GLU 61  61  61  GLU GLU A . n 
A 1 62  TRP 62  62  62  TRP TRP A . n 
A 1 63  ARG 63  63  63  ARG ARG A . n 
A 1 64  ASP 64  64  64  ASP ASP A . n 
A 1 65  LEU 65  65  65  LEU LEU A . n 
A 1 66  LYS 66  66  66  LYS LYS A . n 
A 1 67  GLY 67  67  67  GLY GLY A . n 
A 1 68  ARG 68  68  68  ARG ARG A . n 
A 1 69  ALA 69  69  69  ALA ALA A . n 
A 1 70  ASP 70  70  70  ASP ASP A . n 
A 1 71  ILE 71  71  71  ILE ILE A . n 
A 1 72  ASN 72  72  72  ASN ASN A . n 
A 1 73  LYS 73  73  73  LYS LYS A . n 
A 1 74  ASP 74  74  74  ASP ASP A . n 
A 1 75  ASP 75  75  75  ASP ASP A . n 
A 1 76  VAL 76  76  76  VAL VAL A . n 
A 1 77  VAL 77  77  77  VAL VAL A . n 
A 1 78  SER 78  78  78  SER SER A . n 
A 1 79  TRP 79  79  79  TRP TRP A . n 
A 1 80  GLU 80  80  80  GLU GLU A . n 
A 1 81  GLU 81  81  81  GLU GLU A . n 
A 1 82  TYR 82  82  82  TYR TYR A . n 
A 1 83  LEU 83  83  83  LEU LEU A . n 
A 1 84  ALA 84  84  84  ALA ALA A . n 
A 1 85  MET 85  85  85  MET MET A . n 
A 1 86  TRP 86  86  86  TRP TRP A . n 
A 1 87  GLU 87  87  87  GLU GLU A . n 
A 1 88  LYS 88  88  88  LYS LYS A . n 
A 1 89  THR 89  89  89  THR THR A . n 
A 1 90  ILE 90  90  90  ILE ILE A . n 
A 1 91  ALA 91  91  91  ALA ALA A . n 
A 1 92  THR 92  92  92  THR THR A . n 
A 1 93  CYS 93  93  93  CYS CYS A . n 
A 1 94  LYS 94  94  94  LYS LYS A . n 
A 1 95  SER 95  95  95  SER SER A . n 
A 1 96  VAL 96  96  96  VAL VAL A . n 
A 1 97  ALA 97  97  97  ALA ALA A . n 
A 1 98  ASP 98  98  98  ASP ASP A . n 
A 1 99  LEU 99  99  99  LEU LEU A . n 
A 1 100 PRO 100 100 100 PRO PRO A . n 
A 1 101 ALA 101 101 101 ALA ALA A . n 
A 1 102 TRP 102 102 102 TRP TRP A . n 
A 1 103 CYS 103 103 103 CYS CYS A . n 
A 1 104 GLN 104 104 104 GLN GLN A . n 
A 1 105 ASN 105 105 105 ASN ASN A . n 
A 1 106 ARG 106 106 106 ARG ARG A . n 
A 1 107 ILE 107 107 107 ILE ILE A . n 
A 1 108 PRO 108 108 108 PRO PRO A . n 
A 1 109 PHE 109 109 109 PHE PHE A . n 
A 1 110 LEU 110 110 110 LEU LEU A . n 
A 1 111 PHE 111 111 111 PHE PHE A . n 
A 1 112 LYS 112 112 112 LYS LYS A . n 
A 1 113 GLY 113 113 113 GLY GLY A . n 
A 1 114 MET 114 114 114 MET MET A . n 
A 1 115 ASP 115 115 115 ASP ASP A . n 
A 1 116 VAL 116 116 116 VAL VAL A . n 
A 1 117 SER 117 117 117 SER SER A . n 
A 1 118 GLY 118 118 118 GLY GLY A . n 
A 1 119 ASP 119 119 119 ASP ASP A . n 
A 1 120 GLY 120 120 120 GLY GLY A . n 
A 1 121 ILE 121 121 121 ILE ILE A . n 
A 1 122 VAL 122 122 122 VAL VAL A . n 
A 1 123 ASP 123 123 123 ASP ASP A . n 
A 1 124 LEU 124 124 124 LEU LEU A . n 
A 1 125 GLU 125 125 125 GLU GLU A . n 
A 1 126 GLU 126 126 126 GLU GLU A . n 
A 1 127 PHE 127 127 127 PHE PHE A . n 
A 1 128 GLN 128 128 128 GLN GLN A . n 
A 1 129 ASN 129 129 129 ASN ASN A . n 
A 1 130 TYR 130 130 130 TYR TYR A . n 
A 1 131 CYS 131 131 131 CYS CYS A . n 
A 1 132 LYS 132 132 132 LYS LYS A . n 
A 1 133 ASN 133 133 133 ASN ASN A . n 
A 1 134 PHE 134 134 134 PHE PHE A . n 
A 1 135 GLN 135 135 135 GLN GLN A . n 
A 1 136 LEU 136 136 136 LEU LEU A . n 
A 1 137 GLN 137 137 137 GLN GLN A . n 
A 1 138 CYS 138 138 138 CYS CYS A . n 
A 1 139 ALA 139 139 139 ALA ALA A . n 
A 1 140 ASP 140 140 140 ASP ASP A . n 
A 1 141 VAL 141 141 141 VAL VAL A . n 
A 1 142 PRO 142 142 142 PRO PRO A . n 
A 1 143 ALA 143 143 143 ALA ALA A . n 
A 1 144 VAL 144 144 144 VAL VAL A . n 
A 1 145 TYR 145 145 145 TYR TYR A . n 
A 1 146 ASN 146 146 146 ASN ASN A . n 
A 1 147 VAL 147 147 147 VAL VAL A . n 
A 1 148 ILE 148 148 148 ILE ILE A . n 
A 1 149 THR 149 149 149 THR THR A . n 
A 1 150 ASP 150 150 150 ASP ASP A . n 
A 1 151 GLY 151 151 151 GLY GLY A . n 
A 1 152 GLY 152 152 152 GLY GLY A . n 
A 1 153 LYS 153 153 153 LYS LYS A . n 
A 1 154 VAL 154 154 154 VAL VAL A . n 
A 1 155 THR 155 155 155 THR THR A . n 
A 1 156 PHE 156 156 156 PHE PHE A . n 
A 1 157 ASP 157 157 157 ASP ASP A . n 
A 1 158 LEU 158 158 158 LEU LEU A . n 
A 1 159 ASN 159 159 159 ASN ASN A . n 
A 1 160 ARG 160 160 160 ARG ARG A . n 
A 1 161 TYR 161 161 161 TYR TYR A . n 
A 1 162 LYS 162 162 162 LYS LYS A . n 
A 1 163 GLU 163 163 163 GLU GLU A . n 
A 1 164 LEU 164 164 164 LEU LEU A . n 
A 1 165 TYR 165 165 165 TYR TYR A . n 
A 1 166 TYR 166 166 166 TYR TYR A . n 
A 1 167 ARG 167 167 167 ARG ARG A . n 
A 1 168 LEU 168 168 168 LEU LEU A . n 
A 1 169 LEU 169 169 169 LEU LEU A . n 
A 1 170 THR 170 170 170 THR THR A . n 
A 1 171 SER 171 171 171 SER SER A . n 
A 1 172 PRO 172 172 172 PRO PRO A . n 
A 1 173 ALA 173 173 173 ALA ALA A . n 
A 1 174 ALA 174 174 174 ALA ALA A . n 
A 1 175 ASP 175 175 175 ASP ASP A . n 
A 1 176 ALA 176 176 176 ALA ALA A . n 
A 1 177 GLY 177 177 177 GLY GLY A . n 
A 1 178 ASN 178 178 178 ASN ASN A . n 
A 1 179 THR 179 179 179 THR THR A . n 
A 1 180 LEU 180 180 180 LEU LEU A . n 
A 1 181 MET 181 181 181 MET MET A . n 
A 1 182 GLY 182 182 182 GLY GLY A . n 
A 1 183 GLN 183 183 183 GLN GLN A . n 
A 1 184 LYS 184 184 184 LYS LYS A . n 
A 1 185 PRO 185 185 185 PRO PRO A . n 
# 
loop_
_pdbx_nonpoly_scheme.asym_id 
_pdbx_nonpoly_scheme.entity_id 
_pdbx_nonpoly_scheme.mon_id 
_pdbx_nonpoly_scheme.ndb_seq_num 
_pdbx_nonpoly_scheme.pdb_seq_num 
_pdbx_nonpoly_scheme.auth_seq_num 
_pdbx_nonpoly_scheme.pdb_mon_id 
_pdbx_nonpoly_scheme.auth_mon_id 
_pdbx_nonpoly_scheme.pdb_strand_id 
_pdbx_nonpoly_scheme.pdb_ins_code 
B 2 CA  1 186 186 CA  CA  A . 
C 2 CA  1 187 187 CA  CA  A . 
D 2 CA  1 188 188 CA  CA  A . 
E 3 HOH 1 189 189 HOH HOH A . 
# 
loop_
_software.name 
_software.classification 
_software.version 
_software.citation_id 
_software.pdbx_ordinal 
X-PLOR 'model building' . ? 1 
PROLSQ refinement       . ? 2 
X-PLOR refinement       . ? 3 
X-PLOR phasing          . ? 4 
# 
_cell.entry_id           2SAS 
_cell.length_a           59.600 
_cell.length_b           81.300 
_cell.length_c           82.400 
_cell.angle_alpha        90.00 
_cell.angle_beta         90.00 
_cell.angle_gamma        90.00 
_cell.Z_PDB              8 
_cell.pdbx_unique_axis   ? 
# 
_symmetry.entry_id                         2SAS 
_symmetry.space_group_name_H-M             'C 2 2 21' 
_symmetry.pdbx_full_space_group_name_H-M   ? 
_symmetry.cell_setting                     ? 
_symmetry.Int_Tables_number                20 
# 
_exptl.entry_id          2SAS 
_exptl.method            'X-RAY DIFFRACTION' 
_exptl.crystals_number   ? 
# 
_exptl_crystal.id                    1 
_exptl_crystal.density_meas          ? 
_exptl_crystal.density_Matthews      2.34 
_exptl_crystal.density_percent_sol   47.47 
_exptl_crystal.description           ? 
# 
_refine.entry_id                                 2SAS 
_refine.ls_number_reflns_obs                     ? 
_refine.ls_number_reflns_all                     ? 
_refine.pdbx_ls_sigma_I                          ? 
_refine.pdbx_ls_sigma_F                          2.0 
_refine.pdbx_data_cutoff_high_absF               ? 
_refine.pdbx_data_cutoff_low_absF                ? 
_refine.pdbx_data_cutoff_high_rms_absF           ? 
_refine.ls_d_res_low                             5.0 
_refine.ls_d_res_high                            2.4 
_refine.ls_percent_reflns_obs                    ? 
_refine.ls_R_factor_obs                          0.199 
_refine.ls_R_factor_all                          ? 
_refine.ls_R_factor_R_work                       0.199 
_refine.ls_R_factor_R_free                       ? 
_refine.ls_R_factor_R_free_error                 ? 
_refine.ls_R_factor_R_free_error_details         ? 
_refine.ls_percent_reflns_R_free                 ? 
_refine.ls_number_reflns_R_free                  ? 
_refine.ls_number_parameters                     ? 
_refine.ls_number_restraints                     ? 
_refine.occupancy_min                            ? 
_refine.occupancy_max                            ? 
_refine.B_iso_mean                               ? 
_refine.aniso_B[1][1]                            ? 
_refine.aniso_B[2][2]                            ? 
_refine.aniso_B[3][3]                            ? 
_refine.aniso_B[1][2]                            ? 
_refine.aniso_B[1][3]                            ? 
_refine.aniso_B[2][3]                            ? 
_refine.solvent_model_details                    ? 
_refine.solvent_model_param_ksol                 ? 
_refine.solvent_model_param_bsol                 ? 
_refine.pdbx_ls_cross_valid_method               ? 
_refine.details                                  ? 
_refine.pdbx_starting_model                      ? 
_refine.pdbx_method_to_determine_struct          ? 
_refine.pdbx_isotropic_thermal_model             ? 
_refine.pdbx_stereochemistry_target_values       ? 
_refine.pdbx_stereochem_target_val_spec_case     ? 
_refine.pdbx_R_Free_selection_details            ? 
_refine.pdbx_overall_ESU_R                       ? 
_refine.pdbx_overall_ESU_R_Free                  ? 
_refine.overall_SU_ML                            ? 
_refine.overall_SU_B                             ? 
_refine.pdbx_refine_id                           'X-RAY DIFFRACTION' 
_refine.pdbx_diffrn_id                           1 
_refine.pdbx_TLS_residual_ADP_flag               ? 
_refine.correlation_coeff_Fo_to_Fc               ? 
_refine.correlation_coeff_Fo_to_Fc_free          ? 
_refine.pdbx_solvent_vdw_probe_radii             ? 
_refine.pdbx_solvent_ion_probe_radii             ? 
_refine.pdbx_solvent_shrinkage_radii             ? 
_refine.pdbx_overall_phase_error                 ? 
_refine.overall_SU_R_Cruickshank_DPI             ? 
_refine.pdbx_overall_SU_R_free_Cruickshank_DPI   ? 
_refine.pdbx_overall_SU_R_Blow_DPI               ? 
_refine.pdbx_overall_SU_R_free_Blow_DPI          ? 
# 
_refine_hist.pdbx_refine_id                   'X-RAY DIFFRACTION' 
_refine_hist.cycle_id                         LAST 
_refine_hist.pdbx_number_atoms_protein        1495 
_refine_hist.pdbx_number_atoms_nucleic_acid   0 
_refine_hist.pdbx_number_atoms_ligand         3 
_refine_hist.number_atoms_solvent             1 
_refine_hist.number_atoms_total               1499 
_refine_hist.d_res_high                       2.4 
_refine_hist.d_res_low                        5.0 
# 
loop_
_refine_ls_restr.type 
_refine_ls_restr.dev_ideal 
_refine_ls_restr.dev_ideal_target 
_refine_ls_restr.weight 
_refine_ls_restr.number 
_refine_ls_restr.pdbx_refine_id 
_refine_ls_restr.pdbx_restraint_function 
x_bond_d                0.016 ?     ? ? 'X-RAY DIFFRACTION' ? 
x_bond_d_na             ?     ?     ? ? 'X-RAY DIFFRACTION' ? 
x_bond_d_prot           ?     ?     ? ? 'X-RAY DIFFRACTION' ? 
x_angle_d               ?     ?     ? ? 'X-RAY DIFFRACTION' ? 
x_angle_d_na            ?     ?     ? ? 'X-RAY DIFFRACTION' ? 
x_angle_d_prot          ?     ?     ? ? 'X-RAY DIFFRACTION' ? 
x_angle_deg             ?     ?     ? ? 'X-RAY DIFFRACTION' ? 
x_angle_deg_na          ?     ?     ? ? 'X-RAY DIFFRACTION' ? 
x_angle_deg_prot        ?     ?     ? ? 'X-RAY DIFFRACTION' ? 
x_dihedral_angle_d      ?     ?     ? ? 'X-RAY DIFFRACTION' ? 
x_dihedral_angle_d_na   ?     ?     ? ? 'X-RAY DIFFRACTION' ? 
x_dihedral_angle_d_prot ?     ?     ? ? 'X-RAY DIFFRACTION' ? 
x_improper_angle_d      ?     ?     ? ? 'X-RAY DIFFRACTION' ? 
x_improper_angle_d_na   ?     ?     ? ? 'X-RAY DIFFRACTION' ? 
x_improper_angle_d_prot ?     ?     ? ? 'X-RAY DIFFRACTION' ? 
x_mcbond_it             1.088 1.000 ? ? 'X-RAY DIFFRACTION' ? 
x_mcangle_it            1.683 1.500 ? ? 'X-RAY DIFFRACTION' ? 
x_scbond_it             1.888 1.500 ? ? 'X-RAY DIFFRACTION' ? 
x_scangle_it            2.677 2.000 ? ? 'X-RAY DIFFRACTION' ? 
# 
_struct.entry_id                  2SAS 
_struct.title                     
'STRUCTURE OF A SARCOPLASMIC CALCIUM-BINDING PROTEIN FROM AMPHIOXUS REFINED AT 2.4 ANGSTROMS RESOLUTION' 
_struct.pdbx_model_details        ? 
_struct.pdbx_CASP_flag            ? 
_struct.pdbx_model_type_details   ? 
# 
_struct_keywords.entry_id        2SAS 
_struct_keywords.pdbx_keywords   'CALCIUM-BINDING PROTEIN' 
_struct_keywords.text            'CALCIUM-BINDING PROTEIN' 
# 
loop_
_struct_asym.id 
_struct_asym.pdbx_blank_PDB_chainid_flag 
_struct_asym.pdbx_modified 
_struct_asym.entity_id 
_struct_asym.details 
A N N 1 ? 
B N N 2 ? 
C N N 2 ? 
D N N 2 ? 
E N N 3 ? 
# 
_struct_ref.id                         1 
_struct_ref.db_name                    UNP 
_struct_ref.db_code                    SCP2_BRALA 
_struct_ref.entity_id                  1 
_struct_ref.pdbx_db_accession          P04570 
_struct_ref.pdbx_align_begin           1 
_struct_ref.pdbx_seq_one_letter_code   
;GLNDFQKQKIKFTFDFFLDMNHDGSIQDNDFEDMMTRYKEVNKGSLSDADYKSMQASLEDEWRDLKGRADINKDDVVSWE
EYLAMWEKTIATCKSVADLPAWCQNRIPFLFKGMDVSGDGIVDLEEFQNYCKNFQLQCADVPAVYNVITDGGKVTFDLNR
YKELYYRLLTSPAADAGNTLMGQKP
;
_struct_ref.pdbx_db_isoform            ? 
# 
_struct_ref_seq.align_id                      1 
_struct_ref_seq.ref_id                        1 
_struct_ref_seq.pdbx_PDB_id_code              2SAS 
_struct_ref_seq.pdbx_strand_id                A 
_struct_ref_seq.seq_align_beg                 1 
_struct_ref_seq.pdbx_seq_align_beg_ins_code   ? 
_struct_ref_seq.seq_align_end                 185 
_struct_ref_seq.pdbx_seq_align_end_ins_code   ? 
_struct_ref_seq.pdbx_db_accession             P04570 
_struct_ref_seq.db_align_beg                  1 
_struct_ref_seq.pdbx_db_align_beg_ins_code    ? 
_struct_ref_seq.db_align_end                  185 
_struct_ref_seq.pdbx_db_align_end_ins_code    ? 
_struct_ref_seq.pdbx_auth_seq_align_beg       1 
_struct_ref_seq.pdbx_auth_seq_align_end       185 
# 
_pdbx_struct_assembly.id                   1 
_pdbx_struct_assembly.details              author_defined_assembly 
_pdbx_struct_assembly.method_details       ? 
_pdbx_struct_assembly.oligomeric_details   dimeric 
_pdbx_struct_assembly.oligomeric_count     2 
# 
_pdbx_struct_assembly_gen.assembly_id       1 
_pdbx_struct_assembly_gen.oper_expression   1,2 
_pdbx_struct_assembly_gen.asym_id_list      A,B,C,D,E 
# 
loop_
_pdbx_struct_oper_list.id 
_pdbx_struct_oper_list.type 
_pdbx_struct_oper_list.name 
_pdbx_struct_oper_list.symmetry_operation 
_pdbx_struct_oper_list.matrix[1][1] 
_pdbx_struct_oper_list.matrix[1][2] 
_pdbx_struct_oper_list.matrix[1][3] 
_pdbx_struct_oper_list.vector[1] 
_pdbx_struct_oper_list.matrix[2][1] 
_pdbx_struct_oper_list.matrix[2][2] 
_pdbx_struct_oper_list.matrix[2][3] 
_pdbx_struct_oper_list.vector[2] 
_pdbx_struct_oper_list.matrix[3][1] 
_pdbx_struct_oper_list.matrix[3][2] 
_pdbx_struct_oper_list.matrix[3][3] 
_pdbx_struct_oper_list.vector[3] 
1 'identity operation'         1_555 x,y,z         1.0000000000  0.0000000000  0.0000000000 0.0000000000  0.0000000000  1.0000000000  0.0000000000  0.0000000000  0.0000000000 0.0000000000  1.0000000000  0.0000000000  
2 'crystal symmetry operation' 3_655 -x+1,y,-z+1/2 -0.0658251105 -0.2737306481 0.9595512426 12.3947374564 -0.2737306481 -0.9197918200 -0.2811663923 25.6364400858 0.9595512426 -0.2811663923 -0.0143830695 -4.7536524707 
# 
_struct_biol.id   1 
# 
loop_
_struct_conf.conf_type_id 
_struct_conf.id 
_struct_conf.pdbx_PDB_helix_id 
_struct_conf.beg_label_comp_id 
_struct_conf.beg_label_asym_id 
_struct_conf.beg_label_seq_id 
_struct_conf.pdbx_beg_PDB_ins_code 
_struct_conf.end_label_comp_id 
_struct_conf.end_label_asym_id 
_struct_conf.end_label_seq_id 
_struct_conf.pdbx_end_PDB_ins_code 
_struct_conf.beg_auth_comp_id 
_struct_conf.beg_auth_asym_id 
_struct_conf.beg_auth_seq_id 
_struct_conf.end_auth_comp_id 
_struct_conf.end_auth_asym_id 
_struct_conf.end_auth_seq_id 
_struct_conf.pdbx_PDB_helix_class 
_struct_conf.details 
_struct_conf.pdbx_PDB_helix_length 
HELX_P HELX_P1 A ASP A 4   ? LEU A 18  ? ASP A 4   LEU A 18  1 ? 15 
HELX_P HELX_P2 B ASP A 28  ? ASN A 42  ? ASP A 28  ASN A 42  1 ? 15 
HELX_P HELX_P3 C ASP A 48  ? ALA A 69  ? ASP A 48  ALA A 69  1 ? 22 
HELX_P HELX_P4 D TRP A 79  ? ALA A 91  ? TRP A 79  ALA A 91  1 ? 13 
HELX_P HELX_P5 E CYS A 103 ? MET A 114 ? CYS A 103 MET A 114 1 ? 12 
HELX_P HELX_P6 F LEU A 124 ? LYS A 132 ? LEU A 124 LYS A 132 1 ? 9  
HELX_P HELX_P7 G VAL A 141 ? ILE A 148 ? VAL A 141 ILE A 148 1 ? 8  
HELX_P HELX_P8 H LEU A 158 ? THR A 170 ? LEU A 158 THR A 170 1 ? 13 
HELX_P HELX_P9 I ALA A 176 ? MET A 181 ? ALA A 176 MET A 181 5 ? 6  
# 
_struct_conf_type.id          HELX_P 
_struct_conf_type.criteria    ? 
_struct_conf_type.reference   ? 
# 
loop_
_struct_conn.id 
_struct_conn.conn_type_id 
_struct_conn.pdbx_leaving_atom_flag 
_struct_conn.pdbx_PDB_id 
_struct_conn.ptnr1_label_asym_id 
_struct_conn.ptnr1_label_comp_id 
_struct_conn.ptnr1_label_seq_id 
_struct_conn.ptnr1_label_atom_id 
_struct_conn.pdbx_ptnr1_label_alt_id 
_struct_conn.pdbx_ptnr1_PDB_ins_code 
_struct_conn.pdbx_ptnr1_standard_comp_id 
_struct_conn.ptnr1_symmetry 
_struct_conn.ptnr2_label_asym_id 
_struct_conn.ptnr2_label_comp_id 
_struct_conn.ptnr2_label_seq_id 
_struct_conn.ptnr2_label_atom_id 
_struct_conn.pdbx_ptnr2_label_alt_id 
_struct_conn.pdbx_ptnr2_PDB_ins_code 
_struct_conn.ptnr1_auth_asym_id 
_struct_conn.ptnr1_auth_comp_id 
_struct_conn.ptnr1_auth_seq_id 
_struct_conn.ptnr2_auth_asym_id 
_struct_conn.ptnr2_auth_comp_id 
_struct_conn.ptnr2_auth_seq_id 
_struct_conn.ptnr2_symmetry 
_struct_conn.pdbx_ptnr3_label_atom_id 
_struct_conn.pdbx_ptnr3_label_seq_id 
_struct_conn.pdbx_ptnr3_label_comp_id 
_struct_conn.pdbx_ptnr3_label_asym_id 
_struct_conn.pdbx_ptnr3_label_alt_id 
_struct_conn.pdbx_ptnr3_PDB_ins_code 
_struct_conn.details 
_struct_conn.pdbx_dist_value 
_struct_conn.pdbx_value_order 
_struct_conn.pdbx_role 
disulf1  disulf ? ? A CYS 131 SG  ? ? ? 1_555 A CYS 138 SG ? ? A CYS 131 A CYS 138 1_555 ? ? ? ? ? ? ? 2.029 ? ? 
metalc1  metalc ? ? A ASP 19  OD1 ? ? ? 1_555 B CA  .   CA ? ? A ASP 19  A CA  186 1_555 ? ? ? ? ? ? ? 2.197 ? ? 
metalc2  metalc ? ? A ASN 21  OD1 ? ? ? 1_555 B CA  .   CA ? ? A ASN 21  A CA  186 1_555 ? ? ? ? ? ? ? 2.367 ? ? 
metalc3  metalc ? ? A ASP 23  OD1 ? ? ? 1_555 B CA  .   CA ? ? A ASP 23  A CA  186 1_555 ? ? ? ? ? ? ? 2.300 ? ? 
metalc4  metalc ? ? A SER 25  O   ? ? ? 1_555 B CA  .   CA ? ? A SER 25  A CA  186 1_555 ? ? ? ? ? ? ? 2.108 ? ? 
metalc5  metalc ? ? A ASP 30  OD1 ? ? ? 1_555 B CA  .   CA ? ? A ASP 30  A CA  186 1_555 ? ? ? ? ? ? ? 2.444 ? ? 
metalc6  metalc ? ? A ASP 30  OD2 ? ? ? 1_555 B CA  .   CA ? ? A ASP 30  A CA  186 1_555 ? ? ? ? ? ? ? 2.360 ? ? 
metalc7  metalc ? ? A ASP 70  OD1 ? ? ? 1_555 C CA  .   CA ? ? A ASP 70  A CA  187 1_555 ? ? ? ? ? ? ? 1.943 ? ? 
metalc8  metalc ? ? A ASN 72  OD1 ? ? ? 1_555 C CA  .   CA ? ? A ASN 72  A CA  187 1_555 ? ? ? ? ? ? ? 2.803 ? ? 
metalc9  metalc ? ? A ASP 74  OD1 ? ? ? 1_555 C CA  .   CA ? ? A ASP 74  A CA  187 1_555 ? ? ? ? ? ? ? 2.248 ? ? 
metalc10 metalc ? ? A VAL 76  O   ? ? ? 1_555 C CA  .   CA ? ? A VAL 76  A CA  187 1_555 ? ? ? ? ? ? ? 2.318 ? ? 
metalc11 metalc ? ? A GLU 81  OE2 ? ? ? 1_555 C CA  .   CA ? ? A GLU 81  A CA  187 1_555 ? ? ? ? ? ? ? 3.073 ? ? 
metalc12 metalc ? ? A GLU 81  OE1 ? ? ? 1_555 C CA  .   CA ? ? A GLU 81  A CA  187 1_555 ? ? ? ? ? ? ? 2.327 ? ? 
metalc13 metalc ? ? A ASP 115 OD1 ? ? ? 1_555 D CA  .   CA ? ? A ASP 115 A CA  188 1_555 ? ? ? ? ? ? ? 2.219 ? ? 
metalc14 metalc ? ? A SER 117 OG  ? ? ? 1_555 D CA  .   CA ? ? A SER 117 A CA  188 1_555 ? ? ? ? ? ? ? 2.440 ? ? 
metalc15 metalc ? ? A ASP 119 OD1 ? ? ? 1_555 D CA  .   CA ? ? A ASP 119 A CA  188 1_555 ? ? ? ? ? ? ? 2.251 ? ? 
metalc16 metalc ? ? A ILE 121 O   ? ? ? 1_555 D CA  .   CA ? ? A ILE 121 A CA  188 1_555 ? ? ? ? ? ? ? 2.412 ? ? 
metalc17 metalc ? ? A GLU 126 OE1 ? ? ? 1_555 D CA  .   CA ? ? A GLU 126 A CA  188 1_555 ? ? ? ? ? ? ? 2.222 ? ? 
metalc18 metalc ? ? A GLU 126 OE2 ? ? ? 1_555 D CA  .   CA ? ? A GLU 126 A CA  188 1_555 ? ? ? ? ? ? ? 2.449 ? ? 
metalc19 metalc ? ? C CA  .   CA  ? ? ? 1_555 E HOH .   O  ? ? A CA  187 A HOH 189 1_555 ? ? ? ? ? ? ? 2.287 ? ? 
# 
loop_
_struct_conn_type.id 
_struct_conn_type.criteria 
_struct_conn_type.reference 
disulf ? ? 
metalc ? ? 
# 
loop_
_pdbx_struct_conn_angle.id 
_pdbx_struct_conn_angle.ptnr1_label_atom_id 
_pdbx_struct_conn_angle.ptnr1_label_alt_id 
_pdbx_struct_conn_angle.ptnr1_label_asym_id 
_pdbx_struct_conn_angle.ptnr1_label_comp_id 
_pdbx_struct_conn_angle.ptnr1_label_seq_id 
_pdbx_struct_conn_angle.ptnr1_auth_atom_id 
_pdbx_struct_conn_angle.ptnr1_auth_asym_id 
_pdbx_struct_conn_angle.ptnr1_auth_comp_id 
_pdbx_struct_conn_angle.ptnr1_auth_seq_id 
_pdbx_struct_conn_angle.ptnr1_PDB_ins_code 
_pdbx_struct_conn_angle.ptnr1_symmetry 
_pdbx_struct_conn_angle.ptnr2_label_atom_id 
_pdbx_struct_conn_angle.ptnr2_label_alt_id 
_pdbx_struct_conn_angle.ptnr2_label_asym_id 
_pdbx_struct_conn_angle.ptnr2_label_comp_id 
_pdbx_struct_conn_angle.ptnr2_label_seq_id 
_pdbx_struct_conn_angle.ptnr2_auth_atom_id 
_pdbx_struct_conn_angle.ptnr2_auth_asym_id 
_pdbx_struct_conn_angle.ptnr2_auth_comp_id 
_pdbx_struct_conn_angle.ptnr2_auth_seq_id 
_pdbx_struct_conn_angle.ptnr2_PDB_ins_code 
_pdbx_struct_conn_angle.ptnr2_symmetry 
_pdbx_struct_conn_angle.ptnr3_label_atom_id 
_pdbx_struct_conn_angle.ptnr3_label_alt_id 
_pdbx_struct_conn_angle.ptnr3_label_asym_id 
_pdbx_struct_conn_angle.ptnr3_label_comp_id 
_pdbx_struct_conn_angle.ptnr3_label_seq_id 
_pdbx_struct_conn_angle.ptnr3_auth_atom_id 
_pdbx_struct_conn_angle.ptnr3_auth_asym_id 
_pdbx_struct_conn_angle.ptnr3_auth_comp_id 
_pdbx_struct_conn_angle.ptnr3_auth_seq_id 
_pdbx_struct_conn_angle.ptnr3_PDB_ins_code 
_pdbx_struct_conn_angle.ptnr3_symmetry 
_pdbx_struct_conn_angle.value 
_pdbx_struct_conn_angle.value_esd 
1  OD1 ? A ASP 19  ? A ASP 19  ? 1_555 CA ? B CA . ? A CA 186 ? 1_555 OD1 ? A ASN 21  ? A ASN 21  ? 1_555 84.1  ? 
2  OD1 ? A ASP 19  ? A ASP 19  ? 1_555 CA ? B CA . ? A CA 186 ? 1_555 OD1 ? A ASP 23  ? A ASP 23  ? 1_555 82.1  ? 
3  OD1 ? A ASN 21  ? A ASN 21  ? 1_555 CA ? B CA . ? A CA 186 ? 1_555 OD1 ? A ASP 23  ? A ASP 23  ? 1_555 76.4  ? 
4  OD1 ? A ASP 19  ? A ASP 19  ? 1_555 CA ? B CA . ? A CA 186 ? 1_555 O   ? A SER 25  ? A SER 25  ? 1_555 79.9  ? 
5  OD1 ? A ASN 21  ? A ASN 21  ? 1_555 CA ? B CA . ? A CA 186 ? 1_555 O   ? A SER 25  ? A SER 25  ? 1_555 151.6 ? 
6  OD1 ? A ASP 23  ? A ASP 23  ? 1_555 CA ? B CA . ? A CA 186 ? 1_555 O   ? A SER 25  ? A SER 25  ? 1_555 78.3  ? 
7  OD1 ? A ASP 19  ? A ASP 19  ? 1_555 CA ? B CA . ? A CA 186 ? 1_555 OD1 ? A ASP 30  ? A ASP 30  ? 1_555 87.5  ? 
8  OD1 ? A ASN 21  ? A ASN 21  ? 1_555 CA ? B CA . ? A CA 186 ? 1_555 OD1 ? A ASP 30  ? A ASP 30  ? 1_555 73.5  ? 
9  OD1 ? A ASP 23  ? A ASP 23  ? 1_555 CA ? B CA . ? A CA 186 ? 1_555 OD1 ? A ASP 30  ? A ASP 30  ? 1_555 149.0 ? 
10 O   ? A SER 25  ? A SER 25  ? 1_555 CA ? B CA . ? A CA 186 ? 1_555 OD1 ? A ASP 30  ? A ASP 30  ? 1_555 128.5 ? 
11 OD1 ? A ASP 19  ? A ASP 19  ? 1_555 CA ? B CA . ? A CA 186 ? 1_555 OD2 ? A ASP 30  ? A ASP 30  ? 1_555 108.7 ? 
12 OD1 ? A ASN 21  ? A ASN 21  ? 1_555 CA ? B CA . ? A CA 186 ? 1_555 OD2 ? A ASP 30  ? A ASP 30  ? 1_555 125.0 ? 
13 OD1 ? A ASP 23  ? A ASP 23  ? 1_555 CA ? B CA . ? A CA 186 ? 1_555 OD2 ? A ASP 30  ? A ASP 30  ? 1_555 155.9 ? 
14 O   ? A SER 25  ? A SER 25  ? 1_555 CA ? B CA . ? A CA 186 ? 1_555 OD2 ? A ASP 30  ? A ASP 30  ? 1_555 82.5  ? 
15 OD1 ? A ASP 30  ? A ASP 30  ? 1_555 CA ? B CA . ? A CA 186 ? 1_555 OD2 ? A ASP 30  ? A ASP 30  ? 1_555 54.8  ? 
16 OD1 ? A ASP 70  ? A ASP 70  ? 1_555 CA ? C CA . ? A CA 187 ? 1_555 OD1 ? A ASN 72  ? A ASN 72  ? 1_555 81.0  ? 
17 OD1 ? A ASP 70  ? A ASP 70  ? 1_555 CA ? C CA . ? A CA 187 ? 1_555 OD1 ? A ASP 74  ? A ASP 74  ? 1_555 83.5  ? 
18 OD1 ? A ASN 72  ? A ASN 72  ? 1_555 CA ? C CA . ? A CA 187 ? 1_555 OD1 ? A ASP 74  ? A ASP 74  ? 1_555 71.0  ? 
19 OD1 ? A ASP 70  ? A ASP 70  ? 1_555 CA ? C CA . ? A CA 187 ? 1_555 O   ? A VAL 76  ? A VAL 76  ? 1_555 79.6  ? 
20 OD1 ? A ASN 72  ? A ASN 72  ? 1_555 CA ? C CA . ? A CA 187 ? 1_555 O   ? A VAL 76  ? A VAL 76  ? 1_555 156.2 ? 
21 OD1 ? A ASP 74  ? A ASP 74  ? 1_555 CA ? C CA . ? A CA 187 ? 1_555 O   ? A VAL 76  ? A VAL 76  ? 1_555 93.1  ? 
22 OD1 ? A ASP 70  ? A ASP 70  ? 1_555 CA ? C CA . ? A CA 187 ? 1_555 OE2 ? A GLU 81  ? A GLU 81  ? 1_555 87.0  ? 
23 OD1 ? A ASN 72  ? A ASN 72  ? 1_555 CA ? C CA . ? A CA 187 ? 1_555 OE2 ? A GLU 81  ? A GLU 81  ? 1_555 75.7  ? 
24 OD1 ? A ASP 74  ? A ASP 74  ? 1_555 CA ? C CA . ? A CA 187 ? 1_555 OE2 ? A GLU 81  ? A GLU 81  ? 1_555 146.5 ? 
25 O   ? A VAL 76  ? A VAL 76  ? 1_555 CA ? C CA . ? A CA 187 ? 1_555 OE2 ? A GLU 81  ? A GLU 81  ? 1_555 116.7 ? 
26 OD1 ? A ASP 70  ? A ASP 70  ? 1_555 CA ? C CA . ? A CA 187 ? 1_555 OE1 ? A GLU 81  ? A GLU 81  ? 1_555 108.3 ? 
27 OD1 ? A ASN 72  ? A ASN 72  ? 1_555 CA ? C CA . ? A CA 187 ? 1_555 OE1 ? A GLU 81  ? A GLU 81  ? 1_555 117.8 ? 
28 OD1 ? A ASP 74  ? A ASP 74  ? 1_555 CA ? C CA . ? A CA 187 ? 1_555 OE1 ? A GLU 81  ? A GLU 81  ? 1_555 165.8 ? 
29 O   ? A VAL 76  ? A VAL 76  ? 1_555 CA ? C CA . ? A CA 187 ? 1_555 OE1 ? A GLU 81  ? A GLU 81  ? 1_555 81.6  ? 
30 OE2 ? A GLU 81  ? A GLU 81  ? 1_555 CA ? C CA . ? A CA 187 ? 1_555 OE1 ? A GLU 81  ? A GLU 81  ? 1_555 45.1  ? 
31 OD1 ? A ASP 70  ? A ASP 70  ? 1_555 CA ? C CA . ? A CA 187 ? 1_555 O   ? E HOH .   ? A HOH 189 ? 1_555 170.1 ? 
32 OD1 ? A ASN 72  ? A ASN 72  ? 1_555 CA ? C CA . ? A CA 187 ? 1_555 O   ? E HOH .   ? A HOH 189 ? 1_555 96.7  ? 
33 OD1 ? A ASP 74  ? A ASP 74  ? 1_555 CA ? C CA . ? A CA 187 ? 1_555 O   ? E HOH .   ? A HOH 189 ? 1_555 86.7  ? 
34 O   ? A VAL 76  ? A VAL 76  ? 1_555 CA ? C CA . ? A CA 187 ? 1_555 O   ? E HOH .   ? A HOH 189 ? 1_555 100.0 ? 
35 OE2 ? A GLU 81  ? A GLU 81  ? 1_555 CA ? C CA . ? A CA 187 ? 1_555 O   ? E HOH .   ? A HOH 189 ? 1_555 101.7 ? 
36 OE1 ? A GLU 81  ? A GLU 81  ? 1_555 CA ? C CA . ? A CA 187 ? 1_555 O   ? E HOH .   ? A HOH 189 ? 1_555 81.3  ? 
37 OD1 ? A ASP 115 ? A ASP 115 ? 1_555 CA ? D CA . ? A CA 188 ? 1_555 OG  ? A SER 117 ? A SER 117 ? 1_555 92.2  ? 
38 OD1 ? A ASP 115 ? A ASP 115 ? 1_555 CA ? D CA . ? A CA 188 ? 1_555 OD1 ? A ASP 119 ? A ASP 119 ? 1_555 85.1  ? 
39 OG  ? A SER 117 ? A SER 117 ? 1_555 CA ? D CA . ? A CA 188 ? 1_555 OD1 ? A ASP 119 ? A ASP 119 ? 1_555 71.3  ? 
40 OD1 ? A ASP 115 ? A ASP 115 ? 1_555 CA ? D CA . ? A CA 188 ? 1_555 O   ? A ILE 121 ? A ILE 121 ? 1_555 84.3  ? 
41 OG  ? A SER 117 ? A SER 117 ? 1_555 CA ? D CA . ? A CA 188 ? 1_555 O   ? A ILE 121 ? A ILE 121 ? 1_555 154.5 ? 
42 OD1 ? A ASP 119 ? A ASP 119 ? 1_555 CA ? D CA . ? A CA 188 ? 1_555 O   ? A ILE 121 ? A ILE 121 ? 1_555 83.3  ? 
43 OD1 ? A ASP 115 ? A ASP 115 ? 1_555 CA ? D CA . ? A CA 188 ? 1_555 OE1 ? A GLU 126 ? A GLU 126 ? 1_555 116.7 ? 
44 OG  ? A SER 117 ? A SER 117 ? 1_555 CA ? D CA . ? A CA 188 ? 1_555 OE1 ? A GLU 126 ? A GLU 126 ? 1_555 123.2 ? 
45 OD1 ? A ASP 119 ? A ASP 119 ? 1_555 CA ? D CA . ? A CA 188 ? 1_555 OE1 ? A GLU 126 ? A GLU 126 ? 1_555 150.9 ? 
46 O   ? A ILE 121 ? A ILE 121 ? 1_555 CA ? D CA . ? A CA 188 ? 1_555 OE1 ? A GLU 126 ? A GLU 126 ? 1_555 80.3  ? 
47 OD1 ? A ASP 115 ? A ASP 115 ? 1_555 CA ? D CA . ? A CA 188 ? 1_555 OE2 ? A GLU 126 ? A GLU 126 ? 1_555 105.8 ? 
48 OG  ? A SER 117 ? A SER 117 ? 1_555 CA ? D CA . ? A CA 188 ? 1_555 OE2 ? A GLU 126 ? A GLU 126 ? 1_555 72.4  ? 
49 OD1 ? A ASP 119 ? A ASP 119 ? 1_555 CA ? D CA . ? A CA 188 ? 1_555 OE2 ? A GLU 126 ? A GLU 126 ? 1_555 142.4 ? 
50 O   ? A ILE 121 ? A ILE 121 ? 1_555 CA ? D CA . ? A CA 188 ? 1_555 OE2 ? A GLU 126 ? A GLU 126 ? 1_555 132.8 ? 
51 OE1 ? A GLU 126 ? A GLU 126 ? 1_555 CA ? D CA . ? A CA 188 ? 1_555 OE2 ? A GLU 126 ? A GLU 126 ? 1_555 53.7  ? 
# 
_pdbx_modification_feature.ordinal                            1 
_pdbx_modification_feature.label_comp_id                      CYS 
_pdbx_modification_feature.label_asym_id                      A 
_pdbx_modification_feature.label_seq_id                       131 
_pdbx_modification_feature.label_alt_id                       ? 
_pdbx_modification_feature.modified_residue_label_comp_id     CYS 
_pdbx_modification_feature.modified_residue_label_asym_id     A 
_pdbx_modification_feature.modified_residue_label_seq_id      138 
_pdbx_modification_feature.modified_residue_label_alt_id      ? 
_pdbx_modification_feature.auth_comp_id                       CYS 
_pdbx_modification_feature.auth_asym_id                       A 
_pdbx_modification_feature.auth_seq_id                        131 
_pdbx_modification_feature.PDB_ins_code                       ? 
_pdbx_modification_feature.symmetry                           1_555 
_pdbx_modification_feature.modified_residue_auth_comp_id      CYS 
_pdbx_modification_feature.modified_residue_auth_asym_id      A 
_pdbx_modification_feature.modified_residue_auth_seq_id       138 
_pdbx_modification_feature.modified_residue_PDB_ins_code      ? 
_pdbx_modification_feature.modified_residue_symmetry          1_555 
_pdbx_modification_feature.comp_id_linking_atom               SG 
_pdbx_modification_feature.modified_residue_id_linking_atom   SG 
_pdbx_modification_feature.modified_residue_id                . 
_pdbx_modification_feature.ref_pcm_id                         . 
_pdbx_modification_feature.ref_comp_id                        . 
_pdbx_modification_feature.type                               None 
_pdbx_modification_feature.category                           'Disulfide bridge' 
# 
_struct_sheet.id               A 
_struct_sheet.type             ? 
_struct_sheet.number_strands   2 
_struct_sheet.details          ? 
# 
_struct_sheet_order.sheet_id     A 
_struct_sheet_order.range_id_1   1 
_struct_sheet_order.range_id_2   2 
_struct_sheet_order.offset       ? 
_struct_sheet_order.sense        anti-parallel 
# 
loop_
_struct_sheet_range.sheet_id 
_struct_sheet_range.id 
_struct_sheet_range.beg_label_comp_id 
_struct_sheet_range.beg_label_asym_id 
_struct_sheet_range.beg_label_seq_id 
_struct_sheet_range.pdbx_beg_PDB_ins_code 
_struct_sheet_range.end_label_comp_id 
_struct_sheet_range.end_label_asym_id 
_struct_sheet_range.end_label_seq_id 
_struct_sheet_range.pdbx_end_PDB_ins_code 
_struct_sheet_range.beg_auth_comp_id 
_struct_sheet_range.beg_auth_asym_id 
_struct_sheet_range.beg_auth_seq_id 
_struct_sheet_range.end_auth_comp_id 
_struct_sheet_range.end_auth_asym_id 
_struct_sheet_range.end_auth_seq_id 
A 1 SER A 25 ? GLN A 27 ? SER A 25 GLN A 27 
A 2 VAL A 76 ? SER A 78 ? VAL A 76 SER A 78 
# 
loop_
_struct_site.id 
_struct_site.pdbx_evidence_code 
_struct_site.pdbx_auth_asym_id 
_struct_site.pdbx_auth_comp_id 
_struct_site.pdbx_auth_seq_id 
_struct_site.pdbx_auth_ins_code 
_struct_site.pdbx_num_residues 
_struct_site.details 
EF1 Unknown  ? ?  ?   ? 12 ?                                   
EF2 Unknown  ? ?  ?   ? 12 ?                                   
EF3 Unknown  ? ?  ?   ? 12 ?                                   
AC1 Software A CA 186 ? 5  'BINDING SITE FOR RESIDUE CA A 186' 
AC2 Software A CA 187 ? 6  'BINDING SITE FOR RESIDUE CA A 187' 
AC3 Software A CA 188 ? 5  'BINDING SITE FOR RESIDUE CA A 188' 
# 
loop_
_struct_site_gen.id 
_struct_site_gen.site_id 
_struct_site_gen.pdbx_num_res 
_struct_site_gen.label_comp_id 
_struct_site_gen.label_asym_id 
_struct_site_gen.label_seq_id 
_struct_site_gen.pdbx_auth_ins_code 
_struct_site_gen.auth_comp_id 
_struct_site_gen.auth_asym_id 
_struct_site_gen.auth_seq_id 
_struct_site_gen.label_atom_id 
_struct_site_gen.label_alt_id 
_struct_site_gen.symmetry 
_struct_site_gen.details 
1  EF1 12 ASP A 19  ? ASP A 19  . ? 1_555 ? 
2  EF1 12 MET A 20  ? MET A 20  . ? 1_555 ? 
3  EF1 12 ASN A 21  ? ASN A 21  . ? 1_555 ? 
4  EF1 12 HIS A 22  ? HIS A 22  . ? 1_555 ? 
5  EF1 12 ASP A 23  ? ASP A 23  . ? 1_555 ? 
6  EF1 12 GLY A 24  ? GLY A 24  . ? 1_555 ? 
7  EF1 12 SER A 25  ? SER A 25  . ? 1_555 ? 
8  EF1 12 ILE A 26  ? ILE A 26  . ? 1_555 ? 
9  EF1 12 GLN A 27  ? GLN A 27  . ? 1_555 ? 
10 EF1 12 ASP A 28  ? ASP A 28  . ? 1_555 ? 
11 EF1 12 ASN A 29  ? ASN A 29  . ? 1_555 ? 
12 EF1 12 ASP A 30  ? ASP A 30  . ? 1_555 ? 
13 EF2 12 ASP A 70  ? ASP A 70  . ? 1_555 ? 
14 EF2 12 ILE A 71  ? ILE A 71  . ? 1_555 ? 
15 EF2 12 ASN A 72  ? ASN A 72  . ? 1_555 ? 
16 EF2 12 LYS A 73  ? LYS A 73  . ? 1_555 ? 
17 EF2 12 ASP A 74  ? ASP A 74  . ? 1_555 ? 
18 EF2 12 ASP A 75  ? ASP A 75  . ? 1_555 ? 
19 EF2 12 VAL A 76  ? VAL A 76  . ? 1_555 ? 
20 EF2 12 VAL A 77  ? VAL A 77  . ? 1_555 ? 
21 EF2 12 SER A 78  ? SER A 78  . ? 1_555 ? 
22 EF2 12 TRP A 79  ? TRP A 79  . ? 1_555 ? 
23 EF2 12 GLU A 80  ? GLU A 80  . ? 1_555 ? 
24 EF2 12 GLU A 81  ? GLU A 81  . ? 1_555 ? 
25 EF3 12 ASP A 115 ? ASP A 115 . ? 1_555 ? 
26 EF3 12 VAL A 116 ? VAL A 116 . ? 1_555 ? 
27 EF3 12 SER A 117 ? SER A 117 . ? 1_555 ? 
28 EF3 12 GLY A 118 ? GLY A 118 . ? 1_555 ? 
29 EF3 12 ASP A 119 ? ASP A 119 . ? 1_555 ? 
30 EF3 12 GLY A 120 ? GLY A 120 . ? 1_555 ? 
31 EF3 12 ILE A 121 ? ILE A 121 . ? 1_555 ? 
32 EF3 12 VAL A 122 ? VAL A 122 . ? 1_555 ? 
33 EF3 12 ASP A 123 ? ASP A 123 . ? 1_555 ? 
34 EF3 12 LEU A 124 ? LEU A 124 . ? 1_555 ? 
35 EF3 12 GLU A 125 ? GLU A 125 . ? 1_555 ? 
36 EF3 12 GLU A 126 ? GLU A 126 . ? 1_555 ? 
37 AC1 5  ASP A 19  ? ASP A 19  . ? 1_555 ? 
38 AC1 5  ASN A 21  ? ASN A 21  . ? 1_555 ? 
39 AC1 5  ASP A 23  ? ASP A 23  . ? 1_555 ? 
40 AC1 5  SER A 25  ? SER A 25  . ? 1_555 ? 
41 AC1 5  ASP A 30  ? ASP A 30  . ? 1_555 ? 
42 AC2 6  ASP A 70  ? ASP A 70  . ? 1_555 ? 
43 AC2 6  ASN A 72  ? ASN A 72  . ? 1_555 ? 
44 AC2 6  ASP A 74  ? ASP A 74  . ? 1_555 ? 
45 AC2 6  VAL A 76  ? VAL A 76  . ? 1_555 ? 
46 AC2 6  GLU A 81  ? GLU A 81  . ? 1_555 ? 
47 AC2 6  HOH E .   ? HOH A 189 . ? 1_555 ? 
48 AC3 5  ASP A 115 ? ASP A 115 . ? 1_555 ? 
49 AC3 5  SER A 117 ? SER A 117 . ? 1_555 ? 
50 AC3 5  ASP A 119 ? ASP A 119 . ? 1_555 ? 
51 AC3 5  ILE A 121 ? ILE A 121 . ? 1_555 ? 
52 AC3 5  GLU A 126 ? GLU A 126 . ? 1_555 ? 
# 
_pdbx_entry_details.entry_id                   2SAS 
_pdbx_entry_details.compound_details           ? 
_pdbx_entry_details.source_details             ? 
_pdbx_entry_details.nonpolymer_details         ? 
_pdbx_entry_details.sequence_details           ? 
_pdbx_entry_details.has_ligand_of_interest     ? 
_pdbx_entry_details.has_protein_modification   Y 
# 
loop_
_pdbx_validate_rmsd_angle.id 
_pdbx_validate_rmsd_angle.PDB_model_num 
_pdbx_validate_rmsd_angle.auth_atom_id_1 
_pdbx_validate_rmsd_angle.auth_asym_id_1 
_pdbx_validate_rmsd_angle.auth_comp_id_1 
_pdbx_validate_rmsd_angle.auth_seq_id_1 
_pdbx_validate_rmsd_angle.PDB_ins_code_1 
_pdbx_validate_rmsd_angle.label_alt_id_1 
_pdbx_validate_rmsd_angle.auth_atom_id_2 
_pdbx_validate_rmsd_angle.auth_asym_id_2 
_pdbx_validate_rmsd_angle.auth_comp_id_2 
_pdbx_validate_rmsd_angle.auth_seq_id_2 
_pdbx_validate_rmsd_angle.PDB_ins_code_2 
_pdbx_validate_rmsd_angle.label_alt_id_2 
_pdbx_validate_rmsd_angle.auth_atom_id_3 
_pdbx_validate_rmsd_angle.auth_asym_id_3 
_pdbx_validate_rmsd_angle.auth_comp_id_3 
_pdbx_validate_rmsd_angle.auth_seq_id_3 
_pdbx_validate_rmsd_angle.PDB_ins_code_3 
_pdbx_validate_rmsd_angle.label_alt_id_3 
_pdbx_validate_rmsd_angle.angle_value 
_pdbx_validate_rmsd_angle.angle_target_value 
_pdbx_validate_rmsd_angle.angle_deviation 
_pdbx_validate_rmsd_angle.angle_standard_deviation 
_pdbx_validate_rmsd_angle.linker_flag 
1  1 CD A ARG 37  ? ? NE A ARG 37  ? ? CZ  A ARG 37  ? ? 132.33 123.60 8.73   1.40 N 
2  1 CA A GLU 40  ? ? CB A GLU 40  ? ? CG  A GLU 40  ? ? 136.59 113.40 23.19  2.20 N 
3  1 CB A ASP 70  ? ? CG A ASP 70  ? ? OD2 A ASP 70  ? ? 110.74 118.30 -7.56  0.90 N 
4  1 CA A LYS 88  ? ? CB A LYS 88  ? ? CG  A LYS 88  ? ? 127.53 113.40 14.13  2.20 N 
5  1 CB A ASP 119 ? ? CG A ASP 119 ? ? OD1 A ASP 119 ? ? 125.29 118.30 6.99   0.90 N 
6  1 CA A GLN 128 ? ? CB A GLN 128 ? ? CG  A GLN 128 ? ? 127.09 113.40 13.69  2.20 N 
7  1 CA A LYS 132 ? ? CB A LYS 132 ? ? CG  A LYS 132 ? ? 128.75 113.40 15.35  2.20 N 
8  1 N  A PHE 134 ? ? CA A PHE 134 ? ? C   A PHE 134 ? ? 91.60  111.00 -19.40 2.70 N 
9  1 CB A TYR 145 ? ? CG A TYR 145 ? ? CD2 A TYR 145 ? ? 126.05 121.00 5.05   0.60 N 
10 1 CB A TYR 145 ? ? CG A TYR 145 ? ? CD1 A TYR 145 ? ? 114.52 121.00 -6.48  0.60 N 
11 1 NE A ARG 160 ? ? CZ A ARG 160 ? ? NH1 A ARG 160 ? ? 113.77 120.30 -6.53  0.50 N 
12 1 NE A ARG 160 ? ? CZ A ARG 160 ? ? NH2 A ARG 160 ? ? 129.22 120.30 8.92   0.50 N 
# 
loop_
_pdbx_validate_torsion.id 
_pdbx_validate_torsion.PDB_model_num 
_pdbx_validate_torsion.auth_comp_id 
_pdbx_validate_torsion.auth_asym_id 
_pdbx_validate_torsion.auth_seq_id 
_pdbx_validate_torsion.PDB_ins_code 
_pdbx_validate_torsion.label_alt_id 
_pdbx_validate_torsion.phi 
_pdbx_validate_torsion.psi 
1 1 LEU A 18  ? ? -132.21 -45.82  
2 1 LYS A 43  ? ? 37.22   -126.97 
3 1 ASP A 75  ? ? 47.88   22.86   
4 1 THR A 92  ? ? -143.17 43.44   
5 1 ALA A 97  ? ? -56.82  -8.95   
6 1 LYS A 132 ? ? -90.39  -67.68  
7 1 PHE A 134 ? ? 161.87  109.23  
8 1 GLN A 135 ? ? -68.78  41.70   
# 
loop_
_chem_comp_atom.comp_id 
_chem_comp_atom.atom_id 
_chem_comp_atom.type_symbol 
_chem_comp_atom.pdbx_aromatic_flag 
_chem_comp_atom.pdbx_stereo_config 
_chem_comp_atom.pdbx_ordinal 
ALA N    N  N N 1   
ALA CA   C  N S 2   
ALA C    C  N N 3   
ALA O    O  N N 4   
ALA CB   C  N N 5   
ALA OXT  O  N N 6   
ALA H    H  N N 7   
ALA H2   H  N N 8   
ALA HA   H  N N 9   
ALA HB1  H  N N 10  
ALA HB2  H  N N 11  
ALA HB3  H  N N 12  
ALA HXT  H  N N 13  
ARG N    N  N N 14  
ARG CA   C  N S 15  
ARG C    C  N N 16  
ARG O    O  N N 17  
ARG CB   C  N N 18  
ARG CG   C  N N 19  
ARG CD   C  N N 20  
ARG NE   N  N N 21  
ARG CZ   C  N N 22  
ARG NH1  N  N N 23  
ARG NH2  N  N N 24  
ARG OXT  O  N N 25  
ARG H    H  N N 26  
ARG H2   H  N N 27  
ARG HA   H  N N 28  
ARG HB2  H  N N 29  
ARG HB3  H  N N 30  
ARG HG2  H  N N 31  
ARG HG3  H  N N 32  
ARG HD2  H  N N 33  
ARG HD3  H  N N 34  
ARG HE   H  N N 35  
ARG HH11 H  N N 36  
ARG HH12 H  N N 37  
ARG HH21 H  N N 38  
ARG HH22 H  N N 39  
ARG HXT  H  N N 40  
ASN N    N  N N 41  
ASN CA   C  N S 42  
ASN C    C  N N 43  
ASN O    O  N N 44  
ASN CB   C  N N 45  
ASN CG   C  N N 46  
ASN OD1  O  N N 47  
ASN ND2  N  N N 48  
ASN OXT  O  N N 49  
ASN H    H  N N 50  
ASN H2   H  N N 51  
ASN HA   H  N N 52  
ASN HB2  H  N N 53  
ASN HB3  H  N N 54  
ASN HD21 H  N N 55  
ASN HD22 H  N N 56  
ASN HXT  H  N N 57  
ASP N    N  N N 58  
ASP CA   C  N S 59  
ASP C    C  N N 60  
ASP O    O  N N 61  
ASP CB   C  N N 62  
ASP CG   C  N N 63  
ASP OD1  O  N N 64  
ASP OD2  O  N N 65  
ASP OXT  O  N N 66  
ASP H    H  N N 67  
ASP H2   H  N N 68  
ASP HA   H  N N 69  
ASP HB2  H  N N 70  
ASP HB3  H  N N 71  
ASP HD2  H  N N 72  
ASP HXT  H  N N 73  
CA  CA   CA N N 74  
CYS N    N  N N 75  
CYS CA   C  N R 76  
CYS C    C  N N 77  
CYS O    O  N N 78  
CYS CB   C  N N 79  
CYS SG   S  N N 80  
CYS OXT  O  N N 81  
CYS H    H  N N 82  
CYS H2   H  N N 83  
CYS HA   H  N N 84  
CYS HB2  H  N N 85  
CYS HB3  H  N N 86  
CYS HG   H  N N 87  
CYS HXT  H  N N 88  
GLN N    N  N N 89  
GLN CA   C  N S 90  
GLN C    C  N N 91  
GLN O    O  N N 92  
GLN CB   C  N N 93  
GLN CG   C  N N 94  
GLN CD   C  N N 95  
GLN OE1  O  N N 96  
GLN NE2  N  N N 97  
GLN OXT  O  N N 98  
GLN H    H  N N 99  
GLN H2   H  N N 100 
GLN HA   H  N N 101 
GLN HB2  H  N N 102 
GLN HB3  H  N N 103 
GLN HG2  H  N N 104 
GLN HG3  H  N N 105 
GLN HE21 H  N N 106 
GLN HE22 H  N N 107 
GLN HXT  H  N N 108 
GLU N    N  N N 109 
GLU CA   C  N S 110 
GLU C    C  N N 111 
GLU O    O  N N 112 
GLU CB   C  N N 113 
GLU CG   C  N N 114 
GLU CD   C  N N 115 
GLU OE1  O  N N 116 
GLU OE2  O  N N 117 
GLU OXT  O  N N 118 
GLU H    H  N N 119 
GLU H2   H  N N 120 
GLU HA   H  N N 121 
GLU HB2  H  N N 122 
GLU HB3  H  N N 123 
GLU HG2  H  N N 124 
GLU HG3  H  N N 125 
GLU HE2  H  N N 126 
GLU HXT  H  N N 127 
GLY N    N  N N 128 
GLY CA   C  N N 129 
GLY C    C  N N 130 
GLY O    O  N N 131 
GLY OXT  O  N N 132 
GLY H    H  N N 133 
GLY H2   H  N N 134 
GLY HA2  H  N N 135 
GLY HA3  H  N N 136 
GLY HXT  H  N N 137 
HIS N    N  N N 138 
HIS CA   C  N S 139 
HIS C    C  N N 140 
HIS O    O  N N 141 
HIS CB   C  N N 142 
HIS CG   C  Y N 143 
HIS ND1  N  Y N 144 
HIS CD2  C  Y N 145 
HIS CE1  C  Y N 146 
HIS NE2  N  Y N 147 
HIS OXT  O  N N 148 
HIS H    H  N N 149 
HIS H2   H  N N 150 
HIS HA   H  N N 151 
HIS HB2  H  N N 152 
HIS HB3  H  N N 153 
HIS HD1  H  N N 154 
HIS HD2  H  N N 155 
HIS HE1  H  N N 156 
HIS HE2  H  N N 157 
HIS HXT  H  N N 158 
HOH O    O  N N 159 
HOH H1   H  N N 160 
HOH H2   H  N N 161 
ILE N    N  N N 162 
ILE CA   C  N S 163 
ILE C    C  N N 164 
ILE O    O  N N 165 
ILE CB   C  N S 166 
ILE CG1  C  N N 167 
ILE CG2  C  N N 168 
ILE CD1  C  N N 169 
ILE OXT  O  N N 170 
ILE H    H  N N 171 
ILE H2   H  N N 172 
ILE HA   H  N N 173 
ILE HB   H  N N 174 
ILE HG12 H  N N 175 
ILE HG13 H  N N 176 
ILE HG21 H  N N 177 
ILE HG22 H  N N 178 
ILE HG23 H  N N 179 
ILE HD11 H  N N 180 
ILE HD12 H  N N 181 
ILE HD13 H  N N 182 
ILE HXT  H  N N 183 
LEU N    N  N N 184 
LEU CA   C  N S 185 
LEU C    C  N N 186 
LEU O    O  N N 187 
LEU CB   C  N N 188 
LEU CG   C  N N 189 
LEU CD1  C  N N 190 
LEU CD2  C  N N 191 
LEU OXT  O  N N 192 
LEU H    H  N N 193 
LEU H2   H  N N 194 
LEU HA   H  N N 195 
LEU HB2  H  N N 196 
LEU HB3  H  N N 197 
LEU HG   H  N N 198 
LEU HD11 H  N N 199 
LEU HD12 H  N N 200 
LEU HD13 H  N N 201 
LEU HD21 H  N N 202 
LEU HD22 H  N N 203 
LEU HD23 H  N N 204 
LEU HXT  H  N N 205 
LYS N    N  N N 206 
LYS CA   C  N S 207 
LYS C    C  N N 208 
LYS O    O  N N 209 
LYS CB   C  N N 210 
LYS CG   C  N N 211 
LYS CD   C  N N 212 
LYS CE   C  N N 213 
LYS NZ   N  N N 214 
LYS OXT  O  N N 215 
LYS H    H  N N 216 
LYS H2   H  N N 217 
LYS HA   H  N N 218 
LYS HB2  H  N N 219 
LYS HB3  H  N N 220 
LYS HG2  H  N N 221 
LYS HG3  H  N N 222 
LYS HD2  H  N N 223 
LYS HD3  H  N N 224 
LYS HE2  H  N N 225 
LYS HE3  H  N N 226 
LYS HZ1  H  N N 227 
LYS HZ2  H  N N 228 
LYS HZ3  H  N N 229 
LYS HXT  H  N N 230 
MET N    N  N N 231 
MET CA   C  N S 232 
MET C    C  N N 233 
MET O    O  N N 234 
MET CB   C  N N 235 
MET CG   C  N N 236 
MET SD   S  N N 237 
MET CE   C  N N 238 
MET OXT  O  N N 239 
MET H    H  N N 240 
MET H2   H  N N 241 
MET HA   H  N N 242 
MET HB2  H  N N 243 
MET HB3  H  N N 244 
MET HG2  H  N N 245 
MET HG3  H  N N 246 
MET HE1  H  N N 247 
MET HE2  H  N N 248 
MET HE3  H  N N 249 
MET HXT  H  N N 250 
PHE N    N  N N 251 
PHE CA   C  N S 252 
PHE C    C  N N 253 
PHE O    O  N N 254 
PHE CB   C  N N 255 
PHE CG   C  Y N 256 
PHE CD1  C  Y N 257 
PHE CD2  C  Y N 258 
PHE CE1  C  Y N 259 
PHE CE2  C  Y N 260 
PHE CZ   C  Y N 261 
PHE OXT  O  N N 262 
PHE H    H  N N 263 
PHE H2   H  N N 264 
PHE HA   H  N N 265 
PHE HB2  H  N N 266 
PHE HB3  H  N N 267 
PHE HD1  H  N N 268 
PHE HD2  H  N N 269 
PHE HE1  H  N N 270 
PHE HE2  H  N N 271 
PHE HZ   H  N N 272 
PHE HXT  H  N N 273 
PRO N    N  N N 274 
PRO CA   C  N S 275 
PRO C    C  N N 276 
PRO O    O  N N 277 
PRO CB   C  N N 278 
PRO CG   C  N N 279 
PRO CD   C  N N 280 
PRO OXT  O  N N 281 
PRO H    H  N N 282 
PRO HA   H  N N 283 
PRO HB2  H  N N 284 
PRO HB3  H  N N 285 
PRO HG2  H  N N 286 
PRO HG3  H  N N 287 
PRO HD2  H  N N 288 
PRO HD3  H  N N 289 
PRO HXT  H  N N 290 
SER N    N  N N 291 
SER CA   C  N S 292 
SER C    C  N N 293 
SER O    O  N N 294 
SER CB   C  N N 295 
SER OG   O  N N 296 
SER OXT  O  N N 297 
SER H    H  N N 298 
SER H2   H  N N 299 
SER HA   H  N N 300 
SER HB2  H  N N 301 
SER HB3  H  N N 302 
SER HG   H  N N 303 
SER HXT  H  N N 304 
THR N    N  N N 305 
THR CA   C  N S 306 
THR C    C  N N 307 
THR O    O  N N 308 
THR CB   C  N R 309 
THR OG1  O  N N 310 
THR CG2  C  N N 311 
THR OXT  O  N N 312 
THR H    H  N N 313 
THR H2   H  N N 314 
THR HA   H  N N 315 
THR HB   H  N N 316 
THR HG1  H  N N 317 
THR HG21 H  N N 318 
THR HG22 H  N N 319 
THR HG23 H  N N 320 
THR HXT  H  N N 321 
TRP N    N  N N 322 
TRP CA   C  N S 323 
TRP C    C  N N 324 
TRP O    O  N N 325 
TRP CB   C  N N 326 
TRP CG   C  Y N 327 
TRP CD1  C  Y N 328 
TRP CD2  C  Y N 329 
TRP NE1  N  Y N 330 
TRP CE2  C  Y N 331 
TRP CE3  C  Y N 332 
TRP CZ2  C  Y N 333 
TRP CZ3  C  Y N 334 
TRP CH2  C  Y N 335 
TRP OXT  O  N N 336 
TRP H    H  N N 337 
TRP H2   H  N N 338 
TRP HA   H  N N 339 
TRP HB2  H  N N 340 
TRP HB3  H  N N 341 
TRP HD1  H  N N 342 
TRP HE1  H  N N 343 
TRP HE3  H  N N 344 
TRP HZ2  H  N N 345 
TRP HZ3  H  N N 346 
TRP HH2  H  N N 347 
TRP HXT  H  N N 348 
TYR N    N  N N 349 
TYR CA   C  N S 350 
TYR C    C  N N 351 
TYR O    O  N N 352 
TYR CB   C  N N 353 
TYR CG   C  Y N 354 
TYR CD1  C  Y N 355 
TYR CD2  C  Y N 356 
TYR CE1  C  Y N 357 
TYR CE2  C  Y N 358 
TYR CZ   C  Y N 359 
TYR OH   O  N N 360 
TYR OXT  O  N N 361 
TYR H    H  N N 362 
TYR H2   H  N N 363 
TYR HA   H  N N 364 
TYR HB2  H  N N 365 
TYR HB3  H  N N 366 
TYR HD1  H  N N 367 
TYR HD2  H  N N 368 
TYR HE1  H  N N 369 
TYR HE2  H  N N 370 
TYR HH   H  N N 371 
TYR HXT  H  N N 372 
VAL N    N  N N 373 
VAL CA   C  N S 374 
VAL C    C  N N 375 
VAL O    O  N N 376 
VAL CB   C  N N 377 
VAL CG1  C  N N 378 
VAL CG2  C  N N 379 
VAL OXT  O  N N 380 
VAL H    H  N N 381 
VAL H2   H  N N 382 
VAL HA   H  N N 383 
VAL HB   H  N N 384 
VAL HG11 H  N N 385 
VAL HG12 H  N N 386 
VAL HG13 H  N N 387 
VAL HG21 H  N N 388 
VAL HG22 H  N N 389 
VAL HG23 H  N N 390 
VAL HXT  H  N N 391 
# 
loop_
_chem_comp_bond.comp_id 
_chem_comp_bond.atom_id_1 
_chem_comp_bond.atom_id_2 
_chem_comp_bond.value_order 
_chem_comp_bond.pdbx_aromatic_flag 
_chem_comp_bond.pdbx_stereo_config 
_chem_comp_bond.pdbx_ordinal 
ALA N   CA   sing N N 1   
ALA N   H    sing N N 2   
ALA N   H2   sing N N 3   
ALA CA  C    sing N N 4   
ALA CA  CB   sing N N 5   
ALA CA  HA   sing N N 6   
ALA C   O    doub N N 7   
ALA C   OXT  sing N N 8   
ALA CB  HB1  sing N N 9   
ALA CB  HB2  sing N N 10  
ALA CB  HB3  sing N N 11  
ALA OXT HXT  sing N N 12  
ARG N   CA   sing N N 13  
ARG N   H    sing N N 14  
ARG N   H2   sing N N 15  
ARG CA  C    sing N N 16  
ARG CA  CB   sing N N 17  
ARG CA  HA   sing N N 18  
ARG C   O    doub N N 19  
ARG C   OXT  sing N N 20  
ARG CB  CG   sing N N 21  
ARG CB  HB2  sing N N 22  
ARG CB  HB3  sing N N 23  
ARG CG  CD   sing N N 24  
ARG CG  HG2  sing N N 25  
ARG CG  HG3  sing N N 26  
ARG CD  NE   sing N N 27  
ARG CD  HD2  sing N N 28  
ARG CD  HD3  sing N N 29  
ARG NE  CZ   sing N N 30  
ARG NE  HE   sing N N 31  
ARG CZ  NH1  sing N N 32  
ARG CZ  NH2  doub N N 33  
ARG NH1 HH11 sing N N 34  
ARG NH1 HH12 sing N N 35  
ARG NH2 HH21 sing N N 36  
ARG NH2 HH22 sing N N 37  
ARG OXT HXT  sing N N 38  
ASN N   CA   sing N N 39  
ASN N   H    sing N N 40  
ASN N   H2   sing N N 41  
ASN CA  C    sing N N 42  
ASN CA  CB   sing N N 43  
ASN CA  HA   sing N N 44  
ASN C   O    doub N N 45  
ASN C   OXT  sing N N 46  
ASN CB  CG   sing N N 47  
ASN CB  HB2  sing N N 48  
ASN CB  HB3  sing N N 49  
ASN CG  OD1  doub N N 50  
ASN CG  ND2  sing N N 51  
ASN ND2 HD21 sing N N 52  
ASN ND2 HD22 sing N N 53  
ASN OXT HXT  sing N N 54  
ASP N   CA   sing N N 55  
ASP N   H    sing N N 56  
ASP N   H2   sing N N 57  
ASP CA  C    sing N N 58  
ASP CA  CB   sing N N 59  
ASP CA  HA   sing N N 60  
ASP C   O    doub N N 61  
ASP C   OXT  sing N N 62  
ASP CB  CG   sing N N 63  
ASP CB  HB2  sing N N 64  
ASP CB  HB3  sing N N 65  
ASP CG  OD1  doub N N 66  
ASP CG  OD2  sing N N 67  
ASP OD2 HD2  sing N N 68  
ASP OXT HXT  sing N N 69  
CYS N   CA   sing N N 70  
CYS N   H    sing N N 71  
CYS N   H2   sing N N 72  
CYS CA  C    sing N N 73  
CYS CA  CB   sing N N 74  
CYS CA  HA   sing N N 75  
CYS C   O    doub N N 76  
CYS C   OXT  sing N N 77  
CYS CB  SG   sing N N 78  
CYS CB  HB2  sing N N 79  
CYS CB  HB3  sing N N 80  
CYS SG  HG   sing N N 81  
CYS OXT HXT  sing N N 82  
GLN N   CA   sing N N 83  
GLN N   H    sing N N 84  
GLN N   H2   sing N N 85  
GLN CA  C    sing N N 86  
GLN CA  CB   sing N N 87  
GLN CA  HA   sing N N 88  
GLN C   O    doub N N 89  
GLN C   OXT  sing N N 90  
GLN CB  CG   sing N N 91  
GLN CB  HB2  sing N N 92  
GLN CB  HB3  sing N N 93  
GLN CG  CD   sing N N 94  
GLN CG  HG2  sing N N 95  
GLN CG  HG3  sing N N 96  
GLN CD  OE1  doub N N 97  
GLN CD  NE2  sing N N 98  
GLN NE2 HE21 sing N N 99  
GLN NE2 HE22 sing N N 100 
GLN OXT HXT  sing N N 101 
GLU N   CA   sing N N 102 
GLU N   H    sing N N 103 
GLU N   H2   sing N N 104 
GLU CA  C    sing N N 105 
GLU CA  CB   sing N N 106 
GLU CA  HA   sing N N 107 
GLU C   O    doub N N 108 
GLU C   OXT  sing N N 109 
GLU CB  CG   sing N N 110 
GLU CB  HB2  sing N N 111 
GLU CB  HB3  sing N N 112 
GLU CG  CD   sing N N 113 
GLU CG  HG2  sing N N 114 
GLU CG  HG3  sing N N 115 
GLU CD  OE1  doub N N 116 
GLU CD  OE2  sing N N 117 
GLU OE2 HE2  sing N N 118 
GLU OXT HXT  sing N N 119 
GLY N   CA   sing N N 120 
GLY N   H    sing N N 121 
GLY N   H2   sing N N 122 
GLY CA  C    sing N N 123 
GLY CA  HA2  sing N N 124 
GLY CA  HA3  sing N N 125 
GLY C   O    doub N N 126 
GLY C   OXT  sing N N 127 
GLY OXT HXT  sing N N 128 
HIS N   CA   sing N N 129 
HIS N   H    sing N N 130 
HIS N   H2   sing N N 131 
HIS CA  C    sing N N 132 
HIS CA  CB   sing N N 133 
HIS CA  HA   sing N N 134 
HIS C   O    doub N N 135 
HIS C   OXT  sing N N 136 
HIS CB  CG   sing N N 137 
HIS CB  HB2  sing N N 138 
HIS CB  HB3  sing N N 139 
HIS CG  ND1  sing Y N 140 
HIS CG  CD2  doub Y N 141 
HIS ND1 CE1  doub Y N 142 
HIS ND1 HD1  sing N N 143 
HIS CD2 NE2  sing Y N 144 
HIS CD2 HD2  sing N N 145 
HIS CE1 NE2  sing Y N 146 
HIS CE1 HE1  sing N N 147 
HIS NE2 HE2  sing N N 148 
HIS OXT HXT  sing N N 149 
HOH O   H1   sing N N 150 
HOH O   H2   sing N N 151 
ILE N   CA   sing N N 152 
ILE N   H    sing N N 153 
ILE N   H2   sing N N 154 
ILE CA  C    sing N N 155 
ILE CA  CB   sing N N 156 
ILE CA  HA   sing N N 157 
ILE C   O    doub N N 158 
ILE C   OXT  sing N N 159 
ILE CB  CG1  sing N N 160 
ILE CB  CG2  sing N N 161 
ILE CB  HB   sing N N 162 
ILE CG1 CD1  sing N N 163 
ILE CG1 HG12 sing N N 164 
ILE CG1 HG13 sing N N 165 
ILE CG2 HG21 sing N N 166 
ILE CG2 HG22 sing N N 167 
ILE CG2 HG23 sing N N 168 
ILE CD1 HD11 sing N N 169 
ILE CD1 HD12 sing N N 170 
ILE CD1 HD13 sing N N 171 
ILE OXT HXT  sing N N 172 
LEU N   CA   sing N N 173 
LEU N   H    sing N N 174 
LEU N   H2   sing N N 175 
LEU CA  C    sing N N 176 
LEU CA  CB   sing N N 177 
LEU CA  HA   sing N N 178 
LEU C   O    doub N N 179 
LEU C   OXT  sing N N 180 
LEU CB  CG   sing N N 181 
LEU CB  HB2  sing N N 182 
LEU CB  HB3  sing N N 183 
LEU CG  CD1  sing N N 184 
LEU CG  CD2  sing N N 185 
LEU CG  HG   sing N N 186 
LEU CD1 HD11 sing N N 187 
LEU CD1 HD12 sing N N 188 
LEU CD1 HD13 sing N N 189 
LEU CD2 HD21 sing N N 190 
LEU CD2 HD22 sing N N 191 
LEU CD2 HD23 sing N N 192 
LEU OXT HXT  sing N N 193 
LYS N   CA   sing N N 194 
LYS N   H    sing N N 195 
LYS N   H2   sing N N 196 
LYS CA  C    sing N N 197 
LYS CA  CB   sing N N 198 
LYS CA  HA   sing N N 199 
LYS C   O    doub N N 200 
LYS C   OXT  sing N N 201 
LYS CB  CG   sing N N 202 
LYS CB  HB2  sing N N 203 
LYS CB  HB3  sing N N 204 
LYS CG  CD   sing N N 205 
LYS CG  HG2  sing N N 206 
LYS CG  HG3  sing N N 207 
LYS CD  CE   sing N N 208 
LYS CD  HD2  sing N N 209 
LYS CD  HD3  sing N N 210 
LYS CE  NZ   sing N N 211 
LYS CE  HE2  sing N N 212 
LYS CE  HE3  sing N N 213 
LYS NZ  HZ1  sing N N 214 
LYS NZ  HZ2  sing N N 215 
LYS NZ  HZ3  sing N N 216 
LYS OXT HXT  sing N N 217 
MET N   CA   sing N N 218 
MET N   H    sing N N 219 
MET N   H2   sing N N 220 
MET CA  C    sing N N 221 
MET CA  CB   sing N N 222 
MET CA  HA   sing N N 223 
MET C   O    doub N N 224 
MET C   OXT  sing N N 225 
MET CB  CG   sing N N 226 
MET CB  HB2  sing N N 227 
MET CB  HB3  sing N N 228 
MET CG  SD   sing N N 229 
MET CG  HG2  sing N N 230 
MET CG  HG3  sing N N 231 
MET SD  CE   sing N N 232 
MET CE  HE1  sing N N 233 
MET CE  HE2  sing N N 234 
MET CE  HE3  sing N N 235 
MET OXT HXT  sing N N 236 
PHE N   CA   sing N N 237 
PHE N   H    sing N N 238 
PHE N   H2   sing N N 239 
PHE CA  C    sing N N 240 
PHE CA  CB   sing N N 241 
PHE CA  HA   sing N N 242 
PHE C   O    doub N N 243 
PHE C   OXT  sing N N 244 
PHE CB  CG   sing N N 245 
PHE CB  HB2  sing N N 246 
PHE CB  HB3  sing N N 247 
PHE CG  CD1  doub Y N 248 
PHE CG  CD2  sing Y N 249 
PHE CD1 CE1  sing Y N 250 
PHE CD1 HD1  sing N N 251 
PHE CD2 CE2  doub Y N 252 
PHE CD2 HD2  sing N N 253 
PHE CE1 CZ   doub Y N 254 
PHE CE1 HE1  sing N N 255 
PHE CE2 CZ   sing Y N 256 
PHE CE2 HE2  sing N N 257 
PHE CZ  HZ   sing N N 258 
PHE OXT HXT  sing N N 259 
PRO N   CA   sing N N 260 
PRO N   CD   sing N N 261 
PRO N   H    sing N N 262 
PRO CA  C    sing N N 263 
PRO CA  CB   sing N N 264 
PRO CA  HA   sing N N 265 
PRO C   O    doub N N 266 
PRO C   OXT  sing N N 267 
PRO CB  CG   sing N N 268 
PRO CB  HB2  sing N N 269 
PRO CB  HB3  sing N N 270 
PRO CG  CD   sing N N 271 
PRO CG  HG2  sing N N 272 
PRO CG  HG3  sing N N 273 
PRO CD  HD2  sing N N 274 
PRO CD  HD3  sing N N 275 
PRO OXT HXT  sing N N 276 
SER N   CA   sing N N 277 
SER N   H    sing N N 278 
SER N   H2   sing N N 279 
SER CA  C    sing N N 280 
SER CA  CB   sing N N 281 
SER CA  HA   sing N N 282 
SER C   O    doub N N 283 
SER C   OXT  sing N N 284 
SER CB  OG   sing N N 285 
SER CB  HB2  sing N N 286 
SER CB  HB3  sing N N 287 
SER OG  HG   sing N N 288 
SER OXT HXT  sing N N 289 
THR N   CA   sing N N 290 
THR N   H    sing N N 291 
THR N   H2   sing N N 292 
THR CA  C    sing N N 293 
THR CA  CB   sing N N 294 
THR CA  HA   sing N N 295 
THR C   O    doub N N 296 
THR C   OXT  sing N N 297 
THR CB  OG1  sing N N 298 
THR CB  CG2  sing N N 299 
THR CB  HB   sing N N 300 
THR OG1 HG1  sing N N 301 
THR CG2 HG21 sing N N 302 
THR CG2 HG22 sing N N 303 
THR CG2 HG23 sing N N 304 
THR OXT HXT  sing N N 305 
TRP N   CA   sing N N 306 
TRP N   H    sing N N 307 
TRP N   H2   sing N N 308 
TRP CA  C    sing N N 309 
TRP CA  CB   sing N N 310 
TRP CA  HA   sing N N 311 
TRP C   O    doub N N 312 
TRP C   OXT  sing N N 313 
TRP CB  CG   sing N N 314 
TRP CB  HB2  sing N N 315 
TRP CB  HB3  sing N N 316 
TRP CG  CD1  doub Y N 317 
TRP CG  CD2  sing Y N 318 
TRP CD1 NE1  sing Y N 319 
TRP CD1 HD1  sing N N 320 
TRP CD2 CE2  doub Y N 321 
TRP CD2 CE3  sing Y N 322 
TRP NE1 CE2  sing Y N 323 
TRP NE1 HE1  sing N N 324 
TRP CE2 CZ2  sing Y N 325 
TRP CE3 CZ3  doub Y N 326 
TRP CE3 HE3  sing N N 327 
TRP CZ2 CH2  doub Y N 328 
TRP CZ2 HZ2  sing N N 329 
TRP CZ3 CH2  sing Y N 330 
TRP CZ3 HZ3  sing N N 331 
TRP CH2 HH2  sing N N 332 
TRP OXT HXT  sing N N 333 
TYR N   CA   sing N N 334 
TYR N   H    sing N N 335 
TYR N   H2   sing N N 336 
TYR CA  C    sing N N 337 
TYR CA  CB   sing N N 338 
TYR CA  HA   sing N N 339 
TYR C   O    doub N N 340 
TYR C   OXT  sing N N 341 
TYR CB  CG   sing N N 342 
TYR CB  HB2  sing N N 343 
TYR CB  HB3  sing N N 344 
TYR CG  CD1  doub Y N 345 
TYR CG  CD2  sing Y N 346 
TYR CD1 CE1  sing Y N 347 
TYR CD1 HD1  sing N N 348 
TYR CD2 CE2  doub Y N 349 
TYR CD2 HD2  sing N N 350 
TYR CE1 CZ   doub Y N 351 
TYR CE1 HE1  sing N N 352 
TYR CE2 CZ   sing Y N 353 
TYR CE2 HE2  sing N N 354 
TYR CZ  OH   sing N N 355 
TYR OH  HH   sing N N 356 
TYR OXT HXT  sing N N 357 
VAL N   CA   sing N N 358 
VAL N   H    sing N N 359 
VAL N   H2   sing N N 360 
VAL CA  C    sing N N 361 
VAL CA  CB   sing N N 362 
VAL CA  HA   sing N N 363 
VAL C   O    doub N N 364 
VAL C   OXT  sing N N 365 
VAL CB  CG1  sing N N 366 
VAL CB  CG2  sing N N 367 
VAL CB  HB   sing N N 368 
VAL CG1 HG11 sing N N 369 
VAL CG1 HG12 sing N N 370 
VAL CG1 HG13 sing N N 371 
VAL CG2 HG21 sing N N 372 
VAL CG2 HG22 sing N N 373 
VAL CG2 HG23 sing N N 374 
VAL OXT HXT  sing N N 375 
# 
_atom_sites.entry_id                    2SAS 
_atom_sites.fract_transf_matrix[1][1]   0.00705833 
_atom_sites.fract_transf_matrix[1][2]   0.01499976 
_atom_sites.fract_transf_matrix[1][3]   -0.00259269 
_atom_sites.fract_transf_matrix[2][1]   -0.00840629 
_atom_sites.fract_transf_matrix[2][2]   0.00246320 
_atom_sites.fract_transf_matrix[2][3]   -0.00863464 
_atom_sites.fract_transf_matrix[3][1]   -0.00724057 
_atom_sites.fract_transf_matrix[3][2]   0.00486547 
_atom_sites.fract_transf_matrix[3][3]   0.00843705 
_atom_sites.fract_transf_vector[1]      0.257839 
_atom_sites.fract_transf_vector[2]      0.096119 
_atom_sites.fract_transf_vector[3]      0.252561 
# 
loop_
_atom_type.symbol 
C  
CA 
N  
O  
S  
# 
loop_
_atom_site.group_PDB 
_atom_site.id 
_atom_site.type_symbol 
_atom_site.label_atom_id 
_atom_site.label_alt_id 
_atom_site.label_comp_id 
_atom_site.label_asym_id 
_atom_site.label_entity_id 
_atom_site.label_seq_id 
_atom_site.pdbx_PDB_ins_code 
_atom_site.Cartn_x 
_atom_site.Cartn_y 
_atom_site.Cartn_z 
_atom_site.occupancy 
_atom_site.B_iso_or_equiv 
_atom_site.pdbx_formal_charge 
_atom_site.auth_seq_id 
_atom_site.auth_comp_id 
_atom_site.auth_asym_id 
_atom_site.auth_atom_id 
_atom_site.pdbx_PDB_model_num 
ATOM   1    N  N   . GLY A 1 1   ? 3.961   5.960   22.173  1.00 23.16 ? 1   GLY A N   1 
ATOM   2    C  CA  . GLY A 1 1   ? 3.368   6.542   20.960  1.00 23.71 ? 1   GLY A CA  1 
ATOM   3    C  C   . GLY A 1 1   ? 4.081   5.981   19.732  1.00 23.49 ? 1   GLY A C   1 
ATOM   4    O  O   . GLY A 1 1   ? 4.683   4.884   19.717  1.00 25.75 ? 1   GLY A O   1 
ATOM   5    N  N   . LEU A 1 2   ? 4.048   6.748   18.679  1.00 21.01 ? 2   LEU A N   1 
ATOM   6    C  CA  . LEU A 1 2   ? 4.771   6.286   17.448  1.00 19.42 ? 2   LEU A CA  1 
ATOM   7    C  C   . LEU A 1 2   ? 5.847   7.342   17.347  1.00 19.18 ? 2   LEU A C   1 
ATOM   8    O  O   . LEU A 1 2   ? 5.551   8.443   17.853  1.00 20.87 ? 2   LEU A O   1 
ATOM   9    C  CB  . LEU A 1 2   ? 3.694   6.160   16.408  1.00 16.84 ? 2   LEU A CB  1 
ATOM   10   C  CG  . LEU A 1 2   ? 3.264   4.856   15.809  1.00 15.81 ? 2   LEU A CG  1 
ATOM   11   C  CD1 . LEU A 1 2   ? 3.095   3.681   16.714  1.00 14.40 ? 2   LEU A CD1 1 
ATOM   12   C  CD2 . LEU A 1 2   ? 1.916   5.156   15.125  1.00 19.76 ? 2   LEU A CD2 1 
ATOM   13   N  N   . ASN A 1 3   ? 7.029   7.121   16.815  1.00 18.80 ? 3   ASN A N   1 
ATOM   14   C  CA  . ASN A 1 3   ? 7.984   8.279   16.736  1.00 15.48 ? 3   ASN A CA  1 
ATOM   15   C  C   . ASN A 1 3   ? 7.626   9.010   15.451  1.00 16.17 ? 3   ASN A C   1 
ATOM   16   O  O   . ASN A 1 3   ? 6.714   8.567   14.693  1.00 16.95 ? 3   ASN A O   1 
ATOM   17   C  CB  . ASN A 1 3   ? 9.388   7.755   16.887  1.00 17.08 ? 3   ASN A CB  1 
ATOM   18   C  CG  . ASN A 1 3   ? 9.832   6.732   15.841  1.00 17.35 ? 3   ASN A CG  1 
ATOM   19   O  OD1 . ASN A 1 3   ? 9.222   6.631   14.785  1.00 17.81 ? 3   ASN A OD1 1 
ATOM   20   N  ND2 . ASN A 1 3   ? 10.889  5.980   16.105  1.00 16.54 ? 3   ASN A ND2 1 
ATOM   21   N  N   . ASP A 1 4   ? 8.354   10.072  15.178  1.00 15.93 ? 4   ASP A N   1 
ATOM   22   C  CA  . ASP A 1 4   ? 8.189   10.953  14.047  1.00 16.18 ? 4   ASP A CA  1 
ATOM   23   C  C   . ASP A 1 4   ? 8.212   10.129  12.731  1.00 16.01 ? 4   ASP A C   1 
ATOM   24   O  O   . ASP A 1 4   ? 7.249   10.203  11.981  1.00 15.11 ? 4   ASP A O   1 
ATOM   25   C  CB  . ASP A 1 4   ? 9.180   12.102  14.032  1.00 16.35 ? 4   ASP A CB  1 
ATOM   26   C  CG  . ASP A 1 4   ? 8.920   13.194  15.046  1.00 18.90 ? 4   ASP A CG  1 
ATOM   27   O  OD1 . ASP A 1 4   ? 7.898   13.163  15.706  1.00 19.72 ? 4   ASP A OD1 1 
ATOM   28   O  OD2 . ASP A 1 4   ? 9.776   14.099  15.240  1.00 21.61 ? 4   ASP A OD2 1 
ATOM   29   N  N   . PHE A 1 5   ? 9.290   9.410   12.571  1.00 15.57 ? 5   PHE A N   1 
ATOM   30   C  CA  . PHE A 1 5   ? 9.594   8.534   11.460  1.00 15.84 ? 5   PHE A CA  1 
ATOM   31   C  C   . PHE A 1 5   ? 8.421   7.603   11.152  1.00 17.03 ? 5   PHE A C   1 
ATOM   32   O  O   . PHE A 1 5   ? 8.004   7.499   9.990   1.00 16.22 ? 5   PHE A O   1 
ATOM   33   C  CB  . PHE A 1 5   ? 10.879  7.719   11.664  1.00 14.27 ? 5   PHE A CB  1 
ATOM   34   C  CG  . PHE A 1 5   ? 11.218  6.871   10.484  1.00 14.74 ? 5   PHE A CG  1 
ATOM   35   C  CD1 . PHE A 1 5   ? 11.444  7.456   9.236   1.00 14.82 ? 5   PHE A CD1 1 
ATOM   36   C  CD2 . PHE A 1 5   ? 11.269  5.471   10.630  1.00 13.61 ? 5   PHE A CD2 1 
ATOM   37   C  CE1 . PHE A 1 5   ? 11.721  6.628   8.112   1.00 14.28 ? 5   PHE A CE1 1 
ATOM   38   C  CE2 . PHE A 1 5   ? 11.590  4.672   9.551   1.00 12.95 ? 5   PHE A CE2 1 
ATOM   39   C  CZ  . PHE A 1 5   ? 11.849  5.237   8.309   1.00 11.68 ? 5   PHE A CZ  1 
ATOM   40   N  N   . GLN A 1 6   ? 7.946   6.943   12.220  1.00 16.41 ? 6   GLN A N   1 
ATOM   41   C  CA  . GLN A 1 6   ? 6.820   6.043   12.061  1.00 17.23 ? 6   GLN A CA  1 
ATOM   42   C  C   . GLN A 1 6   ? 5.605   6.766   11.482  1.00 17.97 ? 6   GLN A C   1 
ATOM   43   O  O   . GLN A 1 6   ? 4.923   6.273   10.587  1.00 17.72 ? 6   GLN A O   1 
ATOM   44   C  CB  . GLN A 1 6   ? 6.423   5.358   13.394  1.00 17.11 ? 6   GLN A CB  1 
ATOM   45   C  CG  . GLN A 1 6   ? 7.467   4.314   13.772  1.00 15.77 ? 6   GLN A CG  1 
ATOM   46   C  CD  . GLN A 1 6   ? 7.063   3.588   15.040  1.00 16.86 ? 6   GLN A CD  1 
ATOM   47   O  OE1 . GLN A 1 6   ? 6.876   2.378   15.039  1.00 15.28 ? 6   GLN A OE1 1 
ATOM   48   N  NE2 . GLN A 1 6   ? 7.011   4.406   16.113  1.00 14.72 ? 6   GLN A NE2 1 
ATOM   49   N  N   . LYS A 1 7   ? 5.317   7.935   12.035  1.00 19.30 ? 7   LYS A N   1 
ATOM   50   C  CA  . LYS A 1 7   ? 4.183   8.762   11.676  1.00 19.59 ? 7   LYS A CA  1 
ATOM   51   C  C   . LYS A 1 7   ? 4.282   9.309   10.264  1.00 19.19 ? 7   LYS A C   1 
ATOM   52   O  O   . LYS A 1 7   ? 3.224   9.528   9.621   1.00 19.57 ? 7   LYS A O   1 
ATOM   53   C  CB  . LYS A 1 7   ? 3.908   9.884   12.685  1.00 21.27 ? 7   LYS A CB  1 
ATOM   54   C  CG  . LYS A 1 7   ? 3.205   9.295   13.915  1.00 22.62 ? 7   LYS A CG  1 
ATOM   55   C  CD  . LYS A 1 7   ? 3.588   9.981   15.207  1.00 23.09 ? 7   LYS A CD  1 
ATOM   56   C  CE  . LYS A 1 7   ? 3.438   11.477  15.123  1.00 25.45 ? 7   LYS A CE  1 
ATOM   57   N  NZ  . LYS A 1 7   ? 4.081   12.094  16.337  1.00 27.72 ? 7   LYS A NZ  1 
ATOM   58   N  N   . GLN A 1 8   ? 5.493   9.488   9.844   1.00 18.32 ? 8   GLN A N   1 
ATOM   59   C  CA  . GLN A 1 8   ? 5.823   9.984   8.488   1.00 18.66 ? 8   GLN A CA  1 
ATOM   60   C  C   . GLN A 1 8   ? 5.393   8.951   7.432   1.00 17.55 ? 8   GLN A C   1 
ATOM   61   O  O   . GLN A 1 8   ? 4.768   9.320   6.409   1.00 18.05 ? 8   GLN A O   1 
ATOM   62   C  CB  . GLN A 1 8   ? 7.296   10.255  8.407   1.00 20.55 ? 8   GLN A CB  1 
ATOM   63   C  CG  . GLN A 1 8   ? 7.889   11.048  7.294   1.00 25.05 ? 8   GLN A CG  1 
ATOM   64   C  CD  . GLN A 1 8   ? 9.424   11.030  7.330   1.00 29.26 ? 8   GLN A CD  1 
ATOM   65   O  OE1 . GLN A 1 8   ? 10.089  11.256  8.351   1.00 28.61 ? 8   GLN A OE1 1 
ATOM   66   N  NE2 . GLN A 1 8   ? 9.932   10.746  6.129   1.00 29.42 ? 8   GLN A NE2 1 
ATOM   67   N  N   . LYS A 1 9   ? 5.721   7.706   7.672   1.00 16.35 ? 9   LYS A N   1 
ATOM   68   C  CA  . LYS A 1 9   ? 5.454   6.561   6.798   1.00 15.48 ? 9   LYS A CA  1 
ATOM   69   C  C   . LYS A 1 9   ? 3.985   6.233   6.879   1.00 16.36 ? 9   LYS A C   1 
ATOM   70   O  O   . LYS A 1 9   ? 3.430   5.780   5.870   1.00 18.09 ? 9   LYS A O   1 
ATOM   71   C  CB  . LYS A 1 9   ? 6.298   5.311   7.085   1.00 14.48 ? 9   LYS A CB  1 
ATOM   72   C  CG  . LYS A 1 9   ? 7.788   5.653   7.287   1.00 11.16 ? 9   LYS A CG  1 
ATOM   73   C  CD  . LYS A 1 9   ? 8.608   4.431   7.608   1.00 15.75 ? 9   LYS A CD  1 
ATOM   74   C  CE  . LYS A 1 9   ? 8.026   3.639   8.787   1.00 18.69 ? 9   LYS A CE  1 
ATOM   75   N  NZ  . LYS A 1 9   ? 8.901   2.582   9.295   1.00 16.50 ? 9   LYS A NZ  1 
ATOM   76   N  N   . ILE A 1 10  ? 3.391   6.401   8.055   1.00 16.68 ? 10  ILE A N   1 
ATOM   77   C  CA  . ILE A 1 10  ? 1.933   6.181   8.166   1.00 16.41 ? 10  ILE A CA  1 
ATOM   78   C  C   . ILE A 1 10  ? 1.209   7.232   7.303   1.00 15.44 ? 10  ILE A C   1 
ATOM   79   O  O   . ILE A 1 10  ? 0.282   6.956   6.533   1.00 15.65 ? 10  ILE A O   1 
ATOM   80   C  CB  . ILE A 1 10  ? 1.429   6.051   9.622   1.00 14.66 ? 10  ILE A CB  1 
ATOM   81   C  CG1 . ILE A 1 10  ? 1.973   4.701   10.229  1.00 18.05 ? 10  ILE A CG1 1 
ATOM   82   C  CG2 . ILE A 1 10  ? -0.113  5.961   9.593   1.00 12.76 ? 10  ILE A CG2 1 
ATOM   83   C  CD1 . ILE A 1 10  ? 2.132   4.668   11.768  1.00 16.89 ? 10  ILE A CD1 1 
ATOM   84   N  N   . LYS A 1 11  ? 1.650   8.464   7.373   1.00 15.15 ? 11  LYS A N   1 
ATOM   85   C  CA  . LYS A 1 11  ? 1.049   9.526   6.547   1.00 16.86 ? 11  LYS A CA  1 
ATOM   86   C  C   . LYS A 1 11  ? 1.178   9.063   5.088   1.00 17.83 ? 11  LYS A C   1 
ATOM   87   O  O   . LYS A 1 11  ? 0.206   9.062   4.320   1.00 18.78 ? 11  LYS A O   1 
ATOM   88   C  CB  . LYS A 1 11  ? 1.640   10.877  6.823   1.00 15.92 ? 11  LYS A CB  1 
ATOM   89   C  CG  . LYS A 1 11  ? 0.900   12.086  6.208   1.00 17.20 ? 11  LYS A CG  1 
ATOM   90   C  CD  . LYS A 1 11  ? -0.620  11.990  6.435   1.00 14.40 ? 11  LYS A CD  1 
ATOM   91   C  CE  . LYS A 1 11  ? -1.238  13.351  6.202   1.00 17.68 ? 11  LYS A CE  1 
ATOM   92   N  NZ  . LYS A 1 11  ? -1.303  13.652  4.733   1.00 17.69 ? 11  LYS A NZ  1 
ATOM   93   N  N   . PHE A 1 12  ? 2.392   8.621   4.728   1.00 17.40 ? 12  PHE A N   1 
ATOM   94   C  CA  . PHE A 1 12  ? 2.700   8.116   3.404   1.00 16.08 ? 12  PHE A CA  1 
ATOM   95   C  C   . PHE A 1 12  ? 1.660   7.148   2.905   1.00 15.77 ? 12  PHE A C   1 
ATOM   96   O  O   . PHE A 1 12  ? 1.161   7.358   1.780   1.00 17.65 ? 12  PHE A O   1 
ATOM   97   C  CB  . PHE A 1 12  ? 4.097   7.546   3.264   1.00 16.06 ? 12  PHE A CB  1 
ATOM   98   C  CG  . PHE A 1 12  ? 4.491   7.097   1.889   1.00 15.84 ? 12  PHE A CG  1 
ATOM   99   C  CD1 . PHE A 1 12  ? 4.232   5.812   1.452   1.00 14.70 ? 12  PHE A CD1 1 
ATOM   100  C  CD2 . PHE A 1 12  ? 5.146   8.006   1.040   1.00 16.83 ? 12  PHE A CD2 1 
ATOM   101  C  CE1 . PHE A 1 12  ? 4.646   5.395   0.176   1.00 15.86 ? 12  PHE A CE1 1 
ATOM   102  C  CE2 . PHE A 1 12  ? 5.570   7.593   -0.231  1.00 15.65 ? 12  PHE A CE2 1 
ATOM   103  C  CZ  . PHE A 1 12  ? 5.321   6.293   -0.656  1.00 14.47 ? 12  PHE A CZ  1 
ATOM   104  N  N   . THR A 1 13  ? 1.339   6.112   3.619   1.00 16.36 ? 13  THR A N   1 
ATOM   105  C  CA  . THR A 1 13  ? 0.290   5.148   3.170   1.00 16.99 ? 13  THR A CA  1 
ATOM   106  C  C   . THR A 1 13  ? -1.087  5.761   3.133   1.00 19.36 ? 13  THR A C   1 
ATOM   107  O  O   . THR A 1 13  ? -1.980  5.368   2.308   1.00 21.96 ? 13  THR A O   1 
ATOM   108  C  CB  . THR A 1 13  ? 0.364   3.875   4.095   1.00 16.48 ? 13  THR A CB  1 
ATOM   109  O  OG1 . THR A 1 13  ? -0.125  4.281   5.405   1.00 17.27 ? 13  THR A OG1 1 
ATOM   110  C  CG2 . THR A 1 13  ? 1.795   3.336   4.234   1.00 17.40 ? 13  THR A CG2 1 
ATOM   111  N  N   . PHE A 1 14  ? -1.379  6.718   4.013   1.00 18.50 ? 14  PHE A N   1 
ATOM   112  C  CA  . PHE A 1 14  ? -2.745  7.318   4.024   1.00 17.57 ? 14  PHE A CA  1 
ATOM   113  C  C   . PHE A 1 14  ? -2.902  7.937   2.639   1.00 18.43 ? 14  PHE A C   1 
ATOM   114  O  O   . PHE A 1 14  ? -3.780  7.599   1.855   1.00 18.04 ? 14  PHE A O   1 
ATOM   115  C  CB  . PHE A 1 14  ? -2.882  8.309   5.184   1.00 17.02 ? 14  PHE A CB  1 
ATOM   116  C  CG  . PHE A 1 14  ? -4.187  8.978   5.450   1.00 13.64 ? 14  PHE A CG  1 
ATOM   117  C  CD1 . PHE A 1 14  ? -5.195  8.358   6.196   1.00 14.23 ? 14  PHE A CD1 1 
ATOM   118  C  CD2 . PHE A 1 14  ? -4.442  10.246  4.960   1.00 14.94 ? 14  PHE A CD2 1 
ATOM   119  C  CE1 . PHE A 1 14  ? -6.432  8.968   6.416   1.00 11.33 ? 14  PHE A CE1 1 
ATOM   120  C  CE2 . PHE A 1 14  ? -5.644  10.906  5.160   1.00 13.31 ? 14  PHE A CE2 1 
ATOM   121  C  CZ  . PHE A 1 14  ? -6.621  10.237  5.896   1.00 13.35 ? 14  PHE A CZ  1 
ATOM   122  N  N   . ASP A 1 15  ? -1.942  8.821   2.366   1.00 18.57 ? 15  ASP A N   1 
ATOM   123  C  CA  . ASP A 1 15  ? -1.873  9.649   1.190   1.00 17.80 ? 15  ASP A CA  1 
ATOM   124  C  C   . ASP A 1 15  ? -1.731  9.029   -0.181  1.00 17.62 ? 15  ASP A C   1 
ATOM   125  O  O   . ASP A 1 15  ? -2.316  9.578   -1.122  1.00 19.53 ? 15  ASP A O   1 
ATOM   126  C  CB  . ASP A 1 15  ? -0.714  10.665  1.342   1.00 17.02 ? 15  ASP A CB  1 
ATOM   127  C  CG  . ASP A 1 15  ? -0.979  11.812  2.269   1.00 18.88 ? 15  ASP A CG  1 
ATOM   128  O  OD1 . ASP A 1 15  ? -2.042  11.857  2.886   1.00 19.31 ? 15  ASP A OD1 1 
ATOM   129  O  OD2 . ASP A 1 15  ? -0.106  12.711  2.364   1.00 20.25 ? 15  ASP A OD2 1 
ATOM   130  N  N   . PHE A 1 16  ? -0.902  8.023   -0.314  1.00 18.23 ? 16  PHE A N   1 
ATOM   131  C  CA  . PHE A 1 16  ? -0.586  7.366   -1.578  1.00 16.48 ? 16  PHE A CA  1 
ATOM   132  C  C   . PHE A 1 16  ? -1.321  6.078   -1.768  1.00 15.37 ? 16  PHE A C   1 
ATOM   133  O  O   . PHE A 1 16  ? -1.622  5.666   -2.894  1.00 17.69 ? 16  PHE A O   1 
ATOM   134  C  CB  . PHE A 1 16  ? 0.946   7.090   -1.638  1.00 17.48 ? 16  PHE A CB  1 
ATOM   135  C  CG  . PHE A 1 16  ? 1.681   8.367   -1.903  1.00 18.27 ? 16  PHE A CG  1 
ATOM   136  C  CD1 . PHE A 1 16  ? 1.741   9.346   -0.920  1.00 20.58 ? 16  PHE A CD1 1 
ATOM   137  C  CD2 . PHE A 1 16  ? 2.241   8.570   -3.155  1.00 20.41 ? 16  PHE A CD2 1 
ATOM   138  C  CE1 . PHE A 1 16  ? 2.388   10.581  -1.197  1.00 22.28 ? 16  PHE A CE1 1 
ATOM   139  C  CE2 . PHE A 1 16  ? 2.896   9.769   -3.446  1.00 21.89 ? 16  PHE A CE2 1 
ATOM   140  C  CZ  . PHE A 1 16  ? 2.921   10.767  -2.485  1.00 21.29 ? 16  PHE A CZ  1 
ATOM   141  N  N   . PHE A 1 17  ? -1.632  5.385   -0.714  1.00 15.22 ? 17  PHE A N   1 
ATOM   142  C  CA  . PHE A 1 17  ? -2.285  4.074   -0.891  1.00 14.91 ? 17  PHE A CA  1 
ATOM   143  C  C   . PHE A 1 17  ? -3.779  4.151   -0.602  1.00 16.29 ? 17  PHE A C   1 
ATOM   144  O  O   . PHE A 1 17  ? -4.425  3.149   -0.944  1.00 16.27 ? 17  PHE A O   1 
ATOM   145  C  CB  . PHE A 1 17  ? -1.631  3.044   -0.022  1.00 13.34 ? 17  PHE A CB  1 
ATOM   146  C  CG  . PHE A 1 17  ? -0.183  2.802   -0.058  1.00 16.53 ? 17  PHE A CG  1 
ATOM   147  C  CD1 . PHE A 1 17  ? 0.629   3.291   -1.117  1.00 16.87 ? 17  PHE A CD1 1 
ATOM   148  C  CD2 . PHE A 1 17  ? 0.381   1.951   0.907   1.00 16.30 ? 17  PHE A CD2 1 
ATOM   149  C  CE1 . PHE A 1 17  ? 1.982   2.975   -1.157  1.00 16.41 ? 17  PHE A CE1 1 
ATOM   150  C  CE2 . PHE A 1 17  ? 1.744   1.638   0.860   1.00 17.30 ? 17  PHE A CE2 1 
ATOM   151  C  CZ  . PHE A 1 17  ? 2.536   2.140   -0.187  1.00 16.37 ? 17  PHE A CZ  1 
ATOM   152  N  N   . LEU A 1 18  ? -4.296  5.218   -0.002  1.00 17.32 ? 18  LEU A N   1 
ATOM   153  C  CA  . LEU A 1 18  ? -5.746  5.155   0.299   1.00 18.24 ? 18  LEU A CA  1 
ATOM   154  C  C   . LEU A 1 18  ? -6.553  6.382   -0.104  1.00 18.23 ? 18  LEU A C   1 
ATOM   155  O  O   . LEU A 1 18  ? -7.639  6.136   -0.658  1.00 18.25 ? 18  LEU A O   1 
ATOM   156  C  CB  . LEU A 1 18  ? -5.959  4.802   1.782   1.00 17.22 ? 18  LEU A CB  1 
ATOM   157  C  CG  . LEU A 1 18  ? -5.709  3.386   2.240   1.00 17.75 ? 18  LEU A CG  1 
ATOM   158  C  CD1 . LEU A 1 18  ? -5.301  3.430   3.710   1.00 18.55 ? 18  LEU A CD1 1 
ATOM   159  C  CD2 . LEU A 1 18  ? -6.950  2.501   2.084   1.00 16.40 ? 18  LEU A CD2 1 
ATOM   160  N  N   . ASP A 1 19  ? -6.047  7.543   0.206   1.00 17.63 ? 19  ASP A N   1 
ATOM   161  C  CA  . ASP A 1 19  ? -6.721  8.819   -0.077  1.00 17.76 ? 19  ASP A CA  1 
ATOM   162  C  C   . ASP A 1 19  ? -6.459  9.204   -1.525  1.00 17.66 ? 19  ASP A C   1 
ATOM   163  O  O   . ASP A 1 19  ? -5.723  10.152  -1.843  1.00 17.36 ? 19  ASP A O   1 
ATOM   164  C  CB  . ASP A 1 19  ? -6.359  9.881   0.969   1.00 17.43 ? 19  ASP A CB  1 
ATOM   165  C  CG  . ASP A 1 19  ? -7.126  11.179  0.771   1.00 19.76 ? 19  ASP A CG  1 
ATOM   166  O  OD1 . ASP A 1 19  ? -8.301  11.111  0.327   1.00 20.79 ? 19  ASP A OD1 1 
ATOM   167  O  OD2 . ASP A 1 19  ? -6.611  12.290  1.018   1.00 19.37 ? 19  ASP A OD2 1 
ATOM   168  N  N   . MET A 1 20  ? -7.099  8.450   -2.409  1.00 19.11 ? 20  MET A N   1 
ATOM   169  C  CA  . MET A 1 20  ? -6.951  8.645   -3.882  1.00 20.09 ? 20  MET A CA  1 
ATOM   170  C  C   . MET A 1 20  ? -7.364  10.034  -4.341  1.00 21.28 ? 20  MET A C   1 
ATOM   171  O  O   . MET A 1 20  ? -6.646  10.609  -5.167  1.00 21.61 ? 20  MET A O   1 
ATOM   172  C  CB  . MET A 1 20  ? -7.725  7.590   -4.641  1.00 18.59 ? 20  MET A CB  1 
ATOM   173  C  CG  . MET A 1 20  ? -7.345  6.227   -4.185  1.00 20.90 ? 20  MET A CG  1 
ATOM   174  S  SD  . MET A 1 20  ? -5.648  5.898   -4.813  1.00 26.76 ? 20  MET A SD  1 
ATOM   175  C  CE  . MET A 1 20  ? -4.667  6.371   -3.384  1.00 21.33 ? 20  MET A CE  1 
ATOM   176  N  N   . ASN A 1 21  ? -8.457  10.550  -3.785  1.00 21.57 ? 21  ASN A N   1 
ATOM   177  C  CA  . ASN A 1 21  ? -8.948  11.868  -4.155  1.00 22.27 ? 21  ASN A CA  1 
ATOM   178  C  C   . ASN A 1 21  ? -8.318  13.005  -3.369  1.00 23.15 ? 21  ASN A C   1 
ATOM   179  O  O   . ASN A 1 21  ? -8.840  14.132  -3.504  1.00 24.12 ? 21  ASN A O   1 
ATOM   180  C  CB  . ASN A 1 21  ? -10.474 11.949  -4.090  1.00 22.18 ? 21  ASN A CB  1 
ATOM   181  C  CG  . ASN A 1 21  ? -11.021 11.713  -2.697  1.00 22.75 ? 21  ASN A CG  1 
ATOM   182  O  OD1 . ASN A 1 21  ? -10.371 12.075  -1.708  1.00 21.36 ? 21  ASN A OD1 1 
ATOM   183  N  ND2 . ASN A 1 21  ? -12.241 11.143  -2.621  1.00 23.79 ? 21  ASN A ND2 1 
ATOM   184  N  N   . HIS A 1 22  ? -7.357  12.741  -2.519  1.00 23.15 ? 22  HIS A N   1 
ATOM   185  C  CA  . HIS A 1 22  ? -6.678  13.821  -1.782  1.00 22.99 ? 22  HIS A CA  1 
ATOM   186  C  C   . HIS A 1 22  ? -7.446  14.764  -0.934  1.00 22.18 ? 22  HIS A C   1 
ATOM   187  O  O   . HIS A 1 22  ? -7.120  15.990  -0.912  1.00 23.34 ? 22  HIS A O   1 
ATOM   188  C  CB  . HIS A 1 22  ? -5.808  14.609  -2.878  1.00 22.89 ? 22  HIS A CB  1 
ATOM   189  C  CG  . HIS A 1 22  ? -4.790  13.590  -3.363  1.00 27.50 ? 22  HIS A CG  1 
ATOM   190  N  ND1 . HIS A 1 22  ? -4.674  13.065  -4.634  1.00 26.32 ? 22  HIS A ND1 1 
ATOM   191  C  CD2 . HIS A 1 22  ? -3.890  12.925  -2.566  1.00 28.64 ? 22  HIS A CD2 1 
ATOM   192  C  CE1 . HIS A 1 22  ? -3.753  12.125  -4.588  1.00 29.83 ? 22  HIS A CE1 1 
ATOM   193  N  NE2 . HIS A 1 22  ? -3.247  12.017  -3.360  1.00 30.06 ? 22  HIS A NE2 1 
ATOM   194  N  N   . ASP A 1 23  ? -8.413  14.372  -0.124  1.00 21.56 ? 23  ASP A N   1 
ATOM   195  C  CA  . ASP A 1 23  ? -9.142  15.359  0.714   1.00 20.63 ? 23  ASP A CA  1 
ATOM   196  C  C   . ASP A 1 23  ? -8.849  15.233  2.182   1.00 21.97 ? 23  ASP A C   1 
ATOM   197  O  O   . ASP A 1 23  ? -9.478  15.910  3.025   1.00 22.96 ? 23  ASP A O   1 
ATOM   198  C  CB  . ASP A 1 23  ? -10.623 15.313  0.322   1.00 19.78 ? 23  ASP A CB  1 
ATOM   199  C  CG  . ASP A 1 23  ? -11.229 13.966  0.640   1.00 22.42 ? 23  ASP A CG  1 
ATOM   200  O  OD1 . ASP A 1 23  ? -10.419 13.056  1.007   1.00 23.32 ? 23  ASP A OD1 1 
ATOM   201  O  OD2 . ASP A 1 23  ? -12.460 13.804  0.580   1.00 24.38 ? 23  ASP A OD2 1 
ATOM   202  N  N   . GLY A 1 24  ? -7.874  14.409  2.592   1.00 22.14 ? 24  GLY A N   1 
ATOM   203  C  CA  . GLY A 1 24  ? -7.476  14.248  3.967   1.00 21.37 ? 24  GLY A CA  1 
ATOM   204  C  C   . GLY A 1 24  ? -8.329  13.269  4.738   1.00 22.09 ? 24  GLY A C   1 
ATOM   205  O  O   . GLY A 1 24  ? -8.226  13.224  5.987   1.00 22.23 ? 24  GLY A O   1 
ATOM   206  N  N   . SER A 1 25  ? -9.167  12.554  4.004   1.00 21.75 ? 25  SER A N   1 
ATOM   207  C  CA  . SER A 1 25  ? -10.092 11.566  4.571   1.00 21.15 ? 25  SER A CA  1 
ATOM   208  C  C   . SER A 1 25  ? -10.157 10.377  3.572   1.00 20.30 ? 25  SER A C   1 
ATOM   209  O  O   . SER A 1 25  ? -10.092 10.653  2.382   1.00 18.50 ? 25  SER A O   1 
ATOM   210  C  CB  . SER A 1 25  ? -11.516 12.046  4.594   1.00 23.22 ? 25  SER A CB  1 
ATOM   211  O  OG  . SER A 1 25  ? -12.105 12.722  5.613   1.00 27.26 ? 25  SER A OG  1 
ATOM   212  N  N   . ILE A 1 26  ? -10.345 9.229   4.157   1.00 20.43 ? 26  ILE A N   1 
ATOM   213  C  CA  . ILE A 1 26  ? -10.546 7.961   3.503   1.00 21.14 ? 26  ILE A CA  1 
ATOM   214  C  C   . ILE A 1 26  ? -12.112 7.824   3.524   1.00 21.68 ? 26  ILE A C   1 
ATOM   215  O  O   . ILE A 1 26  ? -12.659 8.017   4.613   1.00 20.58 ? 26  ILE A O   1 
ATOM   216  C  CB  . ILE A 1 26  ? -9.956  6.667   4.141   1.00 19.92 ? 26  ILE A CB  1 
ATOM   217  C  CG1 . ILE A 1 26  ? -8.503  6.795   4.646   1.00 20.69 ? 26  ILE A CG1 1 
ATOM   218  C  CG2 . ILE A 1 26  ? -9.999  5.519   3.081   1.00 19.25 ? 26  ILE A CG2 1 
ATOM   219  C  CD1 . ILE A 1 26  ? -7.543  7.516   3.680   1.00 18.84 ? 26  ILE A CD1 1 
ATOM   220  N  N   . GLN A 1 27  ? -12.685 7.489   2.404   1.00 22.61 ? 27  GLN A N   1 
ATOM   221  C  CA  . GLN A 1 27  ? -14.161 7.326   2.302   1.00 22.92 ? 27  GLN A CA  1 
ATOM   222  C  C   . GLN A 1 27  ? -14.444 6.396   1.135   1.00 21.59 ? 27  GLN A C   1 
ATOM   223  O  O   . GLN A 1 27  ? -13.457 6.351   0.373   1.00 23.49 ? 27  GLN A O   1 
ATOM   224  C  CB  . GLN A 1 27  ? -14.788 8.693   1.928   1.00 24.43 ? 27  GLN A CB  1 
ATOM   225  C  CG  . GLN A 1 27  ? -14.626 9.699   3.064   1.00 24.23 ? 27  GLN A CG  1 
ATOM   226  C  CD  . GLN A 1 27  ? -15.203 11.022  2.603   1.00 24.60 ? 27  GLN A CD  1 
ATOM   227  O  OE1 . GLN A 1 27  ? -14.473 12.011  2.459   1.00 27.38 ? 27  GLN A OE1 1 
ATOM   228  N  NE2 . GLN A 1 27  ? -16.493 10.947  2.420   1.00 22.52 ? 27  GLN A NE2 1 
ATOM   229  N  N   . ASP A 1 28  ? -15.592 5.783   1.004   1.00 19.60 ? 28  ASP A N   1 
ATOM   230  C  CA  . ASP A 1 28  ? -15.881 4.918   -0.143  1.00 18.70 ? 28  ASP A CA  1 
ATOM   231  C  C   . ASP A 1 28  ? -15.448 5.576   -1.453  1.00 17.17 ? 28  ASP A C   1 
ATOM   232  O  O   . ASP A 1 28  ? -14.905 4.897   -2.317  1.00 16.33 ? 28  ASP A O   1 
ATOM   233  C  CB  . ASP A 1 28  ? -17.349 4.469   -0.245  1.00 20.13 ? 28  ASP A CB  1 
ATOM   234  C  CG  . ASP A 1 28  ? -17.720 3.736   -1.518  1.00 23.09 ? 28  ASP A CG  1 
ATOM   235  O  OD1 . ASP A 1 28  ? -17.365 2.564   -1.768  1.00 24.61 ? 28  ASP A OD1 1 
ATOM   236  O  OD2 . ASP A 1 28  ? -18.427 4.358   -2.370  1.00 22.93 ? 28  ASP A OD2 1 
ATOM   237  N  N   . ASN A 1 29  ? -15.646 6.865   -1.630  1.00 16.92 ? 29  ASN A N   1 
ATOM   238  C  CA  . ASN A 1 29  ? -15.277 7.491   -2.888  1.00 19.42 ? 29  ASN A CA  1 
ATOM   239  C  C   . ASN A 1 29  ? -13.804 7.284   -3.250  1.00 19.60 ? 29  ASN A C   1 
ATOM   240  O  O   . ASN A 1 29  ? -13.482 7.368   -4.468  1.00 21.26 ? 29  ASN A O   1 
ATOM   241  C  CB  . ASN A 1 29  ? -15.756 8.914   -3.005  1.00 22.54 ? 29  ASN A CB  1 
ATOM   242  C  CG  . ASN A 1 29  ? -15.017 9.938   -2.163  1.00 24.18 ? 29  ASN A CG  1 
ATOM   243  O  OD1 . ASN A 1 29  ? -14.411 9.598   -1.146  1.00 26.96 ? 29  ASN A OD1 1 
ATOM   244  N  ND2 . ASN A 1 29  ? -15.049 11.195  -2.602  1.00 24.64 ? 29  ASN A ND2 1 
ATOM   245  N  N   . ASP A 1 30  ? -12.954 7.118   -2.287  1.00 18.17 ? 30  ASP A N   1 
ATOM   246  C  CA  . ASP A 1 30  ? -11.507 6.902   -2.499  1.00 16.60 ? 30  ASP A CA  1 
ATOM   247  C  C   . ASP A 1 30  ? -11.385 5.511   -3.195  1.00 15.52 ? 30  ASP A C   1 
ATOM   248  O  O   . ASP A 1 30  ? -10.658 5.434   -4.188  1.00 15.62 ? 30  ASP A O   1 
ATOM   249  C  CB  . ASP A 1 30  ? -10.750 6.934   -1.182  1.00 15.35 ? 30  ASP A CB  1 
ATOM   250  C  CG  . ASP A 1 30  ? -10.613 8.350   -0.675  1.00 15.95 ? 30  ASP A CG  1 
ATOM   251  O  OD1 . ASP A 1 30  ? -10.184 9.212   -1.457  1.00 15.92 ? 30  ASP A OD1 1 
ATOM   252  O  OD2 . ASP A 1 30  ? -10.984 8.562   0.498   1.00 15.81 ? 30  ASP A OD2 1 
ATOM   253  N  N   . PHE A 1 31  ? -12.098 4.566   -2.663  1.00 12.43 ? 31  PHE A N   1 
ATOM   254  C  CA  . PHE A 1 31  ? -12.169 3.202   -3.193  1.00 14.19 ? 31  PHE A CA  1 
ATOM   255  C  C   . PHE A 1 31  ? -12.801 3.178   -4.586  1.00 16.01 ? 31  PHE A C   1 
ATOM   256  O  O   . PHE A 1 31  ? -12.393 2.381   -5.464  1.00 15.30 ? 31  PHE A O   1 
ATOM   257  C  CB  . PHE A 1 31  ? -12.857 2.274   -2.164  1.00 13.87 ? 31  PHE A CB  1 
ATOM   258  C  CG  . PHE A 1 31  ? -12.037 2.097   -0.908  1.00 15.42 ? 31  PHE A CG  1 
ATOM   259  C  CD1 . PHE A 1 31  ? -11.971 3.082   0.059   1.00 15.26 ? 31  PHE A CD1 1 
ATOM   260  C  CD2 . PHE A 1 31  ? -11.223 0.965   -0.762  1.00 17.97 ? 31  PHE A CD2 1 
ATOM   261  C  CE1 . PHE A 1 31  ? -11.161 2.968   1.182   1.00 15.42 ? 31  PHE A CE1 1 
ATOM   262  C  CE2 . PHE A 1 31  ? -10.397 0.796   0.362   1.00 16.21 ? 31  PHE A CE2 1 
ATOM   263  C  CZ  . PHE A 1 31  ? -10.396 1.808   1.327   1.00 17.45 ? 31  PHE A CZ  1 
ATOM   264  N  N   . GLU A 1 32  ? -13.800 4.009   -4.872  1.00 18.36 ? 32  GLU A N   1 
ATOM   265  C  CA  . GLU A 1 32  ? -14.413 4.074   -6.210  1.00 20.14 ? 32  GLU A CA  1 
ATOM   266  C  C   . GLU A 1 32  ? -13.327 4.572   -7.182  1.00 20.44 ? 32  GLU A C   1 
ATOM   267  O  O   . GLU A 1 32  ? -13.254 4.176   -8.357  1.00 19.84 ? 32  GLU A O   1 
ATOM   268  C  CB  . GLU A 1 32  ? -15.644 4.957   -6.304  1.00 23.32 ? 32  GLU A CB  1 
ATOM   269  C  CG  . GLU A 1 32  ? -16.948 4.626   -5.530  1.00 26.80 ? 32  GLU A CG  1 
ATOM   270  C  CD  . GLU A 1 32  ? -17.912 5.783   -5.387  1.00 29.42 ? 32  GLU A CD  1 
ATOM   271  O  OE1 . GLU A 1 32  ? -17.560 6.911   -5.065  1.00 29.46 ? 32  GLU A OE1 1 
ATOM   272  O  OE2 . GLU A 1 32  ? -19.120 5.534   -5.623  1.00 29.90 ? 32  GLU A OE2 1 
ATOM   273  N  N   . ASP A 1 33  ? -12.437 5.427   -6.710  1.00 20.37 ? 33  ASP A N   1 
ATOM   274  C  CA  . ASP A 1 33  ? -11.326 6.009   -7.472  1.00 20.45 ? 33  ASP A CA  1 
ATOM   275  C  C   . ASP A 1 33  ? -10.265 4.956   -7.799  1.00 20.40 ? 33  ASP A C   1 
ATOM   276  O  O   . ASP A 1 33  ? -9.455  5.046   -8.741  1.00 20.94 ? 33  ASP A O   1 
ATOM   277  C  CB  . ASP A 1 33  ? -10.654 7.149   -6.710  1.00 23.65 ? 33  ASP A CB  1 
ATOM   278  C  CG  . ASP A 1 33  ? -11.273 8.505   -6.782  1.00 26.96 ? 33  ASP A CG  1 
ATOM   279  O  OD1 . ASP A 1 33  ? -12.504 8.553   -7.011  1.00 29.64 ? 33  ASP A OD1 1 
ATOM   280  O  OD2 . ASP A 1 33  ? -10.586 9.535   -6.554  1.00 28.56 ? 33  ASP A OD2 1 
ATOM   281  N  N   . MET A 1 34  ? -10.217 3.923   -6.983  1.00 19.02 ? 34  MET A N   1 
ATOM   282  C  CA  . MET A 1 34  ? -9.244  2.836   -7.244  1.00 16.73 ? 34  MET A CA  1 
ATOM   283  C  C   . MET A 1 34  ? -9.751  2.073   -8.479  1.00 17.85 ? 34  MET A C   1 
ATOM   284  O  O   . MET A 1 34  ? -8.979  1.696   -9.388  1.00 18.52 ? 34  MET A O   1 
ATOM   285  C  CB  . MET A 1 34  ? -9.147  2.052   -5.983  1.00 13.65 ? 34  MET A CB  1 
ATOM   286  C  CG  . MET A 1 34  ? -8.362  2.858   -4.965  1.00 13.70 ? 34  MET A CG  1 
ATOM   287  S  SD  . MET A 1 34  ? -8.261  1.756   -3.509  1.00 16.07 ? 34  MET A SD  1 
ATOM   288  C  CE  . MET A 1 34  ? -8.114  2.990   -2.209  1.00 14.48 ? 34  MET A CE  1 
ATOM   289  N  N   . MET A 1 35  ? -11.049 1.858   -8.487  1.00 17.34 ? 35  MET A N   1 
ATOM   290  C  CA  . MET A 1 35  ? -11.831 1.168   -9.496  1.00 17.69 ? 35  MET A CA  1 
ATOM   291  C  C   . MET A 1 35  ? -11.772 1.928   -10.799 1.00 18.56 ? 35  MET A C   1 
ATOM   292  O  O   . MET A 1 35  ? -11.520 1.348   -11.863 1.00 20.50 ? 35  MET A O   1 
ATOM   293  C  CB  . MET A 1 35  ? -13.284 0.959   -9.066  1.00 18.60 ? 35  MET A CB  1 
ATOM   294  C  CG  . MET A 1 35  ? -13.424 -0.273  -8.233  1.00 21.02 ? 35  MET A CG  1 
ATOM   295  S  SD  . MET A 1 35  ? -12.836 -1.733  -9.153  1.00 23.61 ? 35  MET A SD  1 
ATOM   296  C  CE  . MET A 1 35  ? -14.039 -1.644  -10.523 1.00 23.58 ? 35  MET A CE  1 
ATOM   297  N  N   . THR A 1 36  ? -11.995 3.225   -10.701 1.00 19.22 ? 36  THR A N   1 
ATOM   298  C  CA  . THR A 1 36  ? -11.846 4.091   -11.869 1.00 19.43 ? 36  THR A CA  1 
ATOM   299  C  C   . THR A 1 36  ? -10.433 3.921   -12.421 1.00 19.44 ? 36  THR A C   1 
ATOM   300  O  O   . THR A 1 36  ? -10.285 3.868   -13.626 1.00 20.41 ? 36  THR A O   1 
ATOM   301  C  CB  . THR A 1 36  ? -12.080 5.617   -11.588 1.00 19.01 ? 36  THR A CB  1 
ATOM   302  O  OG1 . THR A 1 36  ? -13.429 5.694   -11.114 1.00 18.24 ? 36  THR A OG1 1 
ATOM   303  C  CG2 . THR A 1 36  ? -11.814 6.487   -12.841 1.00 19.74 ? 36  THR A CG2 1 
ATOM   304  N  N   . ARG A 1 37  ? -9.438  3.908   -11.593 1.00 22.68 ? 37  ARG A N   1 
ATOM   305  C  CA  . ARG A 1 37  ? -8.002  3.782   -12.009 1.00 23.32 ? 37  ARG A CA  1 
ATOM   306  C  C   . ARG A 1 37  ? -7.869  2.461   -12.803 1.00 23.20 ? 37  ARG A C   1 
ATOM   307  O  O   . ARG A 1 37  ? -7.380  2.487   -13.940 1.00 23.47 ? 37  ARG A O   1 
ATOM   308  C  CB  . ARG A 1 37  ? -7.092  3.705   -10.830 1.00 24.10 ? 37  ARG A CB  1 
ATOM   309  C  CG  . ARG A 1 37  ? -5.986  4.680   -10.561 1.00 28.26 ? 37  ARG A CG  1 
ATOM   310  C  CD  . ARG A 1 37  ? -6.020  5.020   -9.082  1.00 30.32 ? 37  ARG A CD  1 
ATOM   311  N  NE  . ARG A 1 37  ? -4.821  5.498   -8.520  1.00 34.54 ? 37  ARG A NE  1 
ATOM   312  C  CZ  . ARG A 1 37  ? -4.123  6.616   -8.712  1.00 36.88 ? 37  ARG A CZ  1 
ATOM   313  N  NH1 . ARG A 1 37  ? -4.445  7.511   -9.647  1.00 35.69 ? 37  ARG A NH1 1 
ATOM   314  N  NH2 . ARG A 1 37  ? -3.024  6.854   -7.964  1.00 37.44 ? 37  ARG A NH2 1 
ATOM   315  N  N   . TYR A 1 38  ? -8.360  1.416   -12.149 1.00 21.85 ? 38  TYR A N   1 
ATOM   316  C  CA  . TYR A 1 38  ? -8.356  0.044   -12.634 1.00 21.17 ? 38  TYR A CA  1 
ATOM   317  C  C   . TYR A 1 38  ? -8.944  -0.139  -14.022 1.00 21.57 ? 38  TYR A C   1 
ATOM   318  O  O   . TYR A 1 38  ? -8.342  -0.819  -14.871 1.00 21.05 ? 38  TYR A O   1 
ATOM   319  C  CB  . TYR A 1 38  ? -9.032  -0.898  -11.658 1.00 21.14 ? 38  TYR A CB  1 
ATOM   320  C  CG  . TYR A 1 38  ? -8.707  -2.371  -11.706 1.00 22.84 ? 38  TYR A CG  1 
ATOM   321  C  CD1 . TYR A 1 38  ? -7.411  -2.869  -11.522 1.00 23.81 ? 38  TYR A CD1 1 
ATOM   322  C  CD2 . TYR A 1 38  ? -9.711  -3.307  -11.916 1.00 21.90 ? 38  TYR A CD2 1 
ATOM   323  C  CE1 . TYR A 1 38  ? -7.146  -4.229  -11.519 1.00 24.12 ? 38  TYR A CE1 1 
ATOM   324  C  CE2 . TYR A 1 38  ? -9.475  -4.662  -11.894 1.00 24.29 ? 38  TYR A CE2 1 
ATOM   325  C  CZ  . TYR A 1 38  ? -8.180  -5.131  -11.707 1.00 25.71 ? 38  TYR A CZ  1 
ATOM   326  O  OH  . TYR A 1 38  ? -7.924  -6.494  -11.743 1.00 27.68 ? 38  TYR A OH  1 
ATOM   327  N  N   . LYS A 1 39  ? -10.159 0.357   -14.184 1.00 22.20 ? 39  LYS A N   1 
ATOM   328  C  CA  . LYS A 1 39  ? -10.871 0.264   -15.477 1.00 22.23 ? 39  LYS A CA  1 
ATOM   329  C  C   . LYS A 1 39  ? -10.128 1.192   -16.467 1.00 22.60 ? 39  LYS A C   1 
ATOM   330  O  O   . LYS A 1 39  ? -9.933  0.777   -17.607 1.00 23.49 ? 39  LYS A O   1 
ATOM   331  C  CB  . LYS A 1 39  ? -12.310 0.679   -15.379 1.00 21.79 ? 39  LYS A CB  1 
ATOM   332  C  CG  . LYS A 1 39  ? -13.150 0.052   -14.252 1.00 20.73 ? 39  LYS A CG  1 
ATOM   333  C  CD  . LYS A 1 39  ? -14.273 1.058   -13.892 1.00 18.95 ? 39  LYS A CD  1 
ATOM   334  C  CE  . LYS A 1 39  ? -15.619 0.414   -14.118 1.00 20.00 ? 39  LYS A CE  1 
ATOM   335  N  NZ  . LYS A 1 39  ? -16.456 1.357   -14.968 1.00 22.17 ? 39  LYS A NZ  1 
ATOM   336  N  N   . GLU A 1 40  ? -9.723  2.339   -16.029 1.00 22.92 ? 40  GLU A N   1 
ATOM   337  C  CA  . GLU A 1 40  ? -8.992  3.396   -16.742 1.00 25.44 ? 40  GLU A CA  1 
ATOM   338  C  C   . GLU A 1 40  ? -7.855  2.772   -17.545 1.00 25.99 ? 40  GLU A C   1 
ATOM   339  O  O   . GLU A 1 40  ? -7.745  2.998   -18.791 1.00 26.97 ? 40  GLU A O   1 
ATOM   340  C  CB  . GLU A 1 40  ? -8.473  4.427   -15.773 1.00 28.35 ? 40  GLU A CB  1 
ATOM   341  C  CG  . GLU A 1 40  ? -8.139  5.906   -15.813 1.00 31.45 ? 40  GLU A CG  1 
ATOM   342  C  CD  . GLU A 1 40  ? -7.181  6.364   -14.728 1.00 33.09 ? 40  GLU A CD  1 
ATOM   343  O  OE1 . GLU A 1 40  ? -7.472  6.616   -13.568 1.00 33.60 ? 40  GLU A OE1 1 
ATOM   344  O  OE2 . GLU A 1 40  ? -5.977  6.430   -15.075 1.00 34.06 ? 40  GLU A OE2 1 
ATOM   345  N  N   . VAL A 1 41  ? -7.031  1.960   -16.895 1.00 25.52 ? 41  VAL A N   1 
ATOM   346  C  CA  . VAL A 1 41  ? -5.879  1.311   -17.488 1.00 24.73 ? 41  VAL A CA  1 
ATOM   347  C  C   . VAL A 1 41  ? -6.056  -0.072  -18.080 1.00 23.93 ? 41  VAL A C   1 
ATOM   348  O  O   . VAL A 1 41  ? -5.215  -0.372  -18.960 1.00 23.52 ? 41  VAL A O   1 
ATOM   349  C  CB  . VAL A 1 41  ? -4.671  1.248   -16.490 1.00 24.63 ? 41  VAL A CB  1 
ATOM   350  C  CG1 . VAL A 1 41  ? -4.611  2.491   -15.621 1.00 25.60 ? 41  VAL A CG1 1 
ATOM   351  C  CG2 . VAL A 1 41  ? -4.658  -0.046  -15.730 1.00 22.47 ? 41  VAL A CG2 1 
ATOM   352  N  N   . ASN A 1 42  ? -6.959  -0.876  -17.577 1.00 22.41 ? 42  ASN A N   1 
ATOM   353  C  CA  . ASN A 1 42  ? -7.149  -2.219  -18.111 1.00 23.91 ? 42  ASN A CA  1 
ATOM   354  C  C   . ASN A 1 42  ? -8.211  -2.356  -19.226 1.00 22.90 ? 42  ASN A C   1 
ATOM   355  O  O   . ASN A 1 42  ? -8.190  -3.380  -19.925 1.00 22.01 ? 42  ASN A O   1 
ATOM   356  C  CB  . ASN A 1 42  ? -7.544  -3.198  -16.994 1.00 24.82 ? 42  ASN A CB  1 
ATOM   357  C  CG  . ASN A 1 42  ? -6.332  -3.567  -16.150 1.00 25.57 ? 42  ASN A CG  1 
ATOM   358  O  OD1 . ASN A 1 42  ? -6.045  -2.801  -15.229 1.00 24.53 ? 42  ASN A OD1 1 
ATOM   359  N  ND2 . ASN A 1 42  ? -5.743  -4.711  -16.492 1.00 24.86 ? 42  ASN A ND2 1 
ATOM   360  N  N   . LYS A 1 43  ? -9.107  -1.420  -19.249 1.00 22.13 ? 43  LYS A N   1 
ATOM   361  C  CA  . LYS A 1 43  ? -10.264 -1.326  -20.117 1.00 21.09 ? 43  LYS A CA  1 
ATOM   362  C  C   . LYS A 1 43  ? -10.869 -2.700  -20.356 1.00 19.85 ? 43  LYS A C   1 
ATOM   363  O  O   . LYS A 1 43  ? -11.114 -3.462  -19.434 1.00 18.17 ? 43  LYS A O   1 
ATOM   364  C  CB  . LYS A 1 43  ? -9.822  -0.630  -21.394 1.00 23.31 ? 43  LYS A CB  1 
ATOM   365  C  CG  . LYS A 1 43  ? -9.226  0.769   -21.137 1.00 24.36 ? 43  LYS A CG  1 
ATOM   366  C  CD  . LYS A 1 43  ? -8.653  1.258   -22.463 1.00 27.08 ? 43  LYS A CD  1 
ATOM   367  C  CE  . LYS A 1 43  ? -8.053  2.648   -22.378 1.00 29.01 ? 43  LYS A CE  1 
ATOM   368  N  NZ  . LYS A 1 43  ? -8.931  3.505   -21.539 1.00 31.51 ? 43  LYS A NZ  1 
ATOM   369  N  N   . GLY A 1 44  ? -11.052 -3.066  -21.623 1.00 20.00 ? 44  GLY A N   1 
ATOM   370  C  CA  . GLY A 1 44  ? -11.587 -4.334  -22.077 1.00 17.88 ? 44  GLY A CA  1 
ATOM   371  C  C   . GLY A 1 44  ? -10.628 -5.494  -21.909 1.00 17.39 ? 44  GLY A C   1 
ATOM   372  O  O   . GLY A 1 44  ? -11.016 -6.644  -22.269 1.00 16.10 ? 44  GLY A O   1 
ATOM   373  N  N   . SER A 1 45  ? -9.435  -5.238  -21.349 1.00 15.99 ? 45  SER A N   1 
ATOM   374  C  CA  . SER A 1 45  ? -8.530  -6.404  -21.171 1.00 17.07 ? 45  SER A CA  1 
ATOM   375  C  C   . SER A 1 45  ? -9.129  -7.331  -20.116 1.00 15.64 ? 45  SER A C   1 
ATOM   376  O  O   . SER A 1 45  ? -8.731  -8.478  -20.049 1.00 15.83 ? 45  SER A O   1 
ATOM   377  C  CB  . SER A 1 45  ? -7.121  -6.095  -20.711 1.00 18.09 ? 45  SER A CB  1 
ATOM   378  O  OG  . SER A 1 45  ? -6.545  -5.033  -21.449 1.00 22.98 ? 45  SER A OG  1 
ATOM   379  N  N   . LEU A 1 46  ? -9.980  -6.748  -19.298 1.00 17.32 ? 46  LEU A N   1 
ATOM   380  C  CA  . LEU A 1 46  ? -10.608 -7.496  -18.170 1.00 18.66 ? 46  LEU A CA  1 
ATOM   381  C  C   . LEU A 1 46  ? -12.085 -7.613  -18.474 1.00 18.47 ? 46  LEU A C   1 
ATOM   382  O  O   . LEU A 1 46  ? -12.637 -6.674  -19.092 1.00 20.11 ? 46  LEU A O   1 
ATOM   383  C  CB  . LEU A 1 46  ? -10.274 -6.675  -16.907 1.00 18.94 ? 46  LEU A CB  1 
ATOM   384  C  CG  . LEU A 1 46  ? -9.272  -7.147  -15.885 1.00 20.48 ? 46  LEU A CG  1 
ATOM   385  C  CD1 . LEU A 1 46  ? -8.079  -7.870  -16.491 1.00 19.40 ? 46  LEU A CD1 1 
ATOM   386  C  CD2 . LEU A 1 46  ? -8.731  -5.982  -15.040 1.00 18.07 ? 46  LEU A CD2 1 
ATOM   387  N  N   . SER A 1 47  ? -12.738 -8.662  -18.071 1.00 18.17 ? 47  SER A N   1 
ATOM   388  C  CA  . SER A 1 47  ? -14.194 -8.768  -18.299 1.00 18.81 ? 47  SER A CA  1 
ATOM   389  C  C   . SER A 1 47  ? -14.973 -8.013  -17.210 1.00 19.79 ? 47  SER A C   1 
ATOM   390  O  O   . SER A 1 47  ? -14.408 -7.593  -16.154 1.00 21.76 ? 47  SER A O   1 
ATOM   391  C  CB  . SER A 1 47  ? -14.590 -10.233 -18.267 1.00 17.34 ? 47  SER A CB  1 
ATOM   392  O  OG  . SER A 1 47  ? -14.096 -10.843 -17.121 1.00 15.49 ? 47  SER A OG  1 
ATOM   393  N  N   . ASP A 1 48  ? -16.257 -7.884  -17.437 1.00 17.96 ? 48  ASP A N   1 
ATOM   394  C  CA  . ASP A 1 48  ? -17.184 -7.228  -16.491 1.00 17.40 ? 48  ASP A CA  1 
ATOM   395  C  C   . ASP A 1 48  ? -17.033 -7.977  -15.162 1.00 15.72 ? 48  ASP A C   1 
ATOM   396  O  O   . ASP A 1 48  ? -16.792 -7.431  -14.089 1.00 16.35 ? 48  ASP A O   1 
ATOM   397  C  CB  . ASP A 1 48  ? -18.591 -7.164  -17.076 1.00 15.99 ? 48  ASP A CB  1 
ATOM   398  C  CG  . ASP A 1 48  ? -19.720 -6.625  -16.253 1.00 17.54 ? 48  ASP A CG  1 
ATOM   399  O  OD1 . ASP A 1 48  ? -19.714 -5.419  -15.835 1.00 20.08 ? 48  ASP A OD1 1 
ATOM   400  O  OD2 . ASP A 1 48  ? -20.739 -7.269  -16.016 1.00 17.71 ? 48  ASP A OD2 1 
ATOM   401  N  N   . ALA A 1 49  ? -17.159 -9.273  -15.182 1.00 15.58 ? 49  ALA A N   1 
ATOM   402  C  CA  . ALA A 1 49  ? -17.023 -10.084 -13.964 1.00 16.34 ? 49  ALA A CA  1 
ATOM   403  C  C   . ALA A 1 49  ? -15.732 -9.770  -13.201 1.00 16.82 ? 49  ALA A C   1 
ATOM   404  O  O   . ALA A 1 49  ? -15.779 -9.756  -11.959 1.00 16.54 ? 49  ALA A O   1 
ATOM   405  C  CB  . ALA A 1 49  ? -17.181 -11.559 -14.300 1.00 14.46 ? 49  ALA A CB  1 
ATOM   406  N  N   . ASP A 1 50  ? -14.610 -9.569  -13.893 1.00 16.61 ? 50  ASP A N   1 
ATOM   407  C  CA  . ASP A 1 50  ? -13.334 -9.294  -13.223 1.00 18.14 ? 50  ASP A CA  1 
ATOM   408  C  C   . ASP A 1 50  ? -13.421 -7.979  -12.438 1.00 19.03 ? 50  ASP A C   1 
ATOM   409  O  O   . ASP A 1 50  ? -12.877 -7.907  -11.329 1.00 20.22 ? 50  ASP A O   1 
ATOM   410  C  CB  . ASP A 1 50  ? -12.137 -9.245  -14.182 1.00 21.21 ? 50  ASP A CB  1 
ATOM   411  C  CG  . ASP A 1 50  ? -11.875 -10.555 -14.889 1.00 20.82 ? 50  ASP A CG  1 
ATOM   412  O  OD1 . ASP A 1 50  ? -12.072 -11.570 -14.234 1.00 23.54 ? 50  ASP A OD1 1 
ATOM   413  O  OD2 . ASP A 1 50  ? -11.537 -10.562 -16.088 1.00 21.59 ? 50  ASP A OD2 1 
ATOM   414  N  N   . TYR A 1 51  ? -14.067 -6.981  -13.019 1.00 17.43 ? 51  TYR A N   1 
ATOM   415  C  CA  . TYR A 1 51  ? -14.220 -5.686  -12.336 1.00 16.40 ? 51  TYR A CA  1 
ATOM   416  C  C   . TYR A 1 51  ? -15.116 -5.831  -11.123 1.00 18.40 ? 51  TYR A C   1 
ATOM   417  O  O   . TYR A 1 51  ? -14.902 -5.251  -10.070 1.00 17.47 ? 51  TYR A O   1 
ATOM   418  C  CB  . TYR A 1 51  ? -14.717 -4.672  -13.310 1.00 14.24 ? 51  TYR A CB  1 
ATOM   419  C  CG  . TYR A 1 51  ? -13.633 -4.253  -14.286 1.00 16.30 ? 51  TYR A CG  1 
ATOM   420  C  CD1 . TYR A 1 51  ? -12.498 -3.575  -13.827 1.00 16.59 ? 51  TYR A CD1 1 
ATOM   421  C  CD2 . TYR A 1 51  ? -13.718 -4.568  -15.628 1.00 16.64 ? 51  TYR A CD2 1 
ATOM   422  C  CE1 . TYR A 1 51  ? -11.492 -3.172  -14.683 1.00 16.61 ? 51  TYR A CE1 1 
ATOM   423  C  CE2 . TYR A 1 51  ? -12.709 -4.154  -16.503 1.00 18.60 ? 51  TYR A CE2 1 
ATOM   424  C  CZ  . TYR A 1 51  ? -11.626 -3.438  -16.056 1.00 17.87 ? 51  TYR A CZ  1 
ATOM   425  O  OH  . TYR A 1 51  ? -10.670 -3.034  -16.947 1.00 16.35 ? 51  TYR A OH  1 
ATOM   426  N  N   . LYS A 1 52  ? -16.128 -6.703  -11.326 1.00 19.72 ? 52  LYS A N   1 
ATOM   427  C  CA  . LYS A 1 52  ? -17.072 -6.974  -10.240 1.00 19.09 ? 52  LYS A CA  1 
ATOM   428  C  C   . LYS A 1 52  ? -16.362 -7.614  -9.072  1.00 19.13 ? 52  LYS A C   1 
ATOM   429  O  O   . LYS A 1 52  ? -16.535 -7.157  -7.916  1.00 18.29 ? 52  LYS A O   1 
ATOM   430  C  CB  . LYS A 1 52  ? -18.295 -7.729  -10.741 1.00 18.81 ? 52  LYS A CB  1 
ATOM   431  C  CG  . LYS A 1 52  ? -19.243 -6.726  -11.459 1.00 16.51 ? 52  LYS A CG  1 
ATOM   432  C  CD  . LYS A 1 52  ? -20.505 -7.489  -11.882 1.00 20.30 ? 52  LYS A CD  1 
ATOM   433  C  CE  . LYS A 1 52  ? -21.335 -6.565  -12.787 1.00 22.77 ? 52  LYS A CE  1 
ATOM   434  N  NZ  . LYS A 1 52  ? -22.649 -7.195  -13.078 1.00 26.06 ? 52  LYS A NZ  1 
ATOM   435  N  N   . SER A 1 53  ? -15.522 -8.596  -9.349  1.00 19.15 ? 53  SER A N   1 
ATOM   436  C  CA  . SER A 1 53  ? -14.799 -9.257  -8.241  1.00 19.79 ? 53  SER A CA  1 
ATOM   437  C  C   . SER A 1 53  ? -13.930 -8.252  -7.516  1.00 20.63 ? 53  SER A C   1 
ATOM   438  O  O   . SER A 1 53  ? -13.911 -8.221  -6.288  1.00 21.99 ? 53  SER A O   1 
ATOM   439  C  CB  . SER A 1 53  ? -13.956 -10.410 -8.755  1.00 20.08 ? 53  SER A CB  1 
ATOM   440  O  OG  . SER A 1 53  ? -14.708 -11.072 -9.753  1.00 23.54 ? 53  SER A OG  1 
ATOM   441  N  N   . MET A 1 54  ? -13.204 -7.496  -8.308  1.00 21.46 ? 54  MET A N   1 
ATOM   442  C  CA  . MET A 1 54  ? -12.282 -6.462  -7.786  1.00 21.94 ? 54  MET A CA  1 
ATOM   443  C  C   . MET A 1 54  ? -13.020 -5.506  -6.840  1.00 20.98 ? 54  MET A C   1 
ATOM   444  O  O   . MET A 1 54  ? -12.574 -5.089  -5.768  1.00 20.16 ? 54  MET A O   1 
ATOM   445  C  CB  . MET A 1 54  ? -11.628 -5.776  -8.966  1.00 21.23 ? 54  MET A CB  1 
ATOM   446  C  CG  . MET A 1 54  ? -10.832 -4.583  -8.547  1.00 25.49 ? 54  MET A CG  1 
ATOM   447  S  SD  . MET A 1 54  ? -9.539  -5.076  -7.391  1.00 29.93 ? 54  MET A SD  1 
ATOM   448  C  CE  . MET A 1 54  ? -8.593  -6.297  -8.324  1.00 28.37 ? 54  MET A CE  1 
ATOM   449  N  N   . GLN A 1 55  ? -14.202 -5.153  -7.255  1.00 20.69 ? 55  GLN A N   1 
ATOM   450  C  CA  . GLN A 1 55  ? -15.070 -4.237  -6.506  1.00 20.83 ? 55  GLN A CA  1 
ATOM   451  C  C   . GLN A 1 55  ? -15.469 -4.825  -5.150  1.00 19.73 ? 55  GLN A C   1 
ATOM   452  O  O   . GLN A 1 55  ? -15.350 -4.084  -4.173  1.00 20.02 ? 55  GLN A O   1 
ATOM   453  C  CB  . GLN A 1 55  ? -16.312 -3.871  -7.330  1.00 21.41 ? 55  GLN A CB  1 
ATOM   454  C  CG  . GLN A 1 55  ? -16.890 -2.580  -6.762  1.00 24.33 ? 55  GLN A CG  1 
ATOM   455  C  CD  . GLN A 1 55  ? -18.044 -2.127  -7.607  1.00 24.28 ? 55  GLN A CD  1 
ATOM   456  O  OE1 . GLN A 1 55  ? -17.958 -1.074  -8.225  1.00 26.87 ? 55  GLN A OE1 1 
ATOM   457  N  NE2 . GLN A 1 55  ? -19.051 -2.974  -7.608  1.00 25.08 ? 55  GLN A NE2 1 
ATOM   458  N  N   . ALA A 1 56  ? -15.861 -6.093  -5.124  1.00 16.97 ? 56  ALA A N   1 
ATOM   459  C  CA  . ALA A 1 56  ? -16.246 -6.831  -3.966  1.00 15.38 ? 56  ALA A CA  1 
ATOM   460  C  C   . ALA A 1 56  ? -15.094 -6.879  -2.953  1.00 18.05 ? 56  ALA A C   1 
ATOM   461  O  O   . ALA A 1 56  ? -15.332 -6.705  -1.735  1.00 18.40 ? 56  ALA A O   1 
ATOM   462  C  CB  . ALA A 1 56  ? -16.801 -8.191  -4.257  1.00 12.25 ? 56  ALA A CB  1 
ATOM   463  N  N   . SER A 1 57  ? -13.864 -7.038  -3.434  1.00 19.05 ? 57  SER A N   1 
ATOM   464  C  CA  . SER A 1 57  ? -12.725 -7.054  -2.501  1.00 19.17 ? 57  SER A CA  1 
ATOM   465  C  C   . SER A 1 57  ? -12.449 -5.652  -1.986  1.00 18.85 ? 57  SER A C   1 
ATOM   466  O  O   . SER A 1 57  ? -11.924 -5.559  -0.856  1.00 20.19 ? 57  SER A O   1 
ATOM   467  C  CB  . SER A 1 57  ? -11.477 -7.761  -3.024  1.00 16.50 ? 57  SER A CB  1 
ATOM   468  O  OG  . SER A 1 57  ? -11.250 -7.426  -4.359  1.00 18.32 ? 57  SER A OG  1 
ATOM   469  N  N   . LEU A 1 58  ? -12.780 -4.618  -2.722  1.00 18.62 ? 58  LEU A N   1 
ATOM   470  C  CA  . LEU A 1 58  ? -12.575 -3.227  -2.264  1.00 18.90 ? 58  LEU A CA  1 
ATOM   471  C  C   . LEU A 1 58  ? -13.657 -2.872  -1.228  1.00 20.23 ? 58  LEU A C   1 
ATOM   472  O  O   . LEU A 1 58  ? -13.461 -2.178  -0.217  1.00 19.85 ? 58  LEU A O   1 
ATOM   473  C  CB  . LEU A 1 58  ? -12.536 -2.293  -3.480  1.00 17.17 ? 58  LEU A CB  1 
ATOM   474  C  CG  . LEU A 1 58  ? -11.295 -2.393  -4.382  1.00 17.52 ? 58  LEU A CG  1 
ATOM   475  C  CD1 . LEU A 1 58  ? -11.317 -1.491  -5.590  1.00 15.70 ? 58  LEU A CD1 1 
ATOM   476  C  CD2 . LEU A 1 58  ? -10.065 -2.031  -3.538  1.00 18.17 ? 58  LEU A CD2 1 
ATOM   477  N  N   . GLU A 1 59  ? -14.877 -3.318  -1.525  1.00 20.17 ? 59  GLU A N   1 
ATOM   478  C  CA  . GLU A 1 59  ? -16.024 -3.069  -0.635  1.00 19.92 ? 59  GLU A CA  1 
ATOM   479  C  C   . GLU A 1 59  ? -15.739 -3.662  0.744   1.00 19.84 ? 59  GLU A C   1 
ATOM   480  O  O   . GLU A 1 59  ? -15.889 -3.040  1.794   1.00 19.76 ? 59  GLU A O   1 
ATOM   481  C  CB  . GLU A 1 59  ? -17.271 -3.751  -1.232  1.00 17.97 ? 59  GLU A CB  1 
ATOM   482  C  CG  . GLU A 1 59  ? -17.784 -2.890  -2.390  1.00 18.41 ? 59  GLU A CG  1 
ATOM   483  C  CD  . GLU A 1 59  ? -19.005 -3.374  -3.083  1.00 18.22 ? 59  GLU A CD  1 
ATOM   484  O  OE1 . GLU A 1 59  ? -19.255 -4.568  -2.905  1.00 21.76 ? 59  GLU A OE1 1 
ATOM   485  O  OE2 . GLU A 1 59  ? -19.672 -2.654  -3.774  1.00 20.60 ? 59  GLU A OE2 1 
ATOM   486  N  N   . ASP A 1 60  ? -15.328 -4.880  0.680   1.00 20.10 ? 60  ASP A N   1 
ATOM   487  C  CA  . ASP A 1 60  ? -14.916 -5.770  1.757   1.00 22.33 ? 60  ASP A CA  1 
ATOM   488  C  C   . ASP A 1 60  ? -13.698 -5.147  2.451   1.00 21.78 ? 60  ASP A C   1 
ATOM   489  O  O   . ASP A 1 60  ? -13.505 -5.224  3.665   1.00 23.21 ? 60  ASP A O   1 
ATOM   490  C  CB  . ASP A 1 60  ? -14.662 -7.095  1.049   1.00 26.62 ? 60  ASP A CB  1 
ATOM   491  C  CG  . ASP A 1 60  ? -14.947 -8.386  1.727   1.00 31.59 ? 60  ASP A CG  1 
ATOM   492  O  OD1 . ASP A 1 60  ? -14.652 -8.505  2.943   1.00 33.89 ? 60  ASP A OD1 1 
ATOM   493  O  OD2 . ASP A 1 60  ? -15.458 -9.307  0.996   1.00 32.11 ? 60  ASP A OD2 1 
ATOM   494  N  N   . GLU A 1 61  ? -12.831 -4.486  1.695   1.00 20.51 ? 61  GLU A N   1 
ATOM   495  C  CA  . GLU A 1 61  ? -11.680 -3.814  2.301   1.00 19.78 ? 61  GLU A CA  1 
ATOM   496  C  C   . GLU A 1 61  ? -12.187 -2.585  3.076   1.00 19.52 ? 61  GLU A C   1 
ATOM   497  O  O   . GLU A 1 61  ? -11.921 -2.472  4.331   1.00 20.57 ? 61  GLU A O   1 
ATOM   498  C  CB  . GLU A 1 61  ? -10.632 -3.430  1.299   1.00 20.25 ? 61  GLU A CB  1 
ATOM   499  C  CG  . GLU A 1 61  ? -9.234  -3.175  1.822   1.00 22.26 ? 61  GLU A CG  1 
ATOM   500  C  CD  . GLU A 1 61  ? -8.318  -2.363  0.966   1.00 23.68 ? 61  GLU A CD  1 
ATOM   501  O  OE1 . GLU A 1 61  ? -8.372  -2.655  -0.248  1.00 25.44 ? 61  GLU A OE1 1 
ATOM   502  O  OE2 . GLU A 1 61  ? -7.597  -1.498  1.440   1.00 22.17 ? 61  GLU A OE2 1 
ATOM   503  N  N   . TRP A 1 62  ? -12.919 -1.712  2.457   1.00 16.95 ? 62  TRP A N   1 
ATOM   504  C  CA  . TRP A 1 62  ? -13.469 -0.503  3.073   1.00 18.50 ? 62  TRP A CA  1 
ATOM   505  C  C   . TRP A 1 62  ? -14.229 -0.835  4.375   1.00 21.22 ? 62  TRP A C   1 
ATOM   506  O  O   . TRP A 1 62  ? -14.112 -0.175  5.412   1.00 21.44 ? 62  TRP A O   1 
ATOM   507  C  CB  . TRP A 1 62  ? -14.398 0.224   2.109   1.00 16.87 ? 62  TRP A CB  1 
ATOM   508  C  CG  . TRP A 1 62  ? -15.187 1.360   2.663   1.00 17.30 ? 62  TRP A CG  1 
ATOM   509  C  CD1 . TRP A 1 62  ? -16.551 1.588   2.581   1.00 16.11 ? 62  TRP A CD1 1 
ATOM   510  C  CD2 . TRP A 1 62  ? -14.637 2.438   3.449   1.00 16.62 ? 62  TRP A CD2 1 
ATOM   511  N  NE1 . TRP A 1 62  ? -16.866 2.764   3.211   1.00 16.18 ? 62  TRP A NE1 1 
ATOM   512  C  CE2 . TRP A 1 62  ? -15.718 3.296   3.762   1.00 18.83 ? 62  TRP A CE2 1 
ATOM   513  C  CE3 . TRP A 1 62  ? -13.358 2.769   3.855   1.00 13.44 ? 62  TRP A CE3 1 
ATOM   514  C  CZ2 . TRP A 1 62  ? -15.506 4.478   4.470   1.00 19.09 ? 62  TRP A CZ2 1 
ATOM   515  C  CZ3 . TRP A 1 62  ? -13.137 3.911   4.557   1.00 16.33 ? 62  TRP A CZ3 1 
ATOM   516  C  CH2 . TRP A 1 62  ? -14.215 4.761   4.879   1.00 18.51 ? 62  TRP A CH2 1 
ATOM   517  N  N   . ARG A 1 63  ? -15.031 -1.883  4.274   1.00 22.52 ? 63  ARG A N   1 
ATOM   518  C  CA  . ARG A 1 63  ? -15.831 -2.394  5.381   1.00 23.21 ? 63  ARG A CA  1 
ATOM   519  C  C   . ARG A 1 63  ? -14.936 -2.723  6.561   1.00 23.41 ? 63  ARG A C   1 
ATOM   520  O  O   . ARG A 1 63  ? -15.224 -2.326  7.695   1.00 24.00 ? 63  ARG A O   1 
ATOM   521  C  CB  . ARG A 1 63  ? -16.635 -3.610  4.961   1.00 25.89 ? 63  ARG A CB  1 
ATOM   522  C  CG  . ARG A 1 63  ? -17.523 -4.272  5.978   1.00 28.64 ? 63  ARG A CG  1 
ATOM   523  C  CD  . ARG A 1 63  ? -18.909 -4.494  5.427   1.00 31.22 ? 63  ARG A CD  1 
ATOM   524  N  NE  . ARG A 1 63  ? -19.251 -3.510  4.393   1.00 31.33 ? 63  ARG A NE  1 
ATOM   525  C  CZ  . ARG A 1 63  ? -19.412 -3.877  3.116   1.00 32.08 ? 63  ARG A CZ  1 
ATOM   526  N  NH1 . ARG A 1 63  ? -19.210 -5.149  2.764   1.00 31.45 ? 63  ARG A NH1 1 
ATOM   527  N  NH2 . ARG A 1 63  ? -19.773 -2.993  2.181   1.00 33.63 ? 63  ARG A NH2 1 
ATOM   528  N  N   . ASP A 1 64  ? -13.855 -3.435  6.326   1.00 23.89 ? 64  ASP A N   1 
ATOM   529  C  CA  . ASP A 1 64  ? -12.954 -3.803  7.440   1.00 22.90 ? 64  ASP A CA  1 
ATOM   530  C  C   . ASP A 1 64  ? -12.218 -2.571  7.940   1.00 22.62 ? 64  ASP A C   1 
ATOM   531  O  O   . ASP A 1 64  ? -11.946 -2.545  9.166   1.00 24.90 ? 64  ASP A O   1 
ATOM   532  C  CB  . ASP A 1 64  ? -11.972 -4.885  7.013   1.00 25.00 ? 64  ASP A CB  1 
ATOM   533  C  CG  . ASP A 1 64  ? -11.116 -5.423  8.145   1.00 26.69 ? 64  ASP A CG  1 
ATOM   534  O  OD1 . ASP A 1 64  ? -10.032 -4.839  8.359   1.00 27.83 ? 64  ASP A OD1 1 
ATOM   535  O  OD2 . ASP A 1 64  ? -11.479 -6.412  8.783   1.00 27.10 ? 64  ASP A OD2 1 
ATOM   536  N  N   . LEU A 1 65  ? -11.865 -1.640  7.071   1.00 19.74 ? 65  LEU A N   1 
ATOM   537  C  CA  . LEU A 1 65  ? -11.151 -0.453  7.572   1.00 18.79 ? 65  LEU A CA  1 
ATOM   538  C  C   . LEU A 1 65  ? -12.143 0.401   8.388   1.00 19.44 ? 65  LEU A C   1 
ATOM   539  O  O   . LEU A 1 65  ? -11.802 0.740   9.541   1.00 17.94 ? 65  LEU A O   1 
ATOM   540  C  CB  . LEU A 1 65  ? -10.429 0.255   6.456   1.00 16.80 ? 65  LEU A CB  1 
ATOM   541  C  CG  . LEU A 1 65  ? -9.785  1.618   6.739   1.00 14.71 ? 65  LEU A CG  1 
ATOM   542  C  CD1 . LEU A 1 65  ? -8.634  1.467   7.677   1.00 12.95 ? 65  LEU A CD1 1 
ATOM   543  C  CD2 . LEU A 1 65  ? -9.389  2.213   5.386   1.00 15.52 ? 65  LEU A CD2 1 
ATOM   544  N  N   . LYS A 1 66  ? -13.252 0.754   7.762   1.00 18.85 ? 66  LYS A N   1 
ATOM   545  C  CA  . LYS A 1 66  ? -14.317 1.554   8.389   1.00 19.48 ? 66  LYS A CA  1 
ATOM   546  C  C   . LYS A 1 66  ? -14.682 1.002   9.770   1.00 19.58 ? 66  LYS A C   1 
ATOM   547  O  O   . LYS A 1 66  ? -14.773 1.755   10.756  1.00 20.00 ? 66  LYS A O   1 
ATOM   548  C  CB  . LYS A 1 66  ? -15.590 1.559   7.550   1.00 18.95 ? 66  LYS A CB  1 
ATOM   549  C  CG  . LYS A 1 66  ? -16.499 2.749   7.608   1.00 20.32 ? 66  LYS A CG  1 
ATOM   550  C  CD  . LYS A 1 66  ? -17.727 2.643   6.728   1.00 23.39 ? 66  LYS A CD  1 
ATOM   551  C  CE  . LYS A 1 66  ? -18.835 1.762   7.247   1.00 24.58 ? 66  LYS A CE  1 
ATOM   552  N  NZ  . LYS A 1 66  ? -18.521 0.315   7.062   1.00 27.79 ? 66  LYS A NZ  1 
ATOM   553  N  N   . GLY A 1 67  ? -14.918 -0.273  9.871   1.00 19.88 ? 67  GLY A N   1 
ATOM   554  C  CA  . GLY A 1 67  ? -15.285 -0.940  11.130  1.00 21.33 ? 67  GLY A CA  1 
ATOM   555  C  C   . GLY A 1 67  ? -14.230 -1.013  12.191  1.00 21.45 ? 67  GLY A C   1 
ATOM   556  O  O   . GLY A 1 67  ? -14.456 -1.489  13.323  1.00 22.04 ? 67  GLY A O   1 
ATOM   557  N  N   . ARG A 1 68  ? -13.022 -0.568  11.926  1.00 22.71 ? 68  ARG A N   1 
ATOM   558  C  CA  . ARG A 1 68  ? -11.904 -0.596  12.857  1.00 22.74 ? 68  ARG A CA  1 
ATOM   559  C  C   . ARG A 1 68  ? -11.379 0.788   13.234  1.00 22.45 ? 68  ARG A C   1 
ATOM   560  O  O   . ARG A 1 68  ? -10.794 0.948   14.333  1.00 24.40 ? 68  ARG A O   1 
ATOM   561  C  CB  . ARG A 1 68  ? -10.675 -1.261  12.268  1.00 23.16 ? 68  ARG A CB  1 
ATOM   562  C  CG  . ARG A 1 68  ? -10.565 -2.748  12.186  1.00 26.34 ? 68  ARG A CG  1 
ATOM   563  C  CD  . ARG A 1 68  ? -9.260  -3.094  11.505  1.00 28.91 ? 68  ARG A CD  1 
ATOM   564  N  NE  . ARG A 1 68  ? -9.394  -4.341  10.765  1.00 30.21 ? 68  ARG A NE  1 
ATOM   565  C  CZ  . ARG A 1 68  ? -9.369  -5.509  11.422  1.00 33.38 ? 68  ARG A CZ  1 
ATOM   566  N  NH1 . ARG A 1 68  ? -9.131  -5.485  12.736  1.00 34.83 ? 68  ARG A NH1 1 
ATOM   567  N  NH2 . ARG A 1 68  ? -9.523  -6.683  10.814  1.00 35.28 ? 68  ARG A NH2 1 
ATOM   568  N  N   . ALA A 1 69  ? -11.514 1.703   12.314  1.00 20.82 ? 69  ALA A N   1 
ATOM   569  C  CA  . ALA A 1 69  ? -10.945 3.035   12.516  1.00 19.78 ? 69  ALA A CA  1 
ATOM   570  C  C   . ALA A 1 69  ? -11.976 4.114   12.643  1.00 18.38 ? 69  ALA A C   1 
ATOM   571  O  O   . ALA A 1 69  ? -11.613 5.140   13.209  1.00 17.89 ? 69  ALA A O   1 
ATOM   572  C  CB  . ALA A 1 69  ? -9.941  3.348   11.379  1.00 18.77 ? 69  ALA A CB  1 
ATOM   573  N  N   . ASP A 1 70  ? -13.187 3.867   12.160  1.00 18.29 ? 70  ASP A N   1 
ATOM   574  C  CA  . ASP A 1 70  ? -14.201 4.926   12.273  1.00 19.98 ? 70  ASP A CA  1 
ATOM   575  C  C   . ASP A 1 70  ? -14.835 4.893   13.691  1.00 21.31 ? 70  ASP A C   1 
ATOM   576  O  O   . ASP A 1 70  ? -15.912 4.299   13.884  1.00 20.72 ? 70  ASP A O   1 
ATOM   577  C  CB  . ASP A 1 70  ? -15.233 4.793   11.200  1.00 19.89 ? 70  ASP A CB  1 
ATOM   578  C  CG  . ASP A 1 70  ? -16.113 6.024   11.047  1.00 19.96 ? 70  ASP A CG  1 
ATOM   579  O  OD1 . ASP A 1 70  ? -15.676 7.174   11.321  1.00 16.42 ? 70  ASP A OD1 1 
ATOM   580  O  OD2 . ASP A 1 70  ? -17.213 5.719   10.573  1.00 19.69 ? 70  ASP A OD2 1 
ATOM   581  N  N   . ILE A 1 71  ? -14.168 5.592   14.573  1.00 21.59 ? 71  ILE A N   1 
ATOM   582  C  CA  . ILE A 1 71  ? -14.617 5.650   15.961  1.00 24.35 ? 71  ILE A CA  1 
ATOM   583  C  C   . ILE A 1 71  ? -15.968 6.307   16.173  1.00 24.98 ? 71  ILE A C   1 
ATOM   584  O  O   . ILE A 1 71  ? -16.736 5.694   16.960  1.00 25.39 ? 71  ILE A O   1 
ATOM   585  C  CB  . ILE A 1 71  ? -13.475 6.204   16.875  1.00 25.00 ? 71  ILE A CB  1 
ATOM   586  C  CG1 . ILE A 1 71  ? -12.229 5.261   16.808  1.00 25.62 ? 71  ILE A CG1 1 
ATOM   587  C  CG2 . ILE A 1 71  ? -14.002 6.330   18.329  1.00 27.29 ? 71  ILE A CG2 1 
ATOM   588  C  CD1 . ILE A 1 71  ? -12.551 3.750   17.109  1.00 23.70 ? 71  ILE A CD1 1 
ATOM   589  N  N   . ASN A 1 72  ? -16.307 7.423   15.555  1.00 25.50 ? 72  ASN A N   1 
ATOM   590  C  CA  . ASN A 1 72  ? -17.583 8.107   15.705  1.00 25.89 ? 72  ASN A CA  1 
ATOM   591  C  C   . ASN A 1 72  ? -18.641 7.753   14.661  1.00 27.26 ? 72  ASN A C   1 
ATOM   592  O  O   . ASN A 1 72  ? -19.552 8.601   14.454  1.00 29.33 ? 72  ASN A O   1 
ATOM   593  C  CB  . ASN A 1 72  ? -17.492 9.647   15.659  1.00 25.49 ? 72  ASN A CB  1 
ATOM   594  C  CG  . ASN A 1 72  ? -17.070 10.034  14.264  1.00 24.84 ? 72  ASN A CG  1 
ATOM   595  O  OD1 . ASN A 1 72  ? -16.491 9.143   13.643  1.00 29.19 ? 72  ASN A OD1 1 
ATOM   596  N  ND2 . ASN A 1 72  ? -17.216 11.226  13.755  1.00 28.79 ? 72  ASN A ND2 1 
ATOM   597  N  N   . LYS A 1 73  ? -18.561 6.644   14.002  1.00 26.56 ? 73  LYS A N   1 
ATOM   598  C  CA  . LYS A 1 73  ? -19.494 6.176   13.024  1.00 25.81 ? 73  LYS A CA  1 
ATOM   599  C  C   . LYS A 1 73  ? -20.068 7.074   11.959  1.00 26.28 ? 73  LYS A C   1 
ATOM   600  O  O   . LYS A 1 73  ? -21.266 6.842   11.622  1.00 27.84 ? 73  LYS A O   1 
ATOM   601  C  CB  . LYS A 1 73  ? -20.690 5.543   13.799  1.00 27.10 ? 73  LYS A CB  1 
ATOM   602  C  CG  . LYS A 1 73  ? -20.461 4.008   13.882  1.00 27.98 ? 73  LYS A CG  1 
ATOM   603  C  CD  . LYS A 1 73  ? -19.215 3.746   14.705  1.00 26.45 ? 73  LYS A CD  1 
ATOM   604  C  CE  . LYS A 1 73  ? -19.579 3.681   16.172  1.00 28.91 ? 73  LYS A CE  1 
ATOM   605  N  NZ  . LYS A 1 73  ? -19.704 2.231   16.553  1.00 32.55 ? 73  LYS A NZ  1 
ATOM   606  N  N   . ASP A 1 74  ? -19.332 7.945   11.333  1.00 25.40 ? 74  ASP A N   1 
ATOM   607  C  CA  . ASP A 1 74  ? -19.723 8.810   10.238  1.00 25.41 ? 74  ASP A CA  1 
ATOM   608  C  C   . ASP A 1 74  ? -19.179 8.359   8.869   1.00 25.28 ? 74  ASP A C   1 
ATOM   609  O  O   . ASP A 1 74  ? -18.976 9.265   8.030   1.00 24.43 ? 74  ASP A O   1 
ATOM   610  C  CB  . ASP A 1 74  ? -19.276 10.272  10.494  1.00 24.80 ? 74  ASP A CB  1 
ATOM   611  C  CG  . ASP A 1 74  ? -17.802 10.525  10.556  1.00 24.49 ? 74  ASP A CG  1 
ATOM   612  O  OD1 . ASP A 1 74  ? -17.033 9.555   10.754  1.00 24.12 ? 74  ASP A OD1 1 
ATOM   613  O  OD2 . ASP A 1 74  ? -17.301 11.671  10.417  1.00 24.98 ? 74  ASP A OD2 1 
ATOM   614  N  N   . ASP A 1 75  ? -18.884 7.119   8.611   1.00 26.30 ? 75  ASP A N   1 
ATOM   615  C  CA  . ASP A 1 75  ? -18.367 6.572   7.351   1.00 26.74 ? 75  ASP A CA  1 
ATOM   616  C  C   . ASP A 1 75  ? -17.204 7.299   6.710   1.00 26.10 ? 75  ASP A C   1 
ATOM   617  O  O   . ASP A 1 75  ? -17.006 7.234   5.461   1.00 27.65 ? 75  ASP A O   1 
ATOM   618  C  CB  . ASP A 1 75  ? -19.509 6.468   6.289   1.00 29.17 ? 75  ASP A CB  1 
ATOM   619  C  CG  . ASP A 1 75  ? -20.554 5.467   6.715   1.00 31.90 ? 75  ASP A CG  1 
ATOM   620  O  OD1 . ASP A 1 75  ? -20.178 4.456   7.313   1.00 33.74 ? 75  ASP A OD1 1 
ATOM   621  O  OD2 . ASP A 1 75  ? -21.755 5.752   6.472   1.00 35.19 ? 75  ASP A OD2 1 
ATOM   622  N  N   . VAL A 1 76  ? -16.462 8.033   7.476   1.00 25.42 ? 76  VAL A N   1 
ATOM   623  C  CA  . VAL A 1 76  ? -15.273 8.764   6.995   1.00 23.73 ? 76  VAL A CA  1 
ATOM   624  C  C   . VAL A 1 76  ? -14.140 8.317   7.933   1.00 23.27 ? 76  VAL A C   1 
ATOM   625  O  O   . VAL A 1 76  ? -14.412 8.297   9.162   1.00 22.95 ? 76  VAL A O   1 
ATOM   626  C  CB  . VAL A 1 76  ? -15.484 10.279  7.047   1.00 24.38 ? 76  VAL A CB  1 
ATOM   627  C  CG1 . VAL A 1 76  ? -14.304 11.046  6.445   1.00 23.08 ? 76  VAL A CG1 1 
ATOM   628  C  CG2 . VAL A 1 76  ? -16.803 10.734  6.433   1.00 23.06 ? 76  VAL A CG2 1 
ATOM   629  N  N   . VAL A 1 77  ? -12.996 7.917   7.397   1.00 21.34 ? 77  VAL A N   1 
ATOM   630  C  CA  . VAL A 1 77  ? -11.885 7.572   8.307   1.00 19.95 ? 77  VAL A CA  1 
ATOM   631  C  C   . VAL A 1 77  ? -10.985 8.823   8.212   1.00 21.09 ? 77  VAL A C   1 
ATOM   632  O  O   . VAL A 1 77  ? -10.554 9.183   7.094   1.00 21.84 ? 77  VAL A O   1 
ATOM   633  C  CB  . VAL A 1 77  ? -11.181 6.268   8.006   1.00 18.65 ? 77  VAL A CB  1 
ATOM   634  C  CG1 . VAL A 1 77  ? -9.879  6.091   8.802   1.00 18.16 ? 77  VAL A CG1 1 
ATOM   635  C  CG2 . VAL A 1 77  ? -12.039 5.018   8.193   1.00 17.68 ? 77  VAL A CG2 1 
ATOM   636  N  N   . SER A 1 78  ? -10.751 9.509   9.329   1.00 19.30 ? 78  SER A N   1 
ATOM   637  C  CA  . SER A 1 78  ? -9.861  10.698  9.167   1.00 19.20 ? 78  SER A CA  1 
ATOM   638  C  C   . SER A 1 78  ? -8.442  10.227  9.428   1.00 17.78 ? 78  SER A C   1 
ATOM   639  O  O   . SER A 1 78  ? -8.235  9.067   9.843   1.00 17.82 ? 78  SER A O   1 
ATOM   640  C  CB  . SER A 1 78  ? -10.301 11.761  10.195  1.00 19.05 ? 78  SER A CB  1 
ATOM   641  O  OG  . SER A 1 78  ? -10.509 11.077  11.419  1.00 20.08 ? 78  SER A OG  1 
ATOM   642  N  N   . TRP A 1 79  ? -7.522  11.115  9.221   1.00 17.86 ? 79  TRP A N   1 
ATOM   643  C  CA  . TRP A 1 79  ? -6.086  10.922  9.476   1.00 18.51 ? 79  TRP A CA  1 
ATOM   644  C  C   . TRP A 1 79  ? -5.873  10.502  10.934  1.00 18.65 ? 79  TRP A C   1 
ATOM   645  O  O   . TRP A 1 79  ? -5.200  9.506   11.205  1.00 19.77 ? 79  TRP A O   1 
ATOM   646  C  CB  . TRP A 1 79  ? -5.305  12.209  9.221   1.00 16.92 ? 79  TRP A CB  1 
ATOM   647  C  CG  . TRP A 1 79  ? -3.936  12.149  9.842   1.00 19.08 ? 79  TRP A CG  1 
ATOM   648  C  CD1 . TRP A 1 79  ? -3.406  13.054  10.709  1.00 20.32 ? 79  TRP A CD1 1 
ATOM   649  C  CD2 . TRP A 1 79  ? -2.930  11.154  9.616   1.00 18.92 ? 79  TRP A CD2 1 
ATOM   650  N  NE1 . TRP A 1 79  ? -2.111  12.699  11.016  1.00 21.25 ? 79  TRP A NE1 1 
ATOM   651  C  CE2 . TRP A 1 79  ? -1.797  11.546  10.358  1.00 19.56 ? 79  TRP A CE2 1 
ATOM   652  C  CE3 . TRP A 1 79  ? -2.864  10.023  8.801   1.00 18.81 ? 79  TRP A CE3 1 
ATOM   653  C  CZ2 . TRP A 1 79  ? -0.587  10.845  10.340  1.00 18.47 ? 79  TRP A CZ2 1 
ATOM   654  C  CZ3 . TRP A 1 79  ? -1.656  9.312   8.780   1.00 18.42 ? 79  TRP A CZ3 1 
ATOM   655  C  CH2 . TRP A 1 79  ? -0.563  9.700   9.543   1.00 18.58 ? 79  TRP A CH2 1 
ATOM   656  N  N   . GLU A 1 80  ? -6.430  11.300  11.832  1.00 19.11 ? 80  GLU A N   1 
ATOM   657  C  CA  . GLU A 1 80  ? -6.393  11.031  13.279  1.00 18.74 ? 80  GLU A CA  1 
ATOM   658  C  C   . GLU A 1 80  ? -6.939  9.659   13.606  1.00 17.49 ? 80  GLU A C   1 
ATOM   659  O  O   . GLU A 1 80  ? -6.290  8.898   14.369  1.00 17.43 ? 80  GLU A O   1 
ATOM   660  C  CB  . GLU A 1 80  ? -7.192  12.080  14.075  1.00 19.93 ? 80  GLU A CB  1 
ATOM   661  C  CG  . GLU A 1 80  ? -6.793  13.538  13.707  1.00 24.05 ? 80  GLU A CG  1 
ATOM   662  C  CD  . GLU A 1 80  ? -7.441  14.022  12.426  1.00 27.20 ? 80  GLU A CD  1 
ATOM   663  O  OE1 . GLU A 1 80  ? -8.452  13.500  11.968  1.00 28.98 ? 80  GLU A OE1 1 
ATOM   664  O  OE2 . GLU A 1 80  ? -6.866  14.980  11.879  1.00 28.57 ? 80  GLU A OE2 1 
ATOM   665  N  N   . GLU A 1 81  ? -8.078  9.235   13.075  1.00 16.61 ? 81  GLU A N   1 
ATOM   666  C  CA  . GLU A 1 81  ? -8.558  7.877   13.386  1.00 17.14 ? 81  GLU A CA  1 
ATOM   667  C  C   . GLU A 1 81  ? -7.653  6.818   12.758  1.00 17.72 ? 81  GLU A C   1 
ATOM   668  O  O   . GLU A 1 81  ? -7.425  5.755   13.377  1.00 17.90 ? 81  GLU A O   1 
ATOM   669  C  CB  . GLU A 1 81  ? -9.994  7.587   13.024  1.00 17.26 ? 81  GLU A CB  1 
ATOM   670  C  CG  . GLU A 1 81  ? -10.948 8.785   13.267  1.00 18.22 ? 81  GLU A CG  1 
ATOM   671  C  CD  . GLU A 1 81  ? -12.315 8.553   12.718  1.00 18.68 ? 81  GLU A CD  1 
ATOM   672  O  OE1 . GLU A 1 81  ? -12.628 8.810   11.563  1.00 20.82 ? 81  GLU A OE1 1 
ATOM   673  O  OE2 . GLU A 1 81  ? -13.054 8.030   13.555  1.00 19.02 ? 81  GLU A OE2 1 
ATOM   674  N  N   . TYR A 1 82  ? -7.139  7.100   11.580  1.00 17.75 ? 82  TYR A N   1 
ATOM   675  C  CA  . TYR A 1 82  ? -6.210  6.222   10.871  1.00 18.39 ? 82  TYR A CA  1 
ATOM   676  C  C   . TYR A 1 82  ? -4.901  6.131   11.673  1.00 18.46 ? 82  TYR A C   1 
ATOM   677  O  O   . TYR A 1 82  ? -4.302  5.013   11.724  1.00 18.32 ? 82  TYR A O   1 
ATOM   678  C  CB  . TYR A 1 82  ? -5.976  6.663   9.410   1.00 17.94 ? 82  TYR A CB  1 
ATOM   679  C  CG  . TYR A 1 82  ? -5.133  5.783   8.529   1.00 17.17 ? 82  TYR A CG  1 
ATOM   680  C  CD1 . TYR A 1 82  ? -5.583  4.583   7.949   1.00 17.75 ? 82  TYR A CD1 1 
ATOM   681  C  CD2 . TYR A 1 82  ? -3.789  6.093   8.335   1.00 16.49 ? 82  TYR A CD2 1 
ATOM   682  C  CE1 . TYR A 1 82  ? -4.734  3.760   7.188   1.00 16.75 ? 82  TYR A CE1 1 
ATOM   683  C  CE2 . TYR A 1 82  ? -2.951  5.336   7.559   1.00 17.18 ? 82  TYR A CE2 1 
ATOM   684  C  CZ  . TYR A 1 82  ? -3.422  4.149   6.969   1.00 17.79 ? 82  TYR A CZ  1 
ATOM   685  O  OH  . TYR A 1 82  ? -2.547  3.404   6.186   1.00 14.59 ? 82  TYR A OH  1 
ATOM   686  N  N   . LEU A 1 83  ? -4.496  7.240   12.271  1.00 18.19 ? 83  LEU A N   1 
ATOM   687  C  CA  . LEU A 1 83  ? -3.228  7.228   13.103  1.00 18.25 ? 83  LEU A CA  1 
ATOM   688  C  C   . LEU A 1 83  ? -3.497  6.311   14.297  1.00 18.65 ? 83  LEU A C   1 
ATOM   689  O  O   . LEU A 1 83  ? -2.791  5.332   14.569  1.00 19.63 ? 83  LEU A O   1 
ATOM   690  C  CB  . LEU A 1 83  ? -2.896  8.654   13.459  1.00 17.16 ? 83  LEU A CB  1 
ATOM   691  C  CG  . LEU A 1 83  ? -1.475  9.154   13.442  1.00 21.01 ? 83  LEU A CG  1 
ATOM   692  C  CD1 . LEU A 1 83  ? -1.323  10.398  14.324  1.00 19.38 ? 83  LEU A CD1 1 
ATOM   693  C  CD2 . LEU A 1 83  ? -0.441  8.117   13.905  1.00 20.62 ? 83  LEU A CD2 1 
ATOM   694  N  N   . ALA A 1 84  ? -4.584  6.607   15.003  1.00 18.47 ? 84  ALA A N   1 
ATOM   695  C  CA  . ALA A 1 84  ? -5.067  5.825   16.149  1.00 17.07 ? 84  ALA A CA  1 
ATOM   696  C  C   . ALA A 1 84  ? -5.102  4.366   15.844  1.00 16.72 ? 84  ALA A C   1 
ATOM   697  O  O   . ALA A 1 84  ? -4.667  3.564   16.686  1.00 19.36 ? 84  ALA A O   1 
ATOM   698  C  CB  . ALA A 1 84  ? -6.458  6.311   16.569  1.00 17.68 ? 84  ALA A CB  1 
ATOM   699  N  N   . MET A 1 85  ? -5.638  3.957   14.705  1.00 17.61 ? 85  MET A N   1 
ATOM   700  C  CA  . MET A 1 85  ? -5.697  2.546   14.297  1.00 17.42 ? 85  MET A CA  1 
ATOM   701  C  C   . MET A 1 85  ? -4.271  1.979   14.245  1.00 17.38 ? 85  MET A C   1 
ATOM   702  O  O   . MET A 1 85  ? -4.000  0.882   14.760  1.00 18.38 ? 85  MET A O   1 
ATOM   703  C  CB  . MET A 1 85  ? -6.380  2.336   12.959  1.00 17.50 ? 85  MET A CB  1 
ATOM   704  C  CG  . MET A 1 85  ? -6.244  0.902   12.493  1.00 18.58 ? 85  MET A CG  1 
ATOM   705  S  SD  . MET A 1 85  ? -7.273  0.700   10.977  1.00 21.10 ? 85  MET A SD  1 
ATOM   706  C  CE  . MET A 1 85  ? -6.313  1.813   9.935   1.00 18.31 ? 85  MET A CE  1 
ATOM   707  N  N   . TRP A 1 86  ? -3.374  2.727   13.666  1.00 18.58 ? 86  TRP A N   1 
ATOM   708  C  CA  . TRP A 1 86  ? -1.964  2.251   13.569  1.00 19.58 ? 86  TRP A CA  1 
ATOM   709  C  C   . TRP A 1 86  ? -1.251  2.182   14.894  1.00 20.08 ? 86  TRP A C   1 
ATOM   710  O  O   . TRP A 1 86  ? -0.495  1.201   15.117  1.00 19.63 ? 86  TRP A O   1 
ATOM   711  C  CB  . TRP A 1 86  ? -1.248  3.028   12.474  1.00 18.96 ? 86  TRP A CB  1 
ATOM   712  C  CG  . TRP A 1 86  ? -1.550  2.279   11.203  1.00 18.86 ? 86  TRP A CG  1 
ATOM   713  C  CD1 . TRP A 1 86  ? -2.311  2.695   10.178  1.00 18.14 ? 86  TRP A CD1 1 
ATOM   714  C  CD2 . TRP A 1 86  ? -1.092  0.960   10.877  1.00 20.38 ? 86  TRP A CD2 1 
ATOM   715  N  NE1 . TRP A 1 86  ? -2.356  1.742   9.209   1.00 17.32 ? 86  TRP A NE1 1 
ATOM   716  C  CE2 . TRP A 1 86  ? -1.651  0.659   9.592   1.00 19.23 ? 86  TRP A CE2 1 
ATOM   717  C  CE3 . TRP A 1 86  ? -0.311  0.002   11.517  1.00 19.80 ? 86  TRP A CE3 1 
ATOM   718  C  CZ2 . TRP A 1 86  ? -1.410  -0.549  8.944   1.00 17.79 ? 86  TRP A CZ2 1 
ATOM   719  C  CZ3 . TRP A 1 86  ? -0.093  -1.207  10.874  1.00 16.94 ? 86  TRP A CZ3 1 
ATOM   720  C  CH2 . TRP A 1 86  ? -0.617  -1.473  9.613   1.00 16.71 ? 86  TRP A CH2 1 
ATOM   721  N  N   . GLU A 1 87  ? -1.497  3.142   15.760  1.00 21.18 ? 87  GLU A N   1 
ATOM   722  C  CA  . GLU A 1 87  ? -0.872  3.124   17.107  1.00 21.94 ? 87  GLU A CA  1 
ATOM   723  C  C   . GLU A 1 87  ? -1.300  1.889   17.857  1.00 20.79 ? 87  GLU A C   1 
ATOM   724  O  O   . GLU A 1 87  ? -0.489  1.298   18.576  1.00 22.13 ? 87  GLU A O   1 
ATOM   725  C  CB  . GLU A 1 87  ? -1.132  4.334   17.963  1.00 22.53 ? 87  GLU A CB  1 
ATOM   726  C  CG  . GLU A 1 87  ? -0.812  5.723   17.402  1.00 26.02 ? 87  GLU A CG  1 
ATOM   727  C  CD  . GLU A 1 87  ? -0.101  6.548   18.466  1.00 29.29 ? 87  GLU A CD  1 
ATOM   728  O  OE1 . GLU A 1 87  ? -0.207  6.133   19.618  1.00 29.53 ? 87  GLU A OE1 1 
ATOM   729  O  OE2 . GLU A 1 87  ? 0.542   7.541   18.054  1.00 29.03 ? 87  GLU A OE2 1 
ATOM   730  N  N   . LYS A 1 88  ? -2.542  1.512   17.654  1.00 21.24 ? 88  LYS A N   1 
ATOM   731  C  CA  . LYS A 1 88  ? -3.110  0.294   18.323  1.00 21.39 ? 88  LYS A CA  1 
ATOM   732  C  C   . LYS A 1 88  ? -2.410  -0.927  17.766  1.00 20.83 ? 88  LYS A C   1 
ATOM   733  O  O   . LYS A 1 88  ? -1.765  -1.646  18.523  1.00 20.66 ? 88  LYS A O   1 
ATOM   734  C  CB  . LYS A 1 88  ? -4.602  0.340   18.242  1.00 22.04 ? 88  LYS A CB  1 
ATOM   735  C  CG  . LYS A 1 88  ? -5.549  -0.778  18.435  1.00 23.20 ? 88  LYS A CG  1 
ATOM   736  C  CD  . LYS A 1 88  ? -6.796  -0.706  17.539  1.00 30.13 ? 88  LYS A CD  1 
ATOM   737  C  CE  . LYS A 1 88  ? -6.654  -0.814  16.052  1.00 31.12 ? 88  LYS A CE  1 
ATOM   738  N  NZ  . LYS A 1 88  ? -6.704  -2.213  15.496  1.00 31.43 ? 88  LYS A NZ  1 
ATOM   739  N  N   . THR A 1 89  ? -2.393  -1.233  16.476  1.00 20.87 ? 89  THR A N   1 
ATOM   740  C  CA  . THR A 1 89  ? -1.701  -2.415  15.957  1.00 20.40 ? 89  THR A CA  1 
ATOM   741  C  C   . THR A 1 89  ? -0.197  -2.436  16.075  1.00 21.12 ? 89  THR A C   1 
ATOM   742  O  O   . THR A 1 89  ? 0.381   -3.532  16.148  1.00 20.13 ? 89  THR A O   1 
ATOM   743  C  CB  . THR A 1 89  ? -2.107  -2.656  14.439  1.00 18.42 ? 89  THR A CB  1 
ATOM   744  O  OG1 . THR A 1 89  ? -1.655  -1.455  13.811  1.00 21.13 ? 89  THR A OG1 1 
ATOM   745  C  CG2 . THR A 1 89  ? -3.592  -2.851  14.257  1.00 21.23 ? 89  THR A CG2 1 
ATOM   746  N  N   . ILE A 1 90  ? 0.474   -1.289  16.031  1.00 22.65 ? 90  ILE A N   1 
ATOM   747  C  CA  . ILE A 1 90  ? 1.958   -1.374  16.147  1.00 24.76 ? 90  ILE A CA  1 
ATOM   748  C  C   . ILE A 1 90  ? 2.227   -1.867  17.559  1.00 27.15 ? 90  ILE A C   1 
ATOM   749  O  O   . ILE A 1 90  ? 3.078   -2.710  17.859  1.00 27.89 ? 90  ILE A O   1 
ATOM   750  C  CB  . ILE A 1 90  ? 2.647   -0.015  15.786  1.00 23.10 ? 90  ILE A CB  1 
ATOM   751  C  CG1 . ILE A 1 90  ? 2.679   0.189   14.260  1.00 23.24 ? 90  ILE A CG1 1 
ATOM   752  C  CG2 . ILE A 1 90  ? 4.082   0.069   16.366  1.00 24.51 ? 90  ILE A CG2 1 
ATOM   753  C  CD1 . ILE A 1 90  ? 3.310   1.514   13.751  1.00 23.97 ? 90  ILE A CD1 1 
ATOM   754  N  N   . ALA A 1 91  ? 1.409   -1.318  18.462  1.00 29.01 ? 91  ALA A N   1 
ATOM   755  C  CA  . ALA A 1 91  ? 1.544   -1.655  19.893  1.00 30.35 ? 91  ALA A CA  1 
ATOM   756  C  C   . ALA A 1 91  ? 1.665   -3.145  20.124  1.00 30.77 ? 91  ALA A C   1 
ATOM   757  O  O   . ALA A 1 91  ? 2.406   -3.528  21.059  1.00 32.17 ? 91  ALA A O   1 
ATOM   758  C  CB  . ALA A 1 91  ? 0.408   -0.989  20.652  1.00 30.52 ? 91  ALA A CB  1 
ATOM   759  N  N   . THR A 1 92  ? 1.033   -3.975  19.322  1.00 31.07 ? 92  THR A N   1 
ATOM   760  C  CA  . THR A 1 92  ? 1.049   -5.428  19.455  1.00 31.26 ? 92  THR A CA  1 
ATOM   761  C  C   . THR A 1 92  ? 1.071   -6.304  18.217  1.00 30.76 ? 92  THR A C   1 
ATOM   762  O  O   . THR A 1 92  ? 0.268   -7.278  18.303  1.00 32.33 ? 92  THR A O   1 
ATOM   763  C  CB  . THR A 1 92  ? -0.311  -5.865  20.214  1.00 31.81 ? 92  THR A CB  1 
ATOM   764  O  OG1 . THR A 1 92  ? -1.304  -5.505  19.215  1.00 29.82 ? 92  THR A OG1 1 
ATOM   765  C  CG2 . THR A 1 92  ? -0.492  -5.194  21.571  1.00 31.97 ? 92  THR A CG2 1 
ATOM   766  N  N   . CYS A 1 93  ? 1.791   -6.129  17.155  1.00 29.73 ? 93  CYS A N   1 
ATOM   767  C  CA  . CYS A 1 93  ? 1.794   -7.047  15.979  1.00 29.16 ? 93  CYS A CA  1 
ATOM   768  C  C   . CYS A 1 93  ? 3.214   -7.557  15.696  1.00 28.79 ? 93  CYS A C   1 
ATOM   769  O  O   . CYS A 1 93  ? 4.170   -6.804  15.995  1.00 28.13 ? 93  CYS A O   1 
ATOM   770  C  CB  . CYS A 1 93  ? 1.213   -6.261  14.799  1.00 29.56 ? 93  CYS A CB  1 
ATOM   771  S  SG  . CYS A 1 93  ? 2.227   -4.804  14.387  1.00 29.07 ? 93  CYS A SG  1 
ATOM   772  N  N   . LYS A 1 94  ? 3.434   -8.744  15.145  1.00 29.49 ? 94  LYS A N   1 
ATOM   773  C  CA  . LYS A 1 94  ? 4.792   -9.244  14.878  1.00 30.36 ? 94  LYS A CA  1 
ATOM   774  C  C   . LYS A 1 94  ? 5.143   -9.717  13.488  1.00 29.87 ? 94  LYS A C   1 
ATOM   775  O  O   . LYS A 1 94  ? 6.384   -9.761  13.212  1.00 30.74 ? 94  LYS A O   1 
ATOM   776  C  CB  . LYS A 1 94  ? 5.285   -10.318 15.868  1.00 30.68 ? 94  LYS A CB  1 
ATOM   777  C  CG  . LYS A 1 94  ? 6.722   -10.094 16.329  1.00 30.97 ? 94  LYS A CG  1 
ATOM   778  C  CD  . LYS A 1 94  ? 7.498   -11.366 16.554  1.00 32.92 ? 94  LYS A CD  1 
ATOM   779  C  CE  . LYS A 1 94  ? 8.654   -11.626 15.601  1.00 34.00 ? 94  LYS A CE  1 
ATOM   780  N  NZ  . LYS A 1 94  ? 8.206   -11.938 14.212  1.00 33.57 ? 94  LYS A NZ  1 
ATOM   781  N  N   . SER A 1 95  ? 4.224   -10.037 12.624  1.00 30.00 ? 95  SER A N   1 
ATOM   782  C  CA  . SER A 1 95  ? 4.514   -10.470 11.219  1.00 28.65 ? 95  SER A CA  1 
ATOM   783  C  C   . SER A 1 95  ? 3.401   -9.906  10.316  1.00 28.88 ? 95  SER A C   1 
ATOM   784  O  O   . SER A 1 95  ? 2.420   -9.390  10.909  1.00 29.32 ? 95  SER A O   1 
ATOM   785  C  CB  . SER A 1 95  ? 4.517   -11.982 11.116  1.00 27.78 ? 95  SER A CB  1 
ATOM   786  O  OG  . SER A 1 95  ? 3.189   -12.463 11.216  1.00 25.97 ? 95  SER A OG  1 
ATOM   787  N  N   . VAL A 1 96  ? 3.527   -10.016 8.996   1.00 28.14 ? 96  VAL A N   1 
ATOM   788  C  CA  . VAL A 1 96  ? 2.516   -9.514  8.078   1.00 28.63 ? 96  VAL A CA  1 
ATOM   789  C  C   . VAL A 1 96  ? 1.173   -10.181 8.482   1.00 28.49 ? 96  VAL A C   1 
ATOM   790  O  O   . VAL A 1 96  ? 0.118   -9.538  8.490   1.00 27.70 ? 96  VAL A O   1 
ATOM   791  C  CB  . VAL A 1 96  ? 2.782   -9.575  6.589   1.00 29.65 ? 96  VAL A CB  1 
ATOM   792  C  CG1 . VAL A 1 96  ? 1.834   -10.512 5.817   1.00 30.89 ? 96  VAL A CG1 1 
ATOM   793  C  CG2 . VAL A 1 96  ? 2.630   -8.206  5.909   1.00 30.68 ? 96  VAL A CG2 1 
ATOM   794  N  N   . ALA A 1 97  ? 1.298   -11.428 8.846   1.00 28.52 ? 97  ALA A N   1 
ATOM   795  C  CA  . ALA A 1 97  ? 0.140   -12.226 9.285   1.00 29.98 ? 97  ALA A CA  1 
ATOM   796  C  C   . ALA A 1 97  ? -0.629  -11.635 10.459  1.00 29.68 ? 97  ALA A C   1 
ATOM   797  O  O   . ALA A 1 97  ? -1.726  -12.201 10.715  1.00 29.31 ? 97  ALA A O   1 
ATOM   798  C  CB  . ALA A 1 97  ? 0.632   -13.672 9.543   1.00 29.26 ? 97  ALA A CB  1 
ATOM   799  N  N   . ASP A 1 98  ? -0.184  -10.592 11.143  1.00 30.16 ? 98  ASP A N   1 
ATOM   800  C  CA  . ASP A 1 98  ? -0.878  -9.959  12.285  1.00 30.61 ? 98  ASP A CA  1 
ATOM   801  C  C   . ASP A 1 98  ? -1.658  -8.666  11.952  1.00 29.59 ? 98  ASP A C   1 
ATOM   802  O  O   . ASP A 1 98  ? -2.412  -8.163  12.805  1.00 29.25 ? 98  ASP A O   1 
ATOM   803  C  CB  . ASP A 1 98  ? 0.103   -9.521  13.411  1.00 31.05 ? 98  ASP A CB  1 
ATOM   804  C  CG  . ASP A 1 98  ? 0.192   -10.452 14.583  1.00 31.03 ? 98  ASP A CG  1 
ATOM   805  O  OD1 . ASP A 1 98  ? -0.820  -11.075 14.933  1.00 32.94 ? 98  ASP A OD1 1 
ATOM   806  O  OD2 . ASP A 1 98  ? 1.299   -10.576 15.158  1.00 30.33 ? 98  ASP A OD2 1 
ATOM   807  N  N   . LEU A 1 99  ? -1.354  -8.054  10.835  1.00 28.94 ? 99  LEU A N   1 
ATOM   808  C  CA  . LEU A 1 99  ? -1.932  -6.813  10.331  1.00 26.07 ? 99  LEU A CA  1 
ATOM   809  C  C   . LEU A 1 99  ? -3.438  -6.998  10.234  1.00 26.51 ? 99  LEU A C   1 
ATOM   810  O  O   . LEU A 1 99  ? -3.887  -8.155  10.015  1.00 27.50 ? 99  LEU A O   1 
ATOM   811  C  CB  . LEU A 1 99  ? -1.281  -6.524  8.963   1.00 24.68 ? 99  LEU A CB  1 
ATOM   812  C  CG  . LEU A 1 99  ? -0.384  -5.291  8.937   1.00 24.97 ? 99  LEU A CG  1 
ATOM   813  C  CD1 . LEU A 1 99  ? 0.343   -5.130  10.271  1.00 22.26 ? 99  LEU A CD1 1 
ATOM   814  C  CD2 . LEU A 1 99  ? 0.629   -5.460  7.787   1.00 25.20 ? 99  LEU A CD2 1 
ATOM   815  N  N   . PRO A 1 100 ? -4.146  -5.889  10.323  1.00 25.02 ? 100 PRO A N   1 
ATOM   816  C  CA  . PRO A 1 100 ? -5.604  -5.996  10.229  1.00 24.97 ? 100 PRO A CA  1 
ATOM   817  C  C   . PRO A 1 100 ? -5.899  -6.482  8.829   1.00 25.99 ? 100 PRO A C   1 
ATOM   818  O  O   . PRO A 1 100 ? -5.203  -6.142  7.857   1.00 26.19 ? 100 PRO A O   1 
ATOM   819  C  CB  . PRO A 1 100 ? -6.117  -4.628  10.603  1.00 25.53 ? 100 PRO A CB  1 
ATOM   820  C  CG  . PRO A 1 100 ? -4.949  -3.681  10.444  1.00 24.81 ? 100 PRO A CG  1 
ATOM   821  C  CD  . PRO A 1 100 ? -3.701  -4.523  10.517  1.00 24.42 ? 100 PRO A CD  1 
ATOM   822  N  N   . ALA A 1 101 ? -6.962  -7.257  8.737   1.00 26.31 ? 101 ALA A N   1 
ATOM   823  C  CA  . ALA A 1 101 ? -7.432  -7.834  7.511   1.00 25.37 ? 101 ALA A CA  1 
ATOM   824  C  C   . ALA A 1 101 ? -7.548  -6.901  6.332   1.00 25.22 ? 101 ALA A C   1 
ATOM   825  O  O   . ALA A 1 101 ? -7.312  -7.479  5.238   1.00 25.95 ? 101 ALA A O   1 
ATOM   826  C  CB  . ALA A 1 101 ? -8.782  -8.531  7.734   1.00 26.31 ? 101 ALA A CB  1 
ATOM   827  N  N   . TRP A 1 102 ? -7.894  -5.643  6.479   1.00 24.30 ? 102 TRP A N   1 
ATOM   828  C  CA  . TRP A 1 102 ? -8.052  -4.747  5.314   1.00 22.96 ? 102 TRP A CA  1 
ATOM   829  C  C   . TRP A 1 102 ? -6.716  -4.696  4.561   1.00 23.82 ? 102 TRP A C   1 
ATOM   830  O  O   . TRP A 1 102 ? -6.703  -4.477  3.350   1.00 22.48 ? 102 TRP A O   1 
ATOM   831  C  CB  . TRP A 1 102 ? -8.554  -3.346  5.688   1.00 21.16 ? 102 TRP A CB  1 
ATOM   832  C  CG  . TRP A 1 102 ? -7.595  -2.516  6.456   1.00 22.29 ? 102 TRP A CG  1 
ATOM   833  C  CD1 . TRP A 1 102 ? -7.456  -2.466  7.807   1.00 22.78 ? 102 TRP A CD1 1 
ATOM   834  C  CD2 . TRP A 1 102 ? -6.576  -1.631  5.939   1.00 23.67 ? 102 TRP A CD2 1 
ATOM   835  N  NE1 . TRP A 1 102 ? -6.444  -1.627  8.180   1.00 22.38 ? 102 TRP A NE1 1 
ATOM   836  C  CE2 . TRP A 1 102 ? -5.890  -1.089  7.054   1.00 22.79 ? 102 TRP A CE2 1 
ATOM   837  C  CE3 . TRP A 1 102 ? -6.212  -1.233  4.655   1.00 22.40 ? 102 TRP A CE3 1 
ATOM   838  C  CZ2 . TRP A 1 102 ? -4.863  -0.183  6.912   1.00 22.46 ? 102 TRP A CZ2 1 
ATOM   839  C  CZ3 . TRP A 1 102 ? -5.167  -0.352  4.508   1.00 23.03 ? 102 TRP A CZ3 1 
ATOM   840  C  CH2 . TRP A 1 102 ? -4.501  0.171   5.614   1.00 23.75 ? 102 TRP A CH2 1 
ATOM   841  N  N   . CYS A 1 103 ? -5.648  -4.867  5.346   1.00 24.53 ? 103 CYS A N   1 
ATOM   842  C  CA  . CYS A 1 103 ? -4.263  -4.845  4.841   1.00 25.16 ? 103 CYS A CA  1 
ATOM   843  C  C   . CYS A 1 103 ? -3.977  -6.000  3.875   1.00 24.61 ? 103 CYS A C   1 
ATOM   844  O  O   . CYS A 1 103 ? -3.235  -5.831  2.911   1.00 23.23 ? 103 CYS A O   1 
ATOM   845  C  CB  . CYS A 1 103 ? -3.272  -4.925  6.006   1.00 25.35 ? 103 CYS A CB  1 
ATOM   846  S  SG  . CYS A 1 103 ? -2.745  -3.298  6.533   1.00 28.02 ? 103 CYS A SG  1 
ATOM   847  N  N   . GLN A 1 104 ? -4.563  -7.126  4.205   1.00 24.82 ? 104 GLN A N   1 
ATOM   848  C  CA  . GLN A 1 104 ? -4.487  -8.376  3.432   1.00 24.11 ? 104 GLN A CA  1 
ATOM   849  C  C   . GLN A 1 104 ? -5.082  -8.149  2.048   1.00 23.57 ? 104 GLN A C   1 
ATOM   850  O  O   . GLN A 1 104 ? -4.858  -8.956  1.141   1.00 24.39 ? 104 GLN A O   1 
ATOM   851  C  CB  . GLN A 1 104 ? -5.194  -9.527  4.151   1.00 25.53 ? 104 GLN A CB  1 
ATOM   852  C  CG  . GLN A 1 104 ? -4.891  -9.668  5.639   1.00 27.55 ? 104 GLN A CG  1 
ATOM   853  C  CD  . GLN A 1 104 ? -3.404  -9.811  5.920   1.00 30.06 ? 104 GLN A CD  1 
ATOM   854  O  OE1 . GLN A 1 104 ? -2.659  -10.366 5.103   1.00 31.22 ? 104 GLN A OE1 1 
ATOM   855  N  NE2 . GLN A 1 104 ? -2.957  -9.315  7.076   1.00 29.75 ? 104 GLN A NE2 1 
ATOM   856  N  N   . ASN A 1 105 ? -5.850  -7.076  1.850   1.00 22.44 ? 105 ASN A N   1 
ATOM   857  C  CA  . ASN A 1 105 ? -6.367  -6.814  0.497   1.00 22.41 ? 105 ASN A CA  1 
ATOM   858  C  C   . ASN A 1 105 ? -5.575  -5.657  -0.140  1.00 21.66 ? 105 ASN A C   1 
ATOM   859  O  O   . ASN A 1 105 ? -5.532  -5.561  -1.381  1.00 20.94 ? 105 ASN A O   1 
ATOM   860  C  CB  . ASN A 1 105 ? -7.862  -6.548  0.389   1.00 23.72 ? 105 ASN A CB  1 
ATOM   861  C  CG  . ASN A 1 105 ? -8.275  -6.473  -1.096  1.00 25.30 ? 105 ASN A CG  1 
ATOM   862  O  OD1 . ASN A 1 105 ? -8.504  -7.544  -1.679  1.00 25.71 ? 105 ASN A OD1 1 
ATOM   863  N  ND2 . ASN A 1 105 ? -8.416  -5.282  -1.679  1.00 22.31 ? 105 ASN A ND2 1 
ATOM   864  N  N   . ARG A 1 106 ? -5.047  -4.798  0.704   1.00 21.42 ? 106 ARG A N   1 
ATOM   865  C  CA  . ARG A 1 106 ? -4.264  -3.623  0.235   1.00 21.43 ? 106 ARG A CA  1 
ATOM   866  C  C   . ARG A 1 106 ? -2.942  -4.165  -0.319  1.00 22.59 ? 106 ARG A C   1 
ATOM   867  O  O   . ARG A 1 106 ? -2.597  -3.720  -1.441  1.00 22.79 ? 106 ARG A O   1 
ATOM   868  C  CB  . ARG A 1 106 ? -4.143  -2.546  1.263   1.00 21.14 ? 106 ARG A CB  1 
ATOM   869  C  CG  . ARG A 1 106 ? -3.437  -1.224  1.056   1.00 22.24 ? 106 ARG A CG  1 
ATOM   870  C  CD  . ARG A 1 106 ? -4.353  -0.154  0.498   1.00 20.61 ? 106 ARG A CD  1 
ATOM   871  N  NE  . ARG A 1 106 ? -5.405  -0.863  -0.234  1.00 20.99 ? 106 ARG A NE  1 
ATOM   872  C  CZ  . ARG A 1 106 ? -5.893  -0.477  -1.410  1.00 21.04 ? 106 ARG A CZ  1 
ATOM   873  N  NH1 . ARG A 1 106 ? -5.557  0.706   -1.899  1.00 20.57 ? 106 ARG A NH1 1 
ATOM   874  N  NH2 . ARG A 1 106 ? -6.761  -1.255  -2.060  1.00 20.13 ? 106 ARG A NH2 1 
ATOM   875  N  N   . ILE A 1 107 ? -2.266  -5.067  0.387   1.00 21.98 ? 107 ILE A N   1 
ATOM   876  C  CA  . ILE A 1 107 ? -1.004  -5.659  -0.062  1.00 22.24 ? 107 ILE A CA  1 
ATOM   877  C  C   . ILE A 1 107 ? -1.039  -6.223  -1.477  1.00 21.87 ? 107 ILE A C   1 
ATOM   878  O  O   . ILE A 1 107 ? -0.260  -5.698  -2.298  1.00 20.43 ? 107 ILE A O   1 
ATOM   879  C  CB  . ILE A 1 107 ? -0.321  -6.596  0.971   1.00 22.51 ? 107 ILE A CB  1 
ATOM   880  C  CG1 . ILE A 1 107 ? 0.232   -5.778  2.181   1.00 20.71 ? 107 ILE A CG1 1 
ATOM   881  C  CG2 . ILE A 1 107 ? 0.798   -7.498  0.384   1.00 21.58 ? 107 ILE A CG2 1 
ATOM   882  C  CD1 . ILE A 1 107 ? 0.075   -6.662  3.504   1.00 20.85 ? 107 ILE A CD1 1 
ATOM   883  N  N   . PRO A 1 108 ? -1.875  -7.179  -1.820  1.00 23.25 ? 108 PRO A N   1 
ATOM   884  C  CA  . PRO A 1 108 ? -1.952  -7.758  -3.179  1.00 22.56 ? 108 PRO A CA  1 
ATOM   885  C  C   . PRO A 1 108 ? -2.354  -6.775  -4.242  1.00 22.32 ? 108 PRO A C   1 
ATOM   886  O  O   . PRO A 1 108 ? -1.845  -6.791  -5.394  1.00 21.75 ? 108 PRO A O   1 
ATOM   887  C  CB  . PRO A 1 108 ? -2.976  -8.886  -3.067  1.00 23.98 ? 108 PRO A CB  1 
ATOM   888  C  CG  . PRO A 1 108 ? -3.847  -8.459  -1.913  1.00 23.60 ? 108 PRO A CG  1 
ATOM   889  C  CD  . PRO A 1 108 ? -2.818  -7.883  -0.899  1.00 23.76 ? 108 PRO A CD  1 
ATOM   890  N  N   . PHE A 1 109 ? -3.254  -5.899  -3.839  1.00 21.42 ? 109 PHE A N   1 
ATOM   891  C  CA  . PHE A 1 109 ? -3.761  -4.839  -4.771  1.00 20.63 ? 109 PHE A CA  1 
ATOM   892  C  C   . PHE A 1 109 ? -2.612  -3.943  -5.166  1.00 19.98 ? 109 PHE A C   1 
ATOM   893  O  O   . PHE A 1 109 ? -2.385  -3.592  -6.369  1.00 20.91 ? 109 PHE A O   1 
ATOM   894  C  CB  . PHE A 1 109 ? -5.009  -4.188  -4.161  1.00 19.33 ? 109 PHE A CB  1 
ATOM   895  C  CG  . PHE A 1 109 ? -5.580  -3.071  -4.961  1.00 19.63 ? 109 PHE A CG  1 
ATOM   896  C  CD1 . PHE A 1 109 ? -5.113  -1.762  -4.797  1.00 18.96 ? 109 PHE A CD1 1 
ATOM   897  C  CD2 . PHE A 1 109 ? -6.536  -3.375  -5.942  1.00 20.39 ? 109 PHE A CD2 1 
ATOM   898  C  CE1 . PHE A 1 109 ? -5.634  -0.742  -5.621  1.00 19.85 ? 109 PHE A CE1 1 
ATOM   899  C  CE2 . PHE A 1 109 ? -7.068  -2.366  -6.746  1.00 19.20 ? 109 PHE A CE2 1 
ATOM   900  C  CZ  . PHE A 1 109 ? -6.602  -1.062  -6.564  1.00 18.76 ? 109 PHE A CZ  1 
ATOM   901  N  N   . LEU A 1 110 ? -1.848  -3.486  -4.197  1.00 19.32 ? 110 LEU A N   1 
ATOM   902  C  CA  . LEU A 1 110 ? -0.670  -2.653  -4.444  1.00 19.17 ? 110 LEU A CA  1 
ATOM   903  C  C   . LEU A 1 110 ? 0.369   -3.442  -5.235  1.00 19.36 ? 110 LEU A C   1 
ATOM   904  O  O   . LEU A 1 110 ? 0.931   -2.916  -6.199  1.00 20.83 ? 110 LEU A O   1 
ATOM   905  C  CB  . LEU A 1 110 ? -0.071  -2.237  -3.111  1.00 21.54 ? 110 LEU A CB  1 
ATOM   906  C  CG  . LEU A 1 110 ? -0.326  -0.812  -2.628  1.00 22.10 ? 110 LEU A CG  1 
ATOM   907  C  CD1 . LEU A 1 110 ? -1.514  -0.231  -3.367  1.00 21.34 ? 110 LEU A CD1 1 
ATOM   908  C  CD2 . LEU A 1 110 ? -0.492  -0.907  -1.129  1.00 21.10 ? 110 LEU A CD2 1 
ATOM   909  N  N   . PHE A 1 111 ? 0.609   -4.693  -4.851  1.00 19.08 ? 111 PHE A N   1 
ATOM   910  C  CA  . PHE A 1 111 ? 1.618   -5.467  -5.601  1.00 18.33 ? 111 PHE A CA  1 
ATOM   911  C  C   . PHE A 1 111 ? 1.260   -5.635  -7.076  1.00 19.38 ? 111 PHE A C   1 
ATOM   912  O  O   . PHE A 1 111 ? 2.158   -5.408  -7.904  1.00 21.23 ? 111 PHE A O   1 
ATOM   913  C  CB  . PHE A 1 111 ? 1.943   -6.797  -5.005  1.00 16.24 ? 111 PHE A CB  1 
ATOM   914  C  CG  . PHE A 1 111 ? 2.995   -7.584  -5.754  1.00 15.26 ? 111 PHE A CG  1 
ATOM   915  C  CD1 . PHE A 1 111 ? 4.337   -7.241  -5.591  1.00 13.44 ? 111 PHE A CD1 1 
ATOM   916  C  CD2 . PHE A 1 111 ? 2.626   -8.698  -6.519  1.00 12.00 ? 111 PHE A CD2 1 
ATOM   917  C  CE1 . PHE A 1 111 ? 5.325   -7.981  -6.231  1.00 14.74 ? 111 PHE A CE1 1 
ATOM   918  C  CE2 . PHE A 1 111 ? 3.617   -9.464  -7.127  1.00 12.87 ? 111 PHE A CE2 1 
ATOM   919  C  CZ  . PHE A 1 111 ? 4.969   -9.095  -7.012  1.00 13.94 ? 111 PHE A CZ  1 
ATOM   920  N  N   . LYS A 1 112 ? 0.052   -6.041  -7.389  1.00 20.12 ? 112 LYS A N   1 
ATOM   921  C  CA  . LYS A 1 112 ? -0.413  -6.281  -8.766  1.00 18.99 ? 112 LYS A CA  1 
ATOM   922  C  C   . LYS A 1 112 ? -0.468  -5.022  -9.597  1.00 18.57 ? 112 LYS A C   1 
ATOM   923  O  O   . LYS A 1 112 ? -0.507  -5.108  -10.838 1.00 19.20 ? 112 LYS A O   1 
ATOM   924  C  CB  . LYS A 1 112 ? -1.808  -6.892  -8.796  1.00 21.48 ? 112 LYS A CB  1 
ATOM   925  C  CG  . LYS A 1 112 ? -1.875  -8.387  -8.519  1.00 24.12 ? 112 LYS A CG  1 
ATOM   926  C  CD  . LYS A 1 112 ? -3.205  -8.763  -7.864  1.00 28.28 ? 112 LYS A CD  1 
ATOM   927  C  CE  . LYS A 1 112 ? -3.117  -10.128 -7.228  1.00 30.34 ? 112 LYS A CE  1 
ATOM   928  N  NZ  . LYS A 1 112 ? -4.442  -10.705 -6.904  1.00 31.87 ? 112 LYS A NZ  1 
ATOM   929  N  N   . GLY A 1 113 ? -0.475  -3.863  -8.974  1.00 18.01 ? 113 GLY A N   1 
ATOM   930  C  CA  . GLY A 1 113 ? -0.499  -2.614  -9.756  1.00 17.94 ? 113 GLY A CA  1 
ATOM   931  C  C   . GLY A 1 113 ? 0.920   -2.229  -10.107 1.00 18.88 ? 113 GLY A C   1 
ATOM   932  O  O   . GLY A 1 113 ? 1.153   -1.342  -10.941 1.00 18.84 ? 113 GLY A O   1 
ATOM   933  N  N   . MET A 1 114 ? 1.856   -2.892  -9.430  1.00 20.36 ? 114 MET A N   1 
ATOM   934  C  CA  . MET A 1 114 ? 3.303   -2.577  -9.664  1.00 20.67 ? 114 MET A CA  1 
ATOM   935  C  C   . MET A 1 114 ? 3.771   -3.545  -10.761 1.00 20.79 ? 114 MET A C   1 
ATOM   936  O  O   . MET A 1 114 ? 4.372   -3.128  -11.758 1.00 22.17 ? 114 MET A O   1 
ATOM   937  C  CB  . MET A 1 114 ? 4.081   -2.664  -8.390  1.00 20.18 ? 114 MET A CB  1 
ATOM   938  C  CG  . MET A 1 114 ? 3.950   -1.495  -7.496  1.00 21.49 ? 114 MET A CG  1 
ATOM   939  S  SD  . MET A 1 114 ? 4.552   -1.964  -5.840  1.00 24.90 ? 114 MET A SD  1 
ATOM   940  C  CE  . MET A 1 114 ? 6.324   -1.830  -6.138  1.00 22.09 ? 114 MET A CE  1 
ATOM   941  N  N   . ASP A 1 115 ? 3.414   -4.792  -10.566 1.00 18.54 ? 115 ASP A N   1 
ATOM   942  C  CA  . ASP A 1 115 ? 3.753   -5.838  -11.526 1.00 19.92 ? 115 ASP A CA  1 
ATOM   943  C  C   . ASP A 1 115 ? 2.935   -5.638  -12.794 1.00 21.32 ? 115 ASP A C   1 
ATOM   944  O  O   . ASP A 1 115 ? 2.099   -6.486  -13.130 1.00 22.38 ? 115 ASP A O   1 
ATOM   945  C  CB  . ASP A 1 115 ? 3.565   -7.192  -10.841 1.00 20.74 ? 115 ASP A CB  1 
ATOM   946  C  CG  . ASP A 1 115 ? 3.707   -8.433  -11.666 1.00 20.56 ? 115 ASP A CG  1 
ATOM   947  O  OD1 . ASP A 1 115 ? 4.339   -8.466  -12.737 1.00 19.25 ? 115 ASP A OD1 1 
ATOM   948  O  OD2 . ASP A 1 115 ? 3.187   -9.476  -11.184 1.00 21.83 ? 115 ASP A OD2 1 
ATOM   949  N  N   . VAL A 1 116 ? 3.153   -4.567  -13.552 1.00 21.95 ? 116 VAL A N   1 
ATOM   950  C  CA  . VAL A 1 116 ? 2.422   -4.340  -14.800 1.00 22.65 ? 116 VAL A CA  1 
ATOM   951  C  C   . VAL A 1 116 ? 2.418   -5.536  -15.766 1.00 24.45 ? 116 VAL A C   1 
ATOM   952  O  O   . VAL A 1 116 ? 1.461   -5.685  -16.597 1.00 23.86 ? 116 VAL A O   1 
ATOM   953  C  CB  . VAL A 1 116 ? 2.987   -3.057  -15.440 1.00 21.59 ? 116 VAL A CB  1 
ATOM   954  C  CG1 . VAL A 1 116 ? 2.654   -2.971  -16.936 1.00 21.26 ? 116 VAL A CG1 1 
ATOM   955  C  CG2 . VAL A 1 116 ? 2.530   -1.804  -14.702 1.00 19.10 ? 116 VAL A CG2 1 
ATOM   956  N  N   . SER A 1 117 ? 3.427   -6.416  -15.699 1.00 23.79 ? 117 SER A N   1 
ATOM   957  C  CA  . SER A 1 117 ? 3.497   -7.541  -16.631 1.00 23.92 ? 117 SER A CA  1 
ATOM   958  C  C   . SER A 1 117 ? 2.830   -8.829  -16.222 1.00 24.30 ? 117 SER A C   1 
ATOM   959  O  O   . SER A 1 117 ? 2.794   -9.737  -17.118 1.00 26.64 ? 117 SER A O   1 
ATOM   960  C  CB  . SER A 1 117 ? 4.941   -7.887  -16.979 1.00 24.63 ? 117 SER A CB  1 
ATOM   961  O  OG  . SER A 1 117 ? 5.533   -8.546  -15.875 1.00 24.48 ? 117 SER A OG  1 
ATOM   962  N  N   . GLY A 1 118 ? 2.388   -9.040  -14.992 1.00 21.87 ? 118 GLY A N   1 
ATOM   963  C  CA  . GLY A 1 118 ? 1.720   -10.279 -14.649 1.00 18.98 ? 118 GLY A CA  1 
ATOM   964  C  C   . GLY A 1 118 ? 2.537   -11.484 -14.324 1.00 17.48 ? 118 GLY A C   1 
ATOM   965  O  O   . GLY A 1 118 ? 1.915   -12.543 -14.034 1.00 18.99 ? 118 GLY A O   1 
ATOM   966  N  N   . ASP A 1 119 ? 3.831   -11.453 -14.267 1.00 16.50 ? 119 ASP A N   1 
ATOM   967  C  CA  . ASP A 1 119 ? 4.672   -12.605 -13.925 1.00 15.81 ? 119 ASP A CA  1 
ATOM   968  C  C   . ASP A 1 119 ? 4.841   -12.760 -12.439 1.00 16.19 ? 119 ASP A C   1 
ATOM   969  O  O   . ASP A 1 119 ? 5.479   -13.741 -12.032 1.00 17.51 ? 119 ASP A O   1 
ATOM   970  C  CB  . ASP A 1 119 ? 6.064   -12.586 -14.586 1.00 15.39 ? 119 ASP A CB  1 
ATOM   971  C  CG  . ASP A 1 119 ? 6.838   -11.330 -14.492 1.00 17.62 ? 119 ASP A CG  1 
ATOM   972  O  OD1 . ASP A 1 119 ? 6.437   -10.269 -13.952 1.00 21.31 ? 119 ASP A OD1 1 
ATOM   973  O  OD2 . ASP A 1 119 ? 7.972   -11.314 -15.026 1.00 22.26 ? 119 ASP A OD2 1 
ATOM   974  N  N   . GLY A 1 120 ? 4.339   -11.817 -11.649 1.00 17.35 ? 120 GLY A N   1 
ATOM   975  C  CA  . GLY A 1 120 ? 4.490   -12.009 -10.160 1.00 15.74 ? 120 GLY A CA  1 
ATOM   976  C  C   . GLY A 1 120 ? 5.863   -11.618 -9.671  1.00 14.42 ? 120 GLY A C   1 
ATOM   977  O  O   . GLY A 1 120 ? 6.317   -12.128 -8.643  1.00 15.80 ? 120 GLY A O   1 
ATOM   978  N  N   . ILE A 1 121 ? 6.524   -10.744 -10.394 1.00 13.63 ? 121 ILE A N   1 
ATOM   979  C  CA  . ILE A 1 121 ? 7.870   -10.247 -10.045 1.00 15.09 ? 121 ILE A CA  1 
ATOM   980  C  C   . ILE A 1 121 ? 7.791   -8.762  -10.373 1.00 15.68 ? 121 ILE A C   1 
ATOM   981  O  O   . ILE A 1 121 ? 7.160   -8.612  -11.432 1.00 15.87 ? 121 ILE A O   1 
ATOM   982  C  CB  . ILE A 1 121 ? 8.957   -10.919 -10.978 1.00 14.75 ? 121 ILE A CB  1 
ATOM   983  C  CG1 . ILE A 1 121 ? 9.113   -12.398 -10.532 1.00 15.34 ? 121 ILE A CG1 1 
ATOM   984  C  CG2 . ILE A 1 121 ? 10.318  -10.197 -11.058 1.00 13.07 ? 121 ILE A CG2 1 
ATOM   985  C  CD1 . ILE A 1 121 ? 9.955   -13.204 -11.539 1.00 17.52 ? 121 ILE A CD1 1 
ATOM   986  N  N   . VAL A 1 122 ? 8.284   -7.823  -9.606  1.00 15.04 ? 122 VAL A N   1 
ATOM   987  C  CA  . VAL A 1 122 ? 8.200   -6.447  -10.156 1.00 16.69 ? 122 VAL A CA  1 
ATOM   988  C  C   . VAL A 1 122 ? 9.700   -6.285  -10.543 1.00 17.41 ? 122 VAL A C   1 
ATOM   989  O  O   . VAL A 1 122 ? 10.565  -6.397  -9.644  1.00 16.44 ? 122 VAL A O   1 
ATOM   990  C  CB  . VAL A 1 122 ? 7.549   -5.325  -9.359  1.00 15.52 ? 122 VAL A CB  1 
ATOM   991  C  CG1 . VAL A 1 122 ? 6.638   -5.798  -8.252  1.00 15.54 ? 122 VAL A CG1 1 
ATOM   992  C  CG2 . VAL A 1 122 ? 8.452   -4.196  -8.945  1.00 14.93 ? 122 VAL A CG2 1 
ATOM   993  N  N   . ASP A 1 123 ? 9.913   -6.139  -11.847 1.00 16.36 ? 123 ASP A N   1 
ATOM   994  C  CA  . ASP A 1 123 ? 11.333  -6.037  -12.270 1.00 17.89 ? 123 ASP A CA  1 
ATOM   995  C  C   . ASP A 1 123 ? 11.710  -4.569  -12.112 1.00 18.08 ? 123 ASP A C   1 
ATOM   996  O  O   . ASP A 1 123 ? 10.767  -3.862  -11.691 1.00 19.85 ? 123 ASP A O   1 
ATOM   997  C  CB  . ASP A 1 123 ? 11.557  -6.633  -13.637 1.00 17.93 ? 123 ASP A CB  1 
ATOM   998  C  CG  . ASP A 1 123 ? 10.733  -6.025  -14.718 1.00 17.98 ? 123 ASP A CG  1 
ATOM   999  O  OD1 . ASP A 1 123 ? 10.571  -4.820  -14.790 1.00 19.95 ? 123 ASP A OD1 1 
ATOM   1000 O  OD2 . ASP A 1 123 ? 10.185  -6.796  -15.534 1.00 23.96 ? 123 ASP A OD2 1 
ATOM   1001 N  N   . LEU A 1 124 ? 12.929  -4.248  -12.437 1.00 16.43 ? 124 LEU A N   1 
ATOM   1002 C  CA  . LEU A 1 124 ? 13.483  -2.901  -12.358 1.00 17.07 ? 124 LEU A CA  1 
ATOM   1003 C  C   . LEU A 1 124 ? 12.709  -1.866  -13.155 1.00 17.48 ? 124 LEU A C   1 
ATOM   1004 O  O   . LEU A 1 124 ? 12.507  -0.737  -12.688 1.00 18.39 ? 124 LEU A O   1 
ATOM   1005 C  CB  . LEU A 1 124 ? 14.953  -3.004  -12.824 1.00 17.36 ? 124 LEU A CB  1 
ATOM   1006 C  CG  . LEU A 1 124 ? 16.094  -2.227  -12.244 1.00 17.69 ? 124 LEU A CG  1 
ATOM   1007 C  CD1 . LEU A 1 124 ? 17.116  -1.919  -13.388 1.00 17.06 ? 124 LEU A CD1 1 
ATOM   1008 C  CD2 . LEU A 1 124 ? 15.633  -0.905  -11.675 1.00 17.93 ? 124 LEU A CD2 1 
ATOM   1009 N  N   . GLU A 1 125 ? 12.291  -2.157  -14.371 1.00 18.21 ? 125 GLU A N   1 
ATOM   1010 C  CA  . GLU A 1 125 ? 11.550  -1.193  -15.183 1.00 19.30 ? 125 GLU A CA  1 
ATOM   1011 C  C   . GLU A 1 125 ? 10.189  -0.926  -14.545 1.00 18.56 ? 125 GLU A C   1 
ATOM   1012 O  O   . GLU A 1 125 ? 9.751   0.231   -14.510 1.00 16.66 ? 125 GLU A O   1 
ATOM   1013 C  CB  . GLU A 1 125 ? 11.452  -1.553  -16.619 1.00 22.57 ? 125 GLU A CB  1 
ATOM   1014 C  CG  . GLU A 1 125 ? 10.185  -1.414  -17.467 1.00 27.95 ? 125 GLU A CG  1 
ATOM   1015 C  CD  . GLU A 1 125 ? 9.556   -2.750  -17.791 1.00 31.34 ? 125 GLU A CD  1 
ATOM   1016 O  OE1 . GLU A 1 125 ? 10.396  -3.561  -18.265 1.00 32.58 ? 125 GLU A OE1 1 
ATOM   1017 O  OE2 . GLU A 1 125 ? 8.380   -3.024  -17.576 1.00 34.31 ? 125 GLU A OE2 1 
ATOM   1018 N  N   . GLU A 1 126 ? 9.597   -1.997  -14.027 1.00 18.58 ? 126 GLU A N   1 
ATOM   1019 C  CA  . GLU A 1 126 ? 8.283   -1.861  -13.337 1.00 18.85 ? 126 GLU A CA  1 
ATOM   1020 C  C   . GLU A 1 126 ? 8.462   -0.998  -12.110 1.00 20.77 ? 126 GLU A C   1 
ATOM   1021 O  O   . GLU A 1 126 ? 7.701   -0.032  -11.878 1.00 21.84 ? 126 GLU A O   1 
ATOM   1022 C  CB  . GLU A 1 126 ? 7.732   -3.241  -12.948 1.00 15.87 ? 126 GLU A CB  1 
ATOM   1023 C  CG  . GLU A 1 126 ? 7.527   -4.123  -14.200 1.00 11.18 ? 126 GLU A CG  1 
ATOM   1024 C  CD  . GLU A 1 126 ? 6.933   -5.431  -14.065 1.00 12.55 ? 126 GLU A CD  1 
ATOM   1025 O  OE1 . GLU A 1 126 ? 7.282   -6.115  -13.072 1.00 14.44 ? 126 GLU A OE1 1 
ATOM   1026 O  OE2 . GLU A 1 126 ? 6.090   -5.919  -14.815 1.00 14.87 ? 126 GLU A OE2 1 
ATOM   1027 N  N   . PHE A 1 127 ? 9.548   -1.274  -11.370 1.00 21.44 ? 127 PHE A N   1 
ATOM   1028 C  CA  . PHE A 1 127 ? 9.847   -0.504  -10.157 1.00 21.09 ? 127 PHE A CA  1 
ATOM   1029 C  C   . PHE A 1 127 ? 10.019  0.952   -10.545 1.00 21.65 ? 127 PHE A C   1 
ATOM   1030 O  O   . PHE A 1 127 ? 9.451   1.849   -9.891  1.00 21.70 ? 127 PHE A O   1 
ATOM   1031 C  CB  . PHE A 1 127 ? 10.996  -1.138  -9.345  1.00 21.19 ? 127 PHE A CB  1 
ATOM   1032 C  CG  . PHE A 1 127 ? 11.262  -0.327  -8.105  1.00 22.66 ? 127 PHE A CG  1 
ATOM   1033 C  CD1 . PHE A 1 127 ? 10.354  -0.442  -7.030  1.00 23.90 ? 127 PHE A CD1 1 
ATOM   1034 C  CD2 . PHE A 1 127 ? 12.331  0.564   -8.037  1.00 21.64 ? 127 PHE A CD2 1 
ATOM   1035 C  CE1 . PHE A 1 127 ? 10.481  0.326   -5.885  1.00 22.87 ? 127 PHE A CE1 1 
ATOM   1036 C  CE2 . PHE A 1 127 ? 12.512  1.323   -6.885  1.00 23.61 ? 127 PHE A CE2 1 
ATOM   1037 C  CZ  . PHE A 1 127 ? 11.567  1.211   -5.816  1.00 24.59 ? 127 PHE A CZ  1 
ATOM   1038 N  N   . GLN A 1 128 ? 10.850  1.210   -11.535 1.00 22.21 ? 128 GLN A N   1 
ATOM   1039 C  CA  . GLN A 1 128 ? 11.133  2.583   -12.057 1.00 23.99 ? 128 GLN A CA  1 
ATOM   1040 C  C   . GLN A 1 128 ? 9.832   3.346   -12.393 1.00 23.73 ? 128 GLN A C   1 
ATOM   1041 O  O   . GLN A 1 128 ? 9.716   4.563   -12.263 1.00 23.91 ? 128 GLN A O   1 
ATOM   1042 C  CB  . GLN A 1 128 ? 11.978  2.432   -13.295 1.00 24.57 ? 128 GLN A CB  1 
ATOM   1043 C  CG  . GLN A 1 128 ? 12.715  3.518   -14.027 1.00 25.59 ? 128 GLN A CG  1 
ATOM   1044 C  CD  . GLN A 1 128 ? 13.873  2.796   -14.736 1.00 27.55 ? 128 GLN A CD  1 
ATOM   1045 O  OE1 . GLN A 1 128 ? 14.992  2.746   -14.249 1.00 28.29 ? 128 GLN A OE1 1 
ATOM   1046 N  NE2 . GLN A 1 128 ? 13.497  2.133   -15.835 1.00 28.63 ? 128 GLN A NE2 1 
ATOM   1047 N  N   . ASN A 1 129 ? 8.859   2.648   -12.933 1.00 23.31 ? 129 ASN A N   1 
ATOM   1048 C  CA  . ASN A 1 129 ? 7.551   3.151   -13.297 1.00 24.26 ? 129 ASN A CA  1 
ATOM   1049 C  C   . ASN A 1 129 ? 6.756   3.403   -11.992 1.00 24.18 ? 129 ASN A C   1 
ATOM   1050 O  O   . ASN A 1 129 ? 5.889   4.279   -11.918 1.00 24.68 ? 129 ASN A O   1 
ATOM   1051 C  CB  . ASN A 1 129 ? 6.817   2.163   -14.203 1.00 25.54 ? 129 ASN A CB  1 
ATOM   1052 C  CG  . ASN A 1 129 ? 7.220   2.295   -15.664 1.00 26.50 ? 129 ASN A CG  1 
ATOM   1053 O  OD1 . ASN A 1 129 ? 6.953   3.335   -16.283 1.00 27.96 ? 129 ASN A OD1 1 
ATOM   1054 N  ND2 . ASN A 1 129 ? 7.806   1.243   -16.218 1.00 26.56 ? 129 ASN A ND2 1 
ATOM   1055 N  N   . TYR A 1 130 ? 7.033   2.574   -11.005 1.00 23.72 ? 130 TYR A N   1 
ATOM   1056 C  CA  . TYR A 1 130 ? 6.329   2.729   -9.697  1.00 23.70 ? 130 TYR A CA  1 
ATOM   1057 C  C   . TYR A 1 130 ? 6.692   4.117   -9.164  1.00 24.43 ? 130 TYR A C   1 
ATOM   1058 O  O   . TYR A 1 130 ? 5.824   4.907   -8.736  1.00 25.59 ? 130 TYR A O   1 
ATOM   1059 C  CB  . TYR A 1 130 ? 6.698   1.582   -8.758  1.00 21.08 ? 130 TYR A CB  1 
ATOM   1060 C  CG  . TYR A 1 130 ? 6.376   1.792   -7.313  1.00 19.99 ? 130 TYR A CG  1 
ATOM   1061 C  CD1 . TYR A 1 130 ? 5.036   1.859   -6.897  1.00 18.93 ? 130 TYR A CD1 1 
ATOM   1062 C  CD2 . TYR A 1 130 ? 7.377   1.994   -6.350  1.00 18.05 ? 130 TYR A CD2 1 
ATOM   1063 C  CE1 . TYR A 1 130 ? 4.685   2.078   -5.564  1.00 16.21 ? 130 TYR A CE1 1 
ATOM   1064 C  CE2 . TYR A 1 130 ? 7.040   2.218   -5.020  1.00 16.50 ? 130 TYR A CE2 1 
ATOM   1065 C  CZ  . TYR A 1 130 ? 5.703   2.260   -4.629  1.00 17.47 ? 130 TYR A CZ  1 
ATOM   1066 O  OH  . TYR A 1 130 ? 5.355   2.469   -3.304  1.00 14.47 ? 130 TYR A OH  1 
ATOM   1067 N  N   . CYS A 1 131 ? 7.954   4.413   -9.165  1.00 24.92 ? 131 CYS A N   1 
ATOM   1068 C  CA  . CYS A 1 131 ? 8.610   5.617   -8.744  1.00 26.52 ? 131 CYS A CA  1 
ATOM   1069 C  C   . CYS A 1 131 ? 8.204   6.832   -9.581  1.00 28.19 ? 131 CYS A C   1 
ATOM   1070 O  O   . CYS A 1 131 ? 8.419   7.950   -9.088  1.00 29.75 ? 131 CYS A O   1 
ATOM   1071 C  CB  . CYS A 1 131 ? 10.141  5.521   -8.963  1.00 26.33 ? 131 CYS A CB  1 
ATOM   1072 S  SG  . CYS A 1 131 ? 11.053  4.438   -7.863  1.00 26.92 ? 131 CYS A SG  1 
ATOM   1073 N  N   . LYS A 1 132 ? 7.806   6.631   -10.823 1.00 29.04 ? 132 LYS A N   1 
ATOM   1074 C  CA  . LYS A 1 132 ? 7.449   7.760   -11.683 1.00 29.13 ? 132 LYS A CA  1 
ATOM   1075 C  C   . LYS A 1 132 ? 5.941   8.034   -11.513 1.00 28.58 ? 132 LYS A C   1 
ATOM   1076 O  O   . LYS A 1 132 ? 5.576   9.100   -11.024 1.00 28.49 ? 132 LYS A O   1 
ATOM   1077 C  CB  . LYS A 1 132 ? 7.727   7.676   -13.141 1.00 30.41 ? 132 LYS A CB  1 
ATOM   1078 C  CG  . LYS A 1 132 ? 9.010   7.324   -13.833 1.00 32.28 ? 132 LYS A CG  1 
ATOM   1079 C  CD  . LYS A 1 132 ? 8.818   7.391   -15.352 1.00 35.17 ? 132 LYS A CD  1 
ATOM   1080 C  CE  . LYS A 1 132 ? 9.861   6.713   -16.193 1.00 37.12 ? 132 LYS A CE  1 
ATOM   1081 N  NZ  . LYS A 1 132 ? 10.995  7.632   -16.562 1.00 37.17 ? 132 LYS A NZ  1 
ATOM   1082 N  N   . ASN A 1 133 ? 5.150   7.092   -11.981 1.00 28.71 ? 133 ASN A N   1 
ATOM   1083 C  CA  . ASN A 1 133 ? 3.674   7.237   -11.925 1.00 28.85 ? 133 ASN A CA  1 
ATOM   1084 C  C   . ASN A 1 133 ? 3.271   6.853   -10.516 1.00 29.03 ? 133 ASN A C   1 
ATOM   1085 O  O   . ASN A 1 133 ? 2.538   5.885   -10.322 1.00 31.75 ? 133 ASN A O   1 
ATOM   1086 C  CB  . ASN A 1 133 ? 2.980   6.469   -13.036 1.00 29.98 ? 133 ASN A CB  1 
ATOM   1087 C  CG  . ASN A 1 133 ? 1.663   7.099   -13.502 1.00 31.38 ? 133 ASN A CG  1 
ATOM   1088 O  OD1 . ASN A 1 133 ? 1.579   8.331   -13.701 1.00 30.94 ? 133 ASN A OD1 1 
ATOM   1089 N  ND2 . ASN A 1 133 ? 0.632   6.259   -13.689 1.00 30.03 ? 133 ASN A ND2 1 
ATOM   1090 N  N   . PHE A 1 134 ? 3.767   7.588   -9.598  1.00 27.59 ? 134 PHE A N   1 
ATOM   1091 C  CA  . PHE A 1 134 ? 3.725   7.602   -8.129  1.00 27.67 ? 134 PHE A CA  1 
ATOM   1092 C  C   . PHE A 1 134 ? 4.990   8.529   -8.058  1.00 28.01 ? 134 PHE A C   1 
ATOM   1093 O  O   . PHE A 1 134 ? 6.039   7.991   -8.538  1.00 28.26 ? 134 PHE A O   1 
ATOM   1094 C  CB  . PHE A 1 134 ? 3.983   6.342   -7.341  1.00 27.01 ? 134 PHE A CB  1 
ATOM   1095 C  CG  . PHE A 1 134 ? 2.900   5.450   -6.843  1.00 26.04 ? 134 PHE A CG  1 
ATOM   1096 C  CD1 . PHE A 1 134 ? 2.201   5.757   -5.676  1.00 25.97 ? 134 PHE A CD1 1 
ATOM   1097 C  CD2 . PHE A 1 134 ? 2.542   4.287   -7.550  1.00 24.21 ? 134 PHE A CD2 1 
ATOM   1098 C  CE1 . PHE A 1 134 ? 1.149   4.945   -5.220  1.00 25.57 ? 134 PHE A CE1 1 
ATOM   1099 C  CE2 . PHE A 1 134 ? 1.528   3.462   -7.125  1.00 25.18 ? 134 PHE A CE2 1 
ATOM   1100 C  CZ  . PHE A 1 134 ? 0.821   3.786   -5.932  1.00 25.66 ? 134 PHE A CZ  1 
ATOM   1101 N  N   . GLN A 1 135 ? 4.756   9.728   -7.679  1.00 27.24 ? 135 GLN A N   1 
ATOM   1102 C  CA  . GLN A 1 135 ? 5.806   10.755  -7.692  1.00 28.02 ? 135 GLN A CA  1 
ATOM   1103 C  C   . GLN A 1 135 ? 6.929   10.611  -6.708  1.00 28.49 ? 135 GLN A C   1 
ATOM   1104 O  O   . GLN A 1 135 ? 7.317   11.703  -6.171  1.00 30.93 ? 135 GLN A O   1 
ATOM   1105 C  CB  . GLN A 1 135 ? 5.114   12.134  -7.528  1.00 29.18 ? 135 GLN A CB  1 
ATOM   1106 C  CG  . GLN A 1 135 ? 3.849   12.405  -8.280  1.00 31.59 ? 135 GLN A CG  1 
ATOM   1107 C  CD  . GLN A 1 135 ? 2.489   12.061  -7.758  1.00 32.41 ? 135 GLN A CD  1 
ATOM   1108 O  OE1 . GLN A 1 135 ? 2.178   11.063  -7.106  1.00 31.07 ? 135 GLN A OE1 1 
ATOM   1109 N  NE2 . GLN A 1 135 ? 1.483   12.920  -8.082  1.00 32.70 ? 135 GLN A NE2 1 
ATOM   1110 N  N   . LEU A 1 136 ? 7.542   9.500   -6.394  1.00 28.82 ? 136 LEU A N   1 
ATOM   1111 C  CA  . LEU A 1 136 ? 8.630   9.356   -5.384  1.00 27.12 ? 136 LEU A CA  1 
ATOM   1112 C  C   . LEU A 1 136 ? 9.999   9.788   -5.888  1.00 27.85 ? 136 LEU A C   1 
ATOM   1113 O  O   . LEU A 1 136 ? 10.265  9.660   -7.109  1.00 29.40 ? 136 LEU A O   1 
ATOM   1114 C  CB  . LEU A 1 136 ? 8.733   7.872   -5.008  1.00 25.49 ? 136 LEU A CB  1 
ATOM   1115 C  CG  . LEU A 1 136 ? 7.393   7.152   -4.901  1.00 23.36 ? 136 LEU A CG  1 
ATOM   1116 C  CD1 . LEU A 1 136 ? 7.652   5.694   -4.725  1.00 22.58 ? 136 LEU A CD1 1 
ATOM   1117 C  CD2 . LEU A 1 136 ? 6.666   7.818   -3.716  1.00 23.44 ? 136 LEU A CD2 1 
ATOM   1118 N  N   . GLN A 1 137 ? 10.857  10.182  -4.953  1.00 27.27 ? 137 GLN A N   1 
ATOM   1119 C  CA  . GLN A 1 137 ? 12.186  10.666  -5.305  1.00 27.65 ? 137 GLN A CA  1 
ATOM   1120 C  C   . GLN A 1 137 ? 13.267  9.621   -5.441  1.00 28.20 ? 137 GLN A C   1 
ATOM   1121 O  O   . GLN A 1 137 ? 14.317  9.658   -4.768  1.00 28.85 ? 137 GLN A O   1 
ATOM   1122 C  CB  . GLN A 1 137 ? 12.632  11.861  -4.442  1.00 29.01 ? 137 GLN A CB  1 
ATOM   1123 C  CG  . GLN A 1 137 ? 11.560  12.826  -3.958  1.00 29.32 ? 137 GLN A CG  1 
ATOM   1124 C  CD  . GLN A 1 137 ? 10.526  13.234  -4.967  1.00 30.00 ? 137 GLN A CD  1 
ATOM   1125 O  OE1 . GLN A 1 137 ? 10.719  14.080  -5.826  1.00 30.18 ? 137 GLN A OE1 1 
ATOM   1126 N  NE2 . GLN A 1 137 ? 9.333   12.627  -4.925  1.00 30.49 ? 137 GLN A NE2 1 
ATOM   1127 N  N   . CYS A 1 138 ? 13.119  8.713   -6.388  1.00 28.28 ? 138 CYS A N   1 
ATOM   1128 C  CA  . CYS A 1 138 ? 14.105  7.657   -6.672  1.00 28.23 ? 138 CYS A CA  1 
ATOM   1129 C  C   . CYS A 1 138 ? 15.338  8.204   -7.368  1.00 27.89 ? 138 CYS A C   1 
ATOM   1130 O  O   . CYS A 1 138 ? 15.332  8.147   -8.622  1.00 29.46 ? 138 CYS A O   1 
ATOM   1131 C  CB  . CYS A 1 138 ? 13.364  6.673   -7.602  1.00 27.90 ? 138 CYS A CB  1 
ATOM   1132 S  SG  . CYS A 1 138 ? 12.056  5.786   -6.725  1.00 27.93 ? 138 CYS A SG  1 
ATOM   1133 N  N   . ALA A 1 139 ? 16.372  8.665   -6.699  1.00 26.25 ? 139 ALA A N   1 
ATOM   1134 C  CA  . ALA A 1 139 ? 17.565  9.249   -7.303  1.00 25.60 ? 139 ALA A CA  1 
ATOM   1135 C  C   . ALA A 1 139 ? 18.579  8.309   -7.935  1.00 26.03 ? 139 ALA A C   1 
ATOM   1136 O  O   . ALA A 1 139 ? 19.540  8.714   -8.655  1.00 27.83 ? 139 ALA A O   1 
ATOM   1137 C  CB  . ALA A 1 139 ? 18.300  10.107  -6.257  1.00 24.10 ? 139 ALA A CB  1 
ATOM   1138 N  N   . ASP A 1 140 ? 18.470  7.052   -7.672  1.00 24.79 ? 140 ASP A N   1 
ATOM   1139 C  CA  . ASP A 1 140 ? 19.363  5.981   -8.230  1.00 22.51 ? 140 ASP A CA  1 
ATOM   1140 C  C   . ASP A 1 140 ? 18.362  4.836   -8.155  1.00 20.19 ? 140 ASP A C   1 
ATOM   1141 O  O   . ASP A 1 140 ? 18.142  4.341   -7.054  1.00 20.00 ? 140 ASP A O   1 
ATOM   1142 C  CB  . ASP A 1 140 ? 20.605  5.934   -7.375  1.00 23.71 ? 140 ASP A CB  1 
ATOM   1143 C  CG  . ASP A 1 140 ? 21.712  5.030   -7.842  1.00 24.79 ? 140 ASP A CG  1 
ATOM   1144 O  OD1 . ASP A 1 140 ? 21.457  4.026   -8.496  1.00 27.63 ? 140 ASP A OD1 1 
ATOM   1145 O  OD2 . ASP A 1 140 ? 22.883  5.323   -7.538  1.00 26.19 ? 140 ASP A OD2 1 
ATOM   1146 N  N   . VAL A 1 141 ? 17.644  4.552   -9.206  1.00 19.93 ? 141 VAL A N   1 
ATOM   1147 C  CA  . VAL A 1 141 ? 16.613  3.469   -9.092  1.00 19.27 ? 141 VAL A CA  1 
ATOM   1148 C  C   . VAL A 1 141 ? 17.302  2.131   -8.911  1.00 18.71 ? 141 VAL A C   1 
ATOM   1149 O  O   . VAL A 1 141 ? 16.904  1.391   -7.985  1.00 19.20 ? 141 VAL A O   1 
ATOM   1150 C  CB  . VAL A 1 141 ? 15.493  3.627   -10.105 1.00 19.38 ? 141 VAL A CB  1 
ATOM   1151 C  CG1 . VAL A 1 141 ? 14.319  2.692   -9.764  1.00 22.92 ? 141 VAL A CG1 1 
ATOM   1152 C  CG2 . VAL A 1 141 ? 14.927  5.029   -10.206 1.00 18.83 ? 141 VAL A CG2 1 
ATOM   1153 N  N   . PRO A 1 142 ? 18.293  1.783   -9.710  1.00 17.86 ? 142 PRO A N   1 
ATOM   1154 C  CA  . PRO A 1 142 ? 19.049  0.536   -9.580  1.00 16.60 ? 142 PRO A CA  1 
ATOM   1155 C  C   . PRO A 1 142 ? 19.571  0.322   -8.176  1.00 16.21 ? 142 PRO A C   1 
ATOM   1156 O  O   . PRO A 1 142 ? 19.554  -0.843  -7.690  1.00 18.14 ? 142 PRO A O   1 
ATOM   1157 C  CB  . PRO A 1 142 ? 20.224  0.679   -10.581 1.00 17.09 ? 142 PRO A CB  1 
ATOM   1158 C  CG  . PRO A 1 142 ? 19.671  1.622   -11.612 1.00 18.10 ? 142 PRO A CG  1 
ATOM   1159 C  CD  . PRO A 1 142 ? 18.792  2.615   -10.851 1.00 17.47 ? 142 PRO A CD  1 
ATOM   1160 N  N   . ALA A 1 143 ? 20.054  1.328   -7.463  1.00 14.15 ? 143 ALA A N   1 
ATOM   1161 C  CA  . ALA A 1 143 ? 20.518  1.140   -6.077  1.00 13.89 ? 143 ALA A CA  1 
ATOM   1162 C  C   . ALA A 1 143 ? 19.355  0.876   -5.124  1.00 14.64 ? 143 ALA A C   1 
ATOM   1163 O  O   . ALA A 1 143 ? 19.537  0.206   -4.116  1.00 14.97 ? 143 ALA A O   1 
ATOM   1164 C  CB  . ALA A 1 143 ? 21.298  2.325   -5.562  1.00 13.61 ? 143 ALA A CB  1 
ATOM   1165 N  N   . VAL A 1 144 ? 18.185  1.464   -5.375  1.00 15.99 ? 144 VAL A N   1 
ATOM   1166 C  CA  . VAL A 1 144 ? 17.026  1.223   -4.485  1.00 16.56 ? 144 VAL A CA  1 
ATOM   1167 C  C   . VAL A 1 144 ? 16.577  -0.199  -4.777  1.00 17.06 ? 144 VAL A C   1 
ATOM   1168 O  O   . VAL A 1 144 ? 16.199  -0.966  -3.894  1.00 19.67 ? 144 VAL A O   1 
ATOM   1169 C  CB  . VAL A 1 144 ? 15.908  2.270   -4.689  1.00 16.63 ? 144 VAL A CB  1 
ATOM   1170 C  CG1 . VAL A 1 144 ? 14.616  1.825   -4.040  1.00 15.86 ? 144 VAL A CG1 1 
ATOM   1171 C  CG2 . VAL A 1 144 ? 16.333  3.654   -4.237  1.00 11.89 ? 144 VAL A CG2 1 
ATOM   1172 N  N   . TYR A 1 145 ? 16.618  -0.561  -6.051  1.00 17.86 ? 145 TYR A N   1 
ATOM   1173 C  CA  . TYR A 1 145 ? 16.198  -1.954  -6.405  1.00 17.30 ? 145 TYR A CA  1 
ATOM   1174 C  C   . TYR A 1 145 ? 17.130  -2.984  -5.812  1.00 17.84 ? 145 TYR A C   1 
ATOM   1175 O  O   . TYR A 1 145 ? 16.725  -4.116  -5.516  1.00 18.56 ? 145 TYR A O   1 
ATOM   1176 C  CB  . TYR A 1 145 ? 16.184  -2.069  -7.925  1.00 15.60 ? 145 TYR A CB  1 
ATOM   1177 C  CG  . TYR A 1 145 ? 15.555  -3.333  -8.408  1.00 13.74 ? 145 TYR A CG  1 
ATOM   1178 C  CD1 . TYR A 1 145 ? 14.153  -3.327  -8.396  1.00 15.36 ? 145 TYR A CD1 1 
ATOM   1179 C  CD2 . TYR A 1 145 ? 16.232  -4.470  -8.846  1.00 13.29 ? 145 TYR A CD2 1 
ATOM   1180 C  CE1 . TYR A 1 145 ? 13.439  -4.426  -8.823  1.00 13.88 ? 145 TYR A CE1 1 
ATOM   1181 C  CE2 . TYR A 1 145 ? 15.494  -5.596  -9.298  1.00 11.76 ? 145 TYR A CE2 1 
ATOM   1182 C  CZ  . TYR A 1 145 ? 14.131  -5.550  -9.272  1.00 12.63 ? 145 TYR A CZ  1 
ATOM   1183 O  OH  . TYR A 1 145 ? 13.335  -6.586  -9.654  1.00 15.02 ? 145 TYR A OH  1 
ATOM   1184 N  N   . ASN A 1 146 ? 18.405  -2.662  -5.624  1.00 19.33 ? 146 ASN A N   1 
ATOM   1185 C  CA  . ASN A 1 146 ? 19.360  -3.618  -5.039  1.00 18.48 ? 146 ASN A CA  1 
ATOM   1186 C  C   . ASN A 1 146 ? 19.147  -3.797  -3.553  1.00 17.48 ? 146 ASN A C   1 
ATOM   1187 O  O   . ASN A 1 146 ? 19.471  -4.869  -3.002  1.00 16.60 ? 146 ASN A O   1 
ATOM   1188 C  CB  . ASN A 1 146 ? 20.794  -3.298  -5.513  1.00 21.47 ? 146 ASN A CB  1 
ATOM   1189 C  CG  . ASN A 1 146 ? 21.025  -4.015  -6.860  1.00 25.31 ? 146 ASN A CG  1 
ATOM   1190 O  OD1 . ASN A 1 146 ? 21.482  -5.164  -6.930  1.00 27.70 ? 146 ASN A OD1 1 
ATOM   1191 N  ND2 . ASN A 1 146 ? 20.674  -3.374  -7.960  1.00 26.13 ? 146 ASN A ND2 1 
ATOM   1192 N  N   . VAL A 1 147 ? 18.592  -2.802  -2.851  1.00 16.07 ? 147 VAL A N   1 
ATOM   1193 C  CA  . VAL A 1 147 ? 18.287  -3.010  -1.419  1.00 14.16 ? 147 VAL A CA  1 
ATOM   1194 C  C   . VAL A 1 147 ? 17.124  -4.004  -1.378  1.00 14.75 ? 147 VAL A C   1 
ATOM   1195 O  O   . VAL A 1 147 ? 17.058  -4.979  -0.626  1.00 15.13 ? 147 VAL A O   1 
ATOM   1196 C  CB  . VAL A 1 147 ? 17.966  -1.689  -0.722  1.00 14.66 ? 147 VAL A CB  1 
ATOM   1197 C  CG1 . VAL A 1 147 ? 17.345  -1.939  0.666   1.00 12.67 ? 147 VAL A CG1 1 
ATOM   1198 C  CG2 . VAL A 1 147 ? 19.139  -0.748  -0.638  1.00 13.06 ? 147 VAL A CG2 1 
ATOM   1199 N  N   . ILE A 1 148 ? 16.145  -3.782  -2.290  1.00 14.71 ? 148 ILE A N   1 
ATOM   1200 C  CA  . ILE A 1 148 ? 15.001  -4.705  -2.322  1.00 15.61 ? 148 ILE A CA  1 
ATOM   1201 C  C   . ILE A 1 148 ? 15.352  -6.149  -2.693  1.00 16.92 ? 148 ILE A C   1 
ATOM   1202 O  O   . ILE A 1 148 ? 14.830  -7.138  -2.122  1.00 17.23 ? 148 ILE A O   1 
ATOM   1203 C  CB  . ILE A 1 148 ? 13.899  -4.184  -3.296  1.00 15.77 ? 148 ILE A CB  1 
ATOM   1204 C  CG1 . ILE A 1 148 ? 13.651  -2.655  -3.084  1.00 17.74 ? 148 ILE A CG1 1 
ATOM   1205 C  CG2 . ILE A 1 148 ? 12.630  -5.042  -3.113  1.00 16.88 ? 148 ILE A CG2 1 
ATOM   1206 C  CD1 . ILE A 1 148 ? 12.477  -2.112  -3.967  1.00 16.61 ? 148 ILE A CD1 1 
ATOM   1207 N  N   . THR A 1 149 ? 16.161  -6.327  -3.722  1.00 17.15 ? 149 THR A N   1 
ATOM   1208 C  CA  . THR A 1 149 ? 16.520  -7.682  -4.176  1.00 16.86 ? 149 THR A CA  1 
ATOM   1209 C  C   . THR A 1 149 ? 17.732  -8.182  -3.435  1.00 18.64 ? 149 THR A C   1 
ATOM   1210 O  O   . THR A 1 149 ? 18.176  -9.318  -3.655  1.00 20.36 ? 149 THR A O   1 
ATOM   1211 C  CB  . THR A 1 149 ? 16.760  -7.716  -5.735  1.00 15.07 ? 149 THR A CB  1 
ATOM   1212 O  OG1 . THR A 1 149 ? 17.951  -6.881  -5.915  1.00 13.21 ? 149 THR A OG1 1 
ATOM   1213 C  CG2 . THR A 1 149 ? 15.517  -7.280  -6.508  1.00 9.83  ? 149 THR A CG2 1 
ATOM   1214 N  N   . ASP A 1 150 ? 18.202  -7.332  -2.535  1.00 19.98 ? 150 ASP A N   1 
ATOM   1215 C  CA  . ASP A 1 150 ? 19.366  -7.670  -1.690  1.00 19.85 ? 150 ASP A CA  1 
ATOM   1216 C  C   . ASP A 1 150 ? 20.556  -8.192  -2.482  1.00 18.71 ? 150 ASP A C   1 
ATOM   1217 O  O   . ASP A 1 150 ? 21.142  -9.241  -2.129  1.00 19.34 ? 150 ASP A O   1 
ATOM   1218 C  CB  . ASP A 1 150 ? 18.937  -8.631  -0.566  1.00 18.65 ? 150 ASP A CB  1 
ATOM   1219 C  CG  . ASP A 1 150 ? 20.123  -8.737  0.386   1.00 21.67 ? 150 ASP A CG  1 
ATOM   1220 O  OD1 . ASP A 1 150 ? 20.836  -7.729  0.462   1.00 21.86 ? 150 ASP A OD1 1 
ATOM   1221 O  OD2 . ASP A 1 150 ? 20.399  -9.798  0.963   1.00 26.11 ? 150 ASP A OD2 1 
ATOM   1222 N  N   . GLY A 1 151 ? 20.936  -7.443  -3.475  1.00 17.62 ? 151 GLY A N   1 
ATOM   1223 C  CA  . GLY A 1 151 ? 22.066  -7.786  -4.365  1.00 16.45 ? 151 GLY A CA  1 
ATOM   1224 C  C   . GLY A 1 151 ? 21.776  -8.931  -5.288  1.00 15.27 ? 151 GLY A C   1 
ATOM   1225 O  O   . GLY A 1 151 ? 22.726  -9.600  -5.785  1.00 16.33 ? 151 GLY A O   1 
ATOM   1226 N  N   . GLY A 1 152 ? 20.519  -9.187  -5.551  1.00 14.58 ? 152 GLY A N   1 
ATOM   1227 C  CA  . GLY A 1 152 ? 20.106  -10.273 -6.473  1.00 14.25 ? 152 GLY A CA  1 
ATOM   1228 C  C   . GLY A 1 152 ? 19.904  -11.568 -5.767  1.00 16.45 ? 152 GLY A C   1 
ATOM   1229 O  O   . GLY A 1 152 ? 19.657  -12.596 -6.433  1.00 18.04 ? 152 GLY A O   1 
ATOM   1230 N  N   . LYS A 1 153 ? 19.913  -11.587 -4.427  1.00 15.43 ? 153 LYS A N   1 
ATOM   1231 C  CA  . LYS A 1 153 ? 19.706  -12.794 -3.680  1.00 14.96 ? 153 LYS A CA  1 
ATOM   1232 C  C   . LYS A 1 153 ? 18.220  -13.130 -3.587  1.00 16.92 ? 153 LYS A C   1 
ATOM   1233 O  O   . LYS A 1 153 ? 17.891  -14.326 -3.599  1.00 18.53 ? 153 LYS A O   1 
ATOM   1234 C  CB  . LYS A 1 153 ? 20.218  -12.732 -2.238  1.00 15.96 ? 153 LYS A CB  1 
ATOM   1235 C  CG  . LYS A 1 153 ? 21.725  -12.586 -2.098  1.00 16.73 ? 153 LYS A CG  1 
ATOM   1236 C  CD  . LYS A 1 153 ? 22.108  -12.659 -0.618  1.00 19.23 ? 153 LYS A CD  1 
ATOM   1237 C  CE  . LYS A 1 153 ? 23.446  -11.989 -0.384  1.00 20.91 ? 153 LYS A CE  1 
ATOM   1238 N  NZ  . LYS A 1 153 ? 23.415  -11.240 0.920   1.00 24.85 ? 153 LYS A NZ  1 
ATOM   1239 N  N   . VAL A 1 154 ? 17.440  -12.070 -3.515  1.00 17.57 ? 154 VAL A N   1 
ATOM   1240 C  CA  . VAL A 1 154 ? 15.971  -12.152 -3.358  1.00 17.52 ? 154 VAL A CA  1 
ATOM   1241 C  C   . VAL A 1 154 ? 15.173  -11.598 -4.529  1.00 16.75 ? 154 VAL A C   1 
ATOM   1242 O  O   . VAL A 1 154 ? 15.365  -10.454 -4.967  1.00 17.19 ? 154 VAL A O   1 
ATOM   1243 C  CB  . VAL A 1 154 ? 15.659  -11.292 -2.079  1.00 18.47 ? 154 VAL A CB  1 
ATOM   1244 C  CG1 . VAL A 1 154 ? 14.236  -11.480 -1.630  1.00 20.82 ? 154 VAL A CG1 1 
ATOM   1245 C  CG2 . VAL A 1 154 ? 16.636  -11.597 -0.937  1.00 18.91 ? 154 VAL A CG2 1 
ATOM   1246 N  N   . THR A 1 155 ? 14.213  -12.322 -5.033  1.00 16.61 ? 155 THR A N   1 
ATOM   1247 C  CA  . THR A 1 155 ? 13.318  -11.898 -6.096  1.00 16.92 ? 155 THR A CA  1 
ATOM   1248 C  C   . THR A 1 155 ? 12.229  -10.992 -5.450  1.00 16.79 ? 155 THR A C   1 
ATOM   1249 O  O   . THR A 1 155 ? 11.720  -11.314 -4.348  1.00 16.36 ? 155 THR A O   1 
ATOM   1250 C  CB  . THR A 1 155 ? 12.613  -13.136 -6.805  1.00 16.44 ? 155 THR A CB  1 
ATOM   1251 O  OG1 . THR A 1 155 ? 13.717  -14.067 -7.039  1.00 19.64 ? 155 THR A OG1 1 
ATOM   1252 C  CG2 . THR A 1 155 ? 12.015  -12.837 -8.172  1.00 16.58 ? 155 THR A CG2 1 
ATOM   1253 N  N   . PHE A 1 156 ? 11.942  -9.925  -6.135  1.00 15.00 ? 156 PHE A N   1 
ATOM   1254 C  CA  . PHE A 1 156 ? 10.941  -8.969  -5.803  1.00 15.81 ? 156 PHE A CA  1 
ATOM   1255 C  C   . PHE A 1 156 ? 9.577   -9.603  -6.182  1.00 16.94 ? 156 PHE A C   1 
ATOM   1256 O  O   . PHE A 1 156 ? 8.990   -9.264  -7.222  1.00 17.27 ? 156 PHE A O   1 
ATOM   1257 C  CB  . PHE A 1 156 ? 11.064  -7.564  -6.400  1.00 15.18 ? 156 PHE A CB  1 
ATOM   1258 C  CG  . PHE A 1 156 ? 10.249  -6.475  -5.740  1.00 13.71 ? 156 PHE A CG  1 
ATOM   1259 C  CD1 . PHE A 1 156 ? 9.410   -6.741  -4.666  1.00 12.19 ? 156 PHE A CD1 1 
ATOM   1260 C  CD2 . PHE A 1 156 ? 10.375  -5.161  -6.211  1.00 13.10 ? 156 PHE A CD2 1 
ATOM   1261 C  CE1 . PHE A 1 156 ? 8.670   -5.727  -4.045  1.00 13.96 ? 156 PHE A CE1 1 
ATOM   1262 C  CE2 . PHE A 1 156 ? 9.608   -4.140  -5.628  1.00 14.28 ? 156 PHE A CE2 1 
ATOM   1263 C  CZ  . PHE A 1 156 ? 8.746   -4.419  -4.533  1.00 13.58 ? 156 PHE A CZ  1 
ATOM   1264 N  N   . ASP A 1 157 ? 9.133   -10.504 -5.319  1.00 16.42 ? 157 ASP A N   1 
ATOM   1265 C  CA  . ASP A 1 157 ? 7.811   -11.105 -5.576  1.00 18.50 ? 157 ASP A CA  1 
ATOM   1266 C  C   . ASP A 1 157 ? 6.872   -10.663 -4.442  1.00 20.45 ? 157 ASP A C   1 
ATOM   1267 O  O   . ASP A 1 157 ? 7.244   -9.772  -3.628  1.00 21.11 ? 157 ASP A O   1 
ATOM   1268 C  CB  . ASP A 1 157 ? 7.991   -12.601 -5.748  1.00 20.92 ? 157 ASP A CB  1 
ATOM   1269 C  CG  . ASP A 1 157 ? 8.142   -13.277 -4.397  1.00 21.80 ? 157 ASP A CG  1 
ATOM   1270 O  OD1 . ASP A 1 157 ? 8.981   -12.793 -3.643  1.00 22.66 ? 157 ASP A OD1 1 
ATOM   1271 O  OD2 . ASP A 1 157 ? 7.381   -14.217 -4.122  1.00 26.20 ? 157 ASP A OD2 1 
ATOM   1272 N  N   . LEU A 1 158 ? 5.680   -11.236 -4.399  1.00 20.61 ? 158 LEU A N   1 
ATOM   1273 C  CA  . LEU A 1 158 ? 4.622   -10.965 -3.429  1.00 19.31 ? 158 LEU A CA  1 
ATOM   1274 C  C   . LEU A 1 158 ? 5.112   -11.214 -1.997  1.00 18.44 ? 158 LEU A C   1 
ATOM   1275 O  O   . LEU A 1 158 ? 4.848   -10.371 -1.135  1.00 17.83 ? 158 LEU A O   1 
ATOM   1276 C  CB  . LEU A 1 158 ? 3.372   -11.748 -3.756  1.00 18.81 ? 158 LEU A CB  1 
ATOM   1277 C  CG  . LEU A 1 158 ? 1.999   -11.158 -3.530  1.00 20.87 ? 158 LEU A CG  1 
ATOM   1278 C  CD1 . LEU A 1 158 ? 1.013   -12.232 -3.085  1.00 19.14 ? 158 LEU A CD1 1 
ATOM   1279 C  CD2 . LEU A 1 158 ? 1.997   -9.963  -2.598  1.00 18.55 ? 158 LEU A CD2 1 
ATOM   1280 N  N   . ASN A 1 159 ? 5.851   -12.296 -1.762  1.00 17.43 ? 159 ASN A N   1 
ATOM   1281 C  CA  . ASN A 1 159 ? 6.337   -12.509 -0.393  1.00 17.44 ? 159 ASN A CA  1 
ATOM   1282 C  C   . ASN A 1 159 ? 7.400   -11.493 -0.033  1.00 17.68 ? 159 ASN A C   1 
ATOM   1283 O  O   . ASN A 1 159 ? 7.605   -11.362 1.186   1.00 20.09 ? 159 ASN A O   1 
ATOM   1284 C  CB  . ASN A 1 159 ? 6.810   -13.919 -0.071  1.00 18.79 ? 159 ASN A CB  1 
ATOM   1285 C  CG  . ASN A 1 159 ? 5.691   -14.854 -0.478  1.00 21.91 ? 159 ASN A CG  1 
ATOM   1286 O  OD1 . ASN A 1 159 ? 5.723   -15.267 -1.650  1.00 26.23 ? 159 ASN A OD1 1 
ATOM   1287 N  ND2 . ASN A 1 159 ? 4.733   -15.071 0.407   1.00 23.01 ? 159 ASN A ND2 1 
ATOM   1288 N  N   . ARG A 1 160 ? 8.020   -10.869 -1.006  1.00 16.58 ? 160 ARG A N   1 
ATOM   1289 C  CA  . ARG A 1 160 ? 9.065   -9.874  -0.732  1.00 16.34 ? 160 ARG A CA  1 
ATOM   1290 C  C   . ARG A 1 160 ? 8.319   -8.556  -0.404  1.00 17.04 ? 160 ARG A C   1 
ATOM   1291 O  O   . ARG A 1 160 ? 8.679   -7.912  0.567   1.00 18.02 ? 160 ARG A O   1 
ATOM   1292 C  CB  . ARG A 1 160 ? 9.990   -9.633  -1.904  1.00 15.35 ? 160 ARG A CB  1 
ATOM   1293 C  CG  . ARG A 1 160 ? 11.443  -9.459  -1.490  1.00 16.59 ? 160 ARG A CG  1 
ATOM   1294 C  CD  . ARG A 1 160 ? 11.646  -8.379  -0.531  1.00 16.80 ? 160 ARG A CD  1 
ATOM   1295 N  NE  . ARG A 1 160 ? 12.777  -8.608  0.399   1.00 19.67 ? 160 ARG A NE  1 
ATOM   1296 C  CZ  . ARG A 1 160 ? 13.649  -7.615  0.572   1.00 19.68 ? 160 ARG A CZ  1 
ATOM   1297 N  NH1 . ARG A 1 160 ? 13.460  -6.574  -0.265  1.00 25.52 ? 160 ARG A NH1 1 
ATOM   1298 N  NH2 . ARG A 1 160 ? 14.646  -7.535  1.391   1.00 21.27 ? 160 ARG A NH2 1 
ATOM   1299 N  N   . TYR A 1 161 ? 7.301   -8.331  -1.201  1.00 17.20 ? 161 TYR A N   1 
ATOM   1300 C  CA  . TYR A 1 161 ? 6.420   -7.201  -1.127  1.00 19.60 ? 161 TYR A CA  1 
ATOM   1301 C  C   . TYR A 1 161 ? 5.840   -7.060  0.306   1.00 18.93 ? 161 TYR A C   1 
ATOM   1302 O  O   . TYR A 1 161 ? 6.060   -6.002  0.909   1.00 18.76 ? 161 TYR A O   1 
ATOM   1303 C  CB  . TYR A 1 161 ? 5.261   -7.187  -2.174  1.00 17.73 ? 161 TYR A CB  1 
ATOM   1304 C  CG  . TYR A 1 161 ? 4.634   -5.817  -2.059  1.00 19.55 ? 161 TYR A CG  1 
ATOM   1305 C  CD1 . TYR A 1 161 ? 5.264   -4.694  -2.598  1.00 18.52 ? 161 TYR A CD1 1 
ATOM   1306 C  CD2 . TYR A 1 161 ? 3.435   -5.631  -1.354  1.00 21.59 ? 161 TYR A CD2 1 
ATOM   1307 C  CE1 . TYR A 1 161 ? 4.676   -3.445  -2.522  1.00 17.88 ? 161 TYR A CE1 1 
ATOM   1308 C  CE2 . TYR A 1 161 ? 2.850   -4.370  -1.250  1.00 19.40 ? 161 TYR A CE2 1 
ATOM   1309 C  CZ  . TYR A 1 161 ? 3.483   -3.283  -1.813  1.00 19.05 ? 161 TYR A CZ  1 
ATOM   1310 O  OH  . TYR A 1 161 ? 2.933   -2.045  -1.624  1.00 19.13 ? 161 TYR A OH  1 
ATOM   1311 N  N   . LYS A 1 162 ? 5.150   -8.084  0.713   1.00 18.26 ? 162 LYS A N   1 
ATOM   1312 C  CA  . LYS A 1 162 ? 4.549   -8.310  1.992   1.00 19.30 ? 162 LYS A CA  1 
ATOM   1313 C  C   . LYS A 1 162 ? 5.522   -7.913  3.130   1.00 19.59 ? 162 LYS A C   1 
ATOM   1314 O  O   . LYS A 1 162 ? 5.071   -7.241  4.047   1.00 19.68 ? 162 LYS A O   1 
ATOM   1315 C  CB  . LYS A 1 162 ? 4.187   -9.786  2.259   1.00 19.11 ? 162 LYS A CB  1 
ATOM   1316 C  CG  . LYS A 1 162 ? 2.961   -10.286 1.455   1.00 20.63 ? 162 LYS A CG  1 
ATOM   1317 C  CD  . LYS A 1 162 ? 2.655   -11.736 1.806   1.00 22.08 ? 162 LYS A CD  1 
ATOM   1318 C  CE  . LYS A 1 162 ? 1.475   -12.296 1.018   1.00 22.63 ? 162 LYS A CE  1 
ATOM   1319 N  NZ  . LYS A 1 162 ? 0.951   -13.517 1.691   1.00 22.13 ? 162 LYS A NZ  1 
ATOM   1320 N  N   . GLU A 1 163 ? 6.770   -8.326  3.031   1.00 19.92 ? 163 GLU A N   1 
ATOM   1321 C  CA  . GLU A 1 163 ? 7.797   -8.089  4.046   1.00 20.59 ? 163 GLU A CA  1 
ATOM   1322 C  C   . GLU A 1 163 ? 8.086   -6.602  4.169   1.00 19.21 ? 163 GLU A C   1 
ATOM   1323 O  O   . GLU A 1 163 ? 8.242   -6.062  5.263   1.00 17.74 ? 163 GLU A O   1 
ATOM   1324 C  CB  . GLU A 1 163 ? 9.139   -8.805  3.774   1.00 22.93 ? 163 GLU A CB  1 
ATOM   1325 C  CG  . GLU A 1 163 ? 9.243   -10.303 3.561   1.00 27.25 ? 163 GLU A CG  1 
ATOM   1326 C  CD  . GLU A 1 163 ? 10.588  -10.852 3.108   1.00 30.49 ? 163 GLU A CD  1 
ATOM   1327 O  OE1 . GLU A 1 163 ? 11.639  -10.214 3.087   1.00 29.00 ? 163 GLU A OE1 1 
ATOM   1328 O  OE2 . GLU A 1 163 ? 10.546  -12.059 2.714   1.00 30.27 ? 163 GLU A OE2 1 
ATOM   1329 N  N   . LEU A 1 164 ? 8.218   -5.997  2.982   1.00 17.30 ? 164 LEU A N   1 
ATOM   1330 C  CA  . LEU A 1 164 ? 8.527   -4.560  2.914   1.00 15.72 ? 164 LEU A CA  1 
ATOM   1331 C  C   . LEU A 1 164 ? 7.334   -3.732  3.329   1.00 16.68 ? 164 LEU A C   1 
ATOM   1332 O  O   . LEU A 1 164 ? 7.468   -2.752  4.081   1.00 16.30 ? 164 LEU A O   1 
ATOM   1333 C  CB  . LEU A 1 164 ? 9.090   -4.296  1.537   1.00 15.71 ? 164 LEU A CB  1 
ATOM   1334 C  CG  . LEU A 1 164 ? 10.316  -5.092  1.108   1.00 14.46 ? 164 LEU A CG  1 
ATOM   1335 C  CD1 . LEU A 1 164 ? 10.467  -4.966  -0.403  1.00 15.51 ? 164 LEU A CD1 1 
ATOM   1336 C  CD2 . LEU A 1 164 ? 11.530  -4.494  1.814   1.00 15.45 ? 164 LEU A CD2 1 
ATOM   1337 N  N   . TYR A 1 165 ? 6.145   -4.137  2.877   1.00 17.18 ? 165 TYR A N   1 
ATOM   1338 C  CA  . TYR A 1 165 ? 4.938   -3.363  3.302   1.00 17.93 ? 165 TYR A CA  1 
ATOM   1339 C  C   . TYR A 1 165 ? 4.898   -3.317  4.840   1.00 16.22 ? 165 TYR A C   1 
ATOM   1340 O  O   . TYR A 1 165 ? 4.816   -2.217  5.397   1.00 14.63 ? 165 TYR A O   1 
ATOM   1341 C  CB  . TYR A 1 165 ? 3.679   -3.857  2.624   1.00 17.31 ? 165 TYR A CB  1 
ATOM   1342 C  CG  . TYR A 1 165 ? 2.385   -3.187  2.971   1.00 18.33 ? 165 TYR A CG  1 
ATOM   1343 C  CD1 . TYR A 1 165 ? 1.707   -3.594  4.136   1.00 20.87 ? 165 TYR A CD1 1 
ATOM   1344 C  CD2 . TYR A 1 165 ? 1.775   -2.233  2.196   1.00 18.94 ? 165 TYR A CD2 1 
ATOM   1345 C  CE1 . TYR A 1 165 ? 0.472   -3.063  4.478   1.00 22.44 ? 165 TYR A CE1 1 
ATOM   1346 C  CE2 . TYR A 1 165 ? 0.541   -1.650  2.524   1.00 20.52 ? 165 TYR A CE2 1 
ATOM   1347 C  CZ  . TYR A 1 165 ? -0.117  -2.100  3.650   1.00 23.57 ? 165 TYR A CZ  1 
ATOM   1348 O  OH  . TYR A 1 165 ? -1.336  -1.563  4.020   1.00 24.41 ? 165 TYR A OH  1 
ATOM   1349 N  N   . TYR A 1 166 ? 5.096   -4.476  5.445   1.00 15.95 ? 166 TYR A N   1 
ATOM   1350 C  CA  . TYR A 1 166 ? 5.136   -4.667  6.889   1.00 16.27 ? 166 TYR A CA  1 
ATOM   1351 C  C   . TYR A 1 166 ? 6.108   -3.714  7.570   1.00 17.09 ? 166 TYR A C   1 
ATOM   1352 O  O   . TYR A 1 166 ? 5.819   -3.083  8.602   1.00 19.09 ? 166 TYR A O   1 
ATOM   1353 C  CB  . TYR A 1 166 ? 5.565   -6.111  7.298   1.00 13.75 ? 166 TYR A CB  1 
ATOM   1354 C  CG  . TYR A 1 166 ? 5.535   -6.263  8.805   1.00 17.31 ? 166 TYR A CG  1 
ATOM   1355 C  CD1 . TYR A 1 166 ? 4.308   -6.145  9.465   1.00 19.73 ? 166 TYR A CD1 1 
ATOM   1356 C  CD2 . TYR A 1 166 ? 6.662   -6.530  9.601   1.00 18.56 ? 166 TYR A CD2 1 
ATOM   1357 C  CE1 . TYR A 1 166 ? 4.155   -6.275  10.837  1.00 19.88 ? 166 TYR A CE1 1 
ATOM   1358 C  CE2 . TYR A 1 166 ? 6.547   -6.643  10.986  1.00 20.49 ? 166 TYR A CE2 1 
ATOM   1359 C  CZ  . TYR A 1 166 ? 5.301   -6.529  11.594  1.00 22.34 ? 166 TYR A CZ  1 
ATOM   1360 O  OH  . TYR A 1 166 ? 5.176   -6.666  12.956  1.00 24.71 ? 166 TYR A OH  1 
ATOM   1361 N  N   . ARG A 1 167 ? 7.299   -3.630  7.006   1.00 16.87 ? 167 ARG A N   1 
ATOM   1362 C  CA  . ARG A 1 167 ? 8.353   -2.785  7.592   1.00 15.64 ? 167 ARG A CA  1 
ATOM   1363 C  C   . ARG A 1 167 ? 8.075   -1.303  7.410   1.00 14.11 ? 167 ARG A C   1 
ATOM   1364 O  O   . ARG A 1 167 ? 8.552   -0.531  8.264   1.00 14.05 ? 167 ARG A O   1 
ATOM   1365 C  CB  . ARG A 1 167 ? 9.716   -3.134  7.028   1.00 15.24 ? 167 ARG A CB  1 
ATOM   1366 C  CG  . ARG A 1 167 ? 10.151  -4.572  7.368   1.00 14.18 ? 167 ARG A CG  1 
ATOM   1367 C  CD  . ARG A 1 167 ? 11.393  -4.758  6.504   1.00 17.79 ? 167 ARG A CD  1 
ATOM   1368 N  NE  . ARG A 1 167 ? 12.100  -5.957  6.888   1.00 22.00 ? 167 ARG A NE  1 
ATOM   1369 C  CZ  . ARG A 1 167 ? 13.041  -5.924  7.850   1.00 25.34 ? 167 ARG A CZ  1 
ATOM   1370 N  NH1 . ARG A 1 167 ? 13.341  -4.737  8.406   1.00 25.97 ? 167 ARG A NH1 1 
ATOM   1371 N  NH2 . ARG A 1 167 ? 13.685  -7.030  8.195   1.00 25.93 ? 167 ARG A NH2 1 
ATOM   1372 N  N   . LEU A 1 168 ? 7.406   -0.978  6.352   1.00 14.14 ? 168 LEU A N   1 
ATOM   1373 C  CA  . LEU A 1 168 ? 7.028   0.398   6.025   1.00 17.30 ? 168 LEU A CA  1 
ATOM   1374 C  C   . LEU A 1 168 ? 6.024   0.897   7.092   1.00 17.56 ? 168 LEU A C   1 
ATOM   1375 O  O   . LEU A 1 168 ? 6.035   2.030   7.517   1.00 17.32 ? 168 LEU A O   1 
ATOM   1376 C  CB  . LEU A 1 168 ? 6.304   0.395   4.651   1.00 18.97 ? 168 LEU A CB  1 
ATOM   1377 C  CG  . LEU A 1 168 ? 6.177   1.655   3.848   1.00 21.47 ? 168 LEU A CG  1 
ATOM   1378 C  CD1 . LEU A 1 168 ? 4.741   1.855   3.322   1.00 23.67 ? 168 LEU A CD1 1 
ATOM   1379 C  CD2 . LEU A 1 168 ? 6.563   2.907   4.610   1.00 20.08 ? 168 LEU A CD2 1 
ATOM   1380 N  N   . LEU A 1 169 ? 5.102   -0.009  7.423   1.00 18.49 ? 169 LEU A N   1 
ATOM   1381 C  CA  . LEU A 1 169 ? 4.049   0.275   8.382   1.00 18.86 ? 169 LEU A CA  1 
ATOM   1382 C  C   . LEU A 1 169 ? 4.560   0.240   9.836   1.00 17.84 ? 169 LEU A C   1 
ATOM   1383 O  O   . LEU A 1 169 ? 4.076   1.063   10.650  1.00 17.39 ? 169 LEU A O   1 
ATOM   1384 C  CB  . LEU A 1 169 ? 2.861   -0.647  8.110   1.00 18.19 ? 169 LEU A CB  1 
ATOM   1385 C  CG  . LEU A 1 169 ? 1.660   -0.180  7.315   1.00 18.16 ? 169 LEU A CG  1 
ATOM   1386 C  CD1 . LEU A 1 169 ? 1.122   1.176   7.772   1.00 17.84 ? 169 LEU A CD1 1 
ATOM   1387 C  CD2 . LEU A 1 169 ? 2.078   -0.032  5.836   1.00 19.14 ? 169 LEU A CD2 1 
ATOM   1388 N  N   . THR A 1 170 ? 5.455   -0.658  10.175  1.00 15.79 ? 170 THR A N   1 
ATOM   1389 C  CA  . THR A 1 170 ? 5.852   -0.756  11.588  1.00 15.76 ? 170 THR A CA  1 
ATOM   1390 C  C   . THR A 1 170 ? 7.191   -0.435  12.130  1.00 16.95 ? 170 THR A C   1 
ATOM   1391 O  O   . THR A 1 170 ? 7.228   -0.023  13.350  1.00 17.91 ? 170 THR A O   1 
ATOM   1392 C  CB  . THR A 1 170 ? 5.402   -2.209  12.062  1.00 15.41 ? 170 THR A CB  1 
ATOM   1393 O  OG1 . THR A 1 170 ? 6.252   -3.128  11.336  1.00 16.51 ? 170 THR A OG1 1 
ATOM   1394 C  CG2 . THR A 1 170 ? 3.911   -2.458  11.761  1.00 14.84 ? 170 THR A CG2 1 
ATOM   1395 N  N   . SER A 1 171 ? 8.279   -0.429  11.378  1.00 17.29 ? 171 SER A N   1 
ATOM   1396 C  CA  . SER A 1 171 ? 9.598   -0.183  11.963  1.00 16.92 ? 171 SER A CA  1 
ATOM   1397 C  C   . SER A 1 171 ? 9.753   1.210   12.533  1.00 17.18 ? 171 SER A C   1 
ATOM   1398 O  O   . SER A 1 171 ? 9.322   2.176   11.921  1.00 17.50 ? 171 SER A O   1 
ATOM   1399 C  CB  . SER A 1 171 ? 10.743  -0.409  10.973  1.00 16.44 ? 171 SER A CB  1 
ATOM   1400 O  OG  . SER A 1 171 ? 10.483  -1.627  10.283  1.00 19.78 ? 171 SER A OG  1 
ATOM   1401 N  N   . PRO A 1 172 ? 10.439  1.212   13.665  1.00 16.56 ? 172 PRO A N   1 
ATOM   1402 C  CA  . PRO A 1 172 ? 10.730  2.474   14.343  1.00 15.58 ? 172 PRO A CA  1 
ATOM   1403 C  C   . PRO A 1 172 ? 12.008  3.038   13.768  1.00 15.71 ? 172 PRO A C   1 
ATOM   1404 O  O   . PRO A 1 172 ? 12.458  4.085   14.262  1.00 17.41 ? 172 PRO A O   1 
ATOM   1405 C  CB  . PRO A 1 172 ? 10.785  2.033   15.808  1.00 14.00 ? 172 PRO A CB  1 
ATOM   1406 C  CG  . PRO A 1 172 ? 11.411  0.699   15.761  1.00 13.85 ? 172 PRO A CG  1 
ATOM   1407 C  CD  . PRO A 1 172 ? 10.916  0.072   14.452  1.00 15.90 ? 172 PRO A CD  1 
ATOM   1408 N  N   . ALA A 1 173 ? 12.599  2.430   12.751  1.00 15.27 ? 173 ALA A N   1 
ATOM   1409 C  CA  . ALA A 1 173 ? 13.839  2.829   12.114  1.00 15.07 ? 173 ALA A CA  1 
ATOM   1410 C  C   . ALA A 1 173 ? 13.936  2.509   10.629  1.00 14.84 ? 173 ALA A C   1 
ATOM   1411 O  O   . ALA A 1 173 ? 13.457  1.441   10.242  1.00 14.06 ? 173 ALA A O   1 
ATOM   1412 C  CB  . ALA A 1 173 ? 15.019  2.072   12.792  1.00 15.49 ? 173 ALA A CB  1 
ATOM   1413 N  N   . ALA A 1 174 ? 14.660  3.348   9.913   1.00 14.30 ? 174 ALA A N   1 
ATOM   1414 C  CA  . ALA A 1 174 ? 14.886  3.200   8.470   1.00 15.02 ? 174 ALA A CA  1 
ATOM   1415 C  C   . ALA A 1 174 ? 15.481  1.856   8.114   1.00 17.59 ? 174 ALA A C   1 
ATOM   1416 O  O   . ALA A 1 174 ? 16.550  1.462   8.600   1.00 20.18 ? 174 ALA A O   1 
ATOM   1417 C  CB  . ALA A 1 174 ? 15.754  4.347   7.976   1.00 11.95 ? 174 ALA A CB  1 
ATOM   1418 N  N   . ASP A 1 175 ? 14.753  1.113   7.276   1.00 17.99 ? 175 ASP A N   1 
ATOM   1419 C  CA  . ASP A 1 175 ? 15.192  -0.236  6.846   1.00 16.74 ? 175 ASP A CA  1 
ATOM   1420 C  C   . ASP A 1 175 ? 14.674  -0.388  5.410   1.00 17.13 ? 175 ASP A C   1 
ATOM   1421 O  O   . ASP A 1 175 ? 14.173  0.600   4.817   1.00 17.87 ? 175 ASP A O   1 
ATOM   1422 C  CB  . ASP A 1 175 ? 14.658  -1.239  7.861   1.00 16.55 ? 175 ASP A CB  1 
ATOM   1423 C  CG  . ASP A 1 175 ? 13.149  -1.404  7.956   1.00 17.79 ? 175 ASP A CG  1 
ATOM   1424 O  OD1 . ASP A 1 175 ? 12.354  -0.795  7.226   1.00 16.16 ? 175 ASP A OD1 1 
ATOM   1425 O  OD2 . ASP A 1 175 ? 12.644  -2.227  8.749   1.00 18.39 ? 175 ASP A OD2 1 
ATOM   1426 N  N   . ALA A 1 176 ? 14.750  -1.579  4.895   1.00 16.18 ? 176 ALA A N   1 
ATOM   1427 C  CA  . ALA A 1 176 ? 14.299  -1.914  3.549   1.00 16.18 ? 176 ALA A CA  1 
ATOM   1428 C  C   . ALA A 1 176 ? 12.874  -1.506  3.249   1.00 15.56 ? 176 ALA A C   1 
ATOM   1429 O  O   . ALA A 1 176 ? 12.609  -1.315  2.020   1.00 15.98 ? 176 ALA A O   1 
ATOM   1430 C  CB  . ALA A 1 176 ? 14.446  -3.435  3.270   1.00 14.97 ? 176 ALA A CB  1 
ATOM   1431 N  N   . GLY A 1 177 ? 12.003  -1.423  4.253   1.00 15.12 ? 177 GLY A N   1 
ATOM   1432 C  CA  . GLY A 1 177 ? 10.563  -1.041  3.971   1.00 12.78 ? 177 GLY A CA  1 
ATOM   1433 C  C   . GLY A 1 177 ? 10.595  0.355   3.379   1.00 13.34 ? 177 GLY A C   1 
ATOM   1434 O  O   . GLY A 1 177 ? 9.698   0.828   2.673   1.00 15.97 ? 177 GLY A O   1 
ATOM   1435 N  N   . ASN A 1 178 ? 11.655  1.113   3.584   1.00 12.59 ? 178 ASN A N   1 
ATOM   1436 C  CA  . ASN A 1 178 ? 11.770  2.445   3.009   1.00 14.14 ? 178 ASN A CA  1 
ATOM   1437 C  C   . ASN A 1 178 ? 11.781  2.473   1.465   1.00 14.95 ? 178 ASN A C   1 
ATOM   1438 O  O   . ASN A 1 178 ? 11.535  3.573   0.959   1.00 16.28 ? 178 ASN A O   1 
ATOM   1439 C  CB  . ASN A 1 178 ? 12.979  3.196   3.486   1.00 13.52 ? 178 ASN A CB  1 
ATOM   1440 C  CG  . ASN A 1 178 ? 13.008  3.708   4.909   1.00 14.61 ? 178 ASN A CG  1 
ATOM   1441 O  OD1 . ASN A 1 178 ? 13.713  4.705   5.131   1.00 15.61 ? 178 ASN A OD1 1 
ATOM   1442 N  ND2 . ASN A 1 178 ? 12.374  3.078   5.852   1.00 13.85 ? 178 ASN A ND2 1 
ATOM   1443 N  N   . THR A 1 179 ? 12.111  1.411   0.809   1.00 16.14 ? 179 THR A N   1 
ATOM   1444 C  CA  . THR A 1 179 ? 12.223  1.271   -0.656  1.00 15.90 ? 179 THR A CA  1 
ATOM   1445 C  C   . THR A 1 179 ? 10.930  1.505   -1.397  1.00 15.66 ? 179 THR A C   1 
ATOM   1446 O  O   . THR A 1 179 ? 10.962  1.937   -2.562  1.00 15.92 ? 179 THR A O   1 
ATOM   1447 C  CB  . THR A 1 179 ? 12.900  -0.089  -1.070  1.00 14.36 ? 179 THR A CB  1 
ATOM   1448 O  OG1 . THR A 1 179 ? 12.031  -1.138  -0.630  1.00 12.71 ? 179 THR A OG1 1 
ATOM   1449 C  CG2 . THR A 1 179 ? 14.273  -0.250  -0.359  1.00 15.72 ? 179 THR A CG2 1 
ATOM   1450 N  N   . LEU A 1 180 ? 9.855   1.316   -0.641  1.00 16.34 ? 180 LEU A N   1 
ATOM   1451 C  CA  . LEU A 1 180 ? 8.499   1.500   -1.167  1.00 15.96 ? 180 LEU A CA  1 
ATOM   1452 C  C   . LEU A 1 180 ? 8.181   2.976   -1.280  1.00 16.13 ? 180 LEU A C   1 
ATOM   1453 O  O   . LEU A 1 180 ? 7.231   3.368   -1.960  1.00 16.85 ? 180 LEU A O   1 
ATOM   1454 C  CB  . LEU A 1 180 ? 7.582   0.618   -0.348  1.00 16.36 ? 180 LEU A CB  1 
ATOM   1455 C  CG  . LEU A 1 180 ? 7.880   -0.884  -0.319  1.00 16.83 ? 180 LEU A CG  1 
ATOM   1456 C  CD1 . LEU A 1 180 ? 6.858   -1.606  0.555   1.00 17.50 ? 180 LEU A CD1 1 
ATOM   1457 C  CD2 . LEU A 1 180 ? 7.740   -1.404  -1.761  1.00 17.19 ? 180 LEU A CD2 1 
ATOM   1458 N  N   . MET A 1 181 ? 8.969   3.825   -0.662  1.00 17.42 ? 181 MET A N   1 
ATOM   1459 C  CA  . MET A 1 181 ? 8.738   5.287   -0.725  1.00 18.29 ? 181 MET A CA  1 
ATOM   1460 C  C   . MET A 1 181 ? 9.787   5.799   -1.734  1.00 18.82 ? 181 MET A C   1 
ATOM   1461 O  O   . MET A 1 181 ? 9.983   6.982   -1.990  1.00 18.04 ? 181 MET A O   1 
ATOM   1462 C  CB  . MET A 1 181 ? 8.826   5.977   0.622   1.00 18.65 ? 181 MET A CB  1 
ATOM   1463 C  CG  . MET A 1 181 ? 7.859   5.578   1.681   1.00 18.57 ? 181 MET A CG  1 
ATOM   1464 S  SD  . MET A 1 181 ? 8.285   6.418   3.281   1.00 19.18 ? 181 MET A SD  1 
ATOM   1465 C  CE  . MET A 1 181 ? 9.824   5.696   3.727   1.00 18.52 ? 181 MET A CE  1 
ATOM   1466 N  N   . GLY A 1 182 ? 10.465  4.777   -2.285  1.00 19.08 ? 182 GLY A N   1 
ATOM   1467 C  CA  . GLY A 1 182 ? 11.482  4.961   -3.301  1.00 18.16 ? 182 GLY A CA  1 
ATOM   1468 C  C   . GLY A 1 182 ? 12.793  5.402   -2.672  1.00 17.66 ? 182 GLY A C   1 
ATOM   1469 O  O   . GLY A 1 182 ? 13.619  6.022   -3.351  1.00 18.17 ? 182 GLY A O   1 
ATOM   1470 N  N   . GLN A 1 183 ? 12.986  5.096   -1.400  1.00 17.11 ? 183 GLN A N   1 
ATOM   1471 C  CA  . GLN A 1 183 ? 14.288  5.538   -0.832  1.00 17.66 ? 183 GLN A CA  1 
ATOM   1472 C  C   . GLN A 1 183 ? 15.154  4.452   -0.289  1.00 16.37 ? 183 GLN A C   1 
ATOM   1473 O  O   . GLN A 1 183 ? 14.733  3.350   0.069   1.00 15.50 ? 183 GLN A O   1 
ATOM   1474 C  CB  . GLN A 1 183 ? 14.064  6.723   0.061   1.00 21.03 ? 183 GLN A CB  1 
ATOM   1475 C  CG  . GLN A 1 183 ? 13.078  6.613   1.218   1.00 26.06 ? 183 GLN A CG  1 
ATOM   1476 C  CD  . GLN A 1 183 ? 13.749  7.415   2.343   1.00 27.13 ? 183 GLN A CD  1 
ATOM   1477 O  OE1 . GLN A 1 183 ? 13.940  8.606   2.103   1.00 29.08 ? 183 GLN A OE1 1 
ATOM   1478 N  NE2 . GLN A 1 183 ? 14.195  6.697   3.356   1.00 27.05 ? 183 GLN A NE2 1 
ATOM   1479 N  N   . LYS A 1 184 ? 16.446  4.766   -0.250  1.00 16.85 ? 184 LYS A N   1 
ATOM   1480 C  CA  . LYS A 1 184 ? 17.407  3.762   0.295   1.00 19.50 ? 184 LYS A CA  1 
ATOM   1481 C  C   . LYS A 1 184 ? 17.474  3.934   1.814   1.00 20.14 ? 184 LYS A C   1 
ATOM   1482 O  O   . LYS A 1 184 ? 17.482  5.065   2.312   1.00 20.49 ? 184 LYS A O   1 
ATOM   1483 C  CB  . LYS A 1 184 ? 18.812  4.078   -0.240  1.00 21.68 ? 184 LYS A CB  1 
ATOM   1484 C  CG  . LYS A 1 184 ? 19.249  3.388   -1.515  1.00 26.92 ? 184 LYS A CG  1 
ATOM   1485 C  CD  . LYS A 1 184 ? 20.231  4.248   -2.328  1.00 31.18 ? 184 LYS A CD  1 
ATOM   1486 C  CE  . LYS A 1 184 ? 19.470  5.055   -3.360  1.00 35.30 ? 184 LYS A CE  1 
ATOM   1487 N  NZ  . LYS A 1 184 ? 20.308  6.059   -4.060  1.00 38.20 ? 184 LYS A NZ  1 
ATOM   1488 N  N   . PRO A 1 185 ? 17.567  2.825   2.543   1.00 20.22 ? 185 PRO A N   1 
ATOM   1489 C  CA  . PRO A 1 185 ? 17.669  2.903   3.997   1.00 20.10 ? 185 PRO A CA  1 
ATOM   1490 C  C   . PRO A 1 185 ? 19.022  3.438   4.433   1.00 21.26 ? 185 PRO A C   1 
ATOM   1491 O  O   . PRO A 1 185 ? 20.019  2.666   4.534   1.00 24.86 ? 185 PRO A O   1 
ATOM   1492 C  CB  . PRO A 1 185 ? 17.492  1.478   4.484   1.00 19.54 ? 185 PRO A CB  1 
ATOM   1493 C  CG  . PRO A 1 185 ? 17.802  0.599   3.339   1.00 19.92 ? 185 PRO A CG  1 
ATOM   1494 C  CD  . PRO A 1 185 ? 17.471  1.412   2.095   1.00 21.01 ? 185 PRO A CD  1 
ATOM   1495 O  OXT . PRO A 1 185 ? 19.090  4.606   4.707   1.00 22.73 ? 185 PRO A OXT 1 
HETATM 1496 CA CA  . CA  B 2 .   ? -10.483 10.862  0.321   1.00 9.66  ? 186 CA  A CA  1 
HETATM 1497 CA CA  . CA  C 2 .   ? -14.937 8.970   11.316  1.00 11.24 ? 187 CA  A CA  1 
HETATM 1498 CA CA  . CA  D 2 .   ? 6.329   -8.045  -13.624 1.00 12.82 ? 188 CA  A CA  1 
HETATM 1499 O  O   . HOH E 3 .   ? -14.420 11.194  11.177  1.00 17.75 ? 189 HOH A O   1 
# 
